data_1YLO
#
_entry.id   1YLO
#
_cell.length_a   161.827
_cell.length_b   161.827
_cell.length_c   228.574
_cell.angle_alpha   90.00
_cell.angle_beta   90.00
_cell.angle_gamma   90.00
#
_symmetry.space_group_name_H-M   'I 41'
#
loop_
_entity.id
_entity.type
_entity.pdbx_description
1 polymer 'hypothetical protein SF2450'
2 non-polymer 'ZINC ION'
3 water water
#
_entity_poly.entity_id   1
_entity_poly.type   'polypeptide(L)'
_entity_poly.pdbx_seq_one_letter_code
;SNA(MSE)DLSLLKALSEADAIASSEQEVRQILLEEAARLQKEVRFDGLGSVLIRLNESTGPKV(MSE)ICAH(MSE)DE
VGF(MSE)VRSISREGAIDVLPVGNVR(MSE)AARQLQPVRITTREECKIPGLLDGDRQGNDVSA(MSE)RVDIGARTYD
EV(MSE)QAGIRPGDRVTFDTTFQVLPHQRV(MSE)GKAFDDRLSCYLLVTLLRELHDAELPAEVWLVASSSEEVGLRGG
QTATRAVSPDVAIVLDTACWAKNFDYGAANHRQIGNGP(MSE)LVLSDKSLIAPPKLTAWIETVAAEIGVPLQAD(MSE)
FSNGGTDGGAVHLTGTGVPTLV(MSE)GPATRHGHCAASIADCRDILQ(MSE)EQLLSALIQRLTRETVVQLTDFR
;
_entity_poly.pdbx_strand_id   A,B,C,D,E,F
#
# COMPACT_ATOMS: atom_id res chain seq x y z
N ALA A 3 8.13 -3.54 -38.89
CA ALA A 3 8.46 -2.21 -38.27
C ALA A 3 7.32 -1.66 -37.38
N ASP A 5 5.38 1.55 -35.63
CA ASP A 5 5.13 2.98 -35.69
C ASP A 5 5.05 3.53 -34.28
N LEU A 6 6.20 3.92 -33.74
CA LEU A 6 6.27 4.38 -32.36
C LEU A 6 5.52 5.68 -32.11
N SER A 7 5.41 6.55 -33.12
CA SER A 7 4.67 7.78 -32.90
C SER A 7 3.15 7.51 -32.76
N LEU A 8 2.63 6.53 -33.50
CA LEU A 8 1.25 6.10 -33.34
C LEU A 8 1.00 5.43 -31.98
N LEU A 9 1.90 4.53 -31.59
CA LEU A 9 1.76 3.89 -30.28
C LEU A 9 1.87 4.92 -29.15
N LYS A 10 2.79 5.89 -29.30
CA LYS A 10 2.89 7.00 -28.34
C LYS A 10 1.57 7.78 -28.24
N ALA A 11 1.00 8.14 -29.39
CA ALA A 11 -0.24 8.93 -29.42
C ALA A 11 -1.41 8.19 -28.75
N LEU A 12 -1.49 6.88 -28.96
CA LEU A 12 -2.56 6.06 -28.39
C LEU A 12 -2.40 5.83 -26.87
N SER A 13 -1.18 5.46 -26.46
CA SER A 13 -0.88 5.30 -25.03
C SER A 13 -1.16 6.57 -24.23
N GLU A 14 -0.73 7.71 -24.77
CA GLU A 14 -0.80 8.98 -24.08
C GLU A 14 -2.17 9.65 -24.14
N ALA A 15 -3.01 9.25 -25.09
CA ALA A 15 -4.36 9.79 -25.21
C ALA A 15 -5.08 9.47 -23.90
N ASP A 16 -5.89 10.40 -23.42
CA ASP A 16 -6.65 10.17 -22.18
C ASP A 16 -8.11 9.89 -22.52
N ALA A 17 -8.52 8.64 -22.30
CA ALA A 17 -9.85 8.20 -22.70
C ALA A 17 -10.42 7.19 -21.73
N ILE A 18 -11.51 7.57 -21.03
CA ILE A 18 -12.23 6.63 -20.15
C ILE A 18 -13.67 6.44 -20.66
N ALA A 19 -14.40 5.49 -20.08
CA ALA A 19 -15.79 5.22 -20.48
C ALA A 19 -16.59 6.49 -20.66
N SER A 20 -17.24 6.60 -21.81
CA SER A 20 -18.05 7.77 -22.17
C SER A 20 -17.28 9.03 -22.57
N SER A 21 -15.97 9.04 -22.35
CA SER A 21 -15.12 10.14 -22.81
C SER A 21 -13.90 9.62 -23.54
N GLU A 22 -14.12 9.21 -24.79
CA GLU A 22 -13.12 8.50 -25.56
C GLU A 22 -12.73 9.26 -26.82
N GLN A 23 -13.09 10.54 -26.87
CA GLN A 23 -12.84 11.39 -28.05
C GLN A 23 -11.36 11.44 -28.51
N GLU A 24 -10.40 11.43 -27.58
CA GLU A 24 -8.97 11.48 -27.95
C GLU A 24 -8.51 10.26 -28.74
N VAL A 25 -9.05 9.09 -28.41
CA VAL A 25 -8.79 7.86 -29.15
C VAL A 25 -9.65 7.77 -30.42
N ARG A 26 -10.94 8.05 -30.29
CA ARG A 26 -11.84 8.03 -31.44
C ARG A 26 -11.32 8.90 -32.58
N GLN A 27 -10.79 10.06 -32.23
CA GLN A 27 -10.36 11.00 -33.25
C GLN A 27 -9.09 10.52 -33.99
N ILE A 28 -8.19 9.82 -33.28
CA ILE A 28 -7.06 9.14 -33.93
C ILE A 28 -7.55 8.13 -34.95
N LEU A 29 -8.53 7.32 -34.54
CA LEU A 29 -9.09 6.29 -35.41
C LEU A 29 -9.80 6.87 -36.65
N LEU A 30 -10.60 7.92 -36.44
CA LEU A 30 -11.29 8.61 -37.52
C LEU A 30 -10.35 9.25 -38.54
N GLU A 31 -9.24 9.84 -38.06
CA GLU A 31 -8.22 10.37 -38.97
C GLU A 31 -7.59 9.29 -39.84
N GLU A 32 -7.32 8.12 -39.24
CA GLU A 32 -6.79 6.98 -40.02
C GLU A 32 -7.76 6.48 -41.09
N ALA A 33 -9.03 6.34 -40.73
CA ALA A 33 -10.06 5.89 -41.68
C ALA A 33 -10.29 6.88 -42.81
N ALA A 34 -10.31 8.17 -42.47
CA ALA A 34 -10.56 9.24 -43.45
C ALA A 34 -9.43 9.27 -44.47
N ARG A 35 -8.20 9.12 -43.98
CA ARG A 35 -7.04 9.14 -44.87
CA ARG A 35 -6.99 9.09 -44.81
C ARG A 35 -7.09 7.99 -45.87
N LEU A 36 -7.69 6.87 -45.49
CA LEU A 36 -7.81 5.72 -46.40
C LEU A 36 -9.18 5.64 -47.06
N GLN A 37 -9.94 6.73 -47.00
CA GLN A 37 -11.27 6.83 -47.60
C GLN A 37 -12.15 5.65 -47.16
N LYS A 38 -12.14 5.37 -45.86
CA LYS A 38 -12.92 4.26 -45.32
C LYS A 38 -14.18 4.69 -44.59
N GLU A 39 -15.26 4.00 -44.91
CA GLU A 39 -16.55 4.12 -44.25
C GLU A 39 -16.46 3.90 -42.73
N VAL A 40 -16.92 4.89 -41.96
CA VAL A 40 -16.99 4.76 -40.50
C VAL A 40 -18.42 4.90 -40.00
N ARG A 41 -18.83 3.94 -39.19
CA ARG A 41 -20.12 3.99 -38.51
C ARG A 41 -19.90 3.96 -36.99
N PHE A 42 -20.94 4.29 -36.24
CA PHE A 42 -20.90 4.29 -34.79
C PHE A 42 -22.08 3.52 -34.22
N ASP A 43 -21.93 3.00 -33.01
CA ASP A 43 -23.10 2.56 -32.26
C ASP A 43 -23.54 3.69 -31.34
N GLY A 44 -24.62 3.47 -30.58
CA GLY A 44 -25.19 4.46 -29.68
C GLY A 44 -24.27 4.92 -28.56
N LEU A 45 -23.25 4.12 -28.27
CA LEU A 45 -22.28 4.45 -27.22
C LEU A 45 -21.04 5.18 -27.75
N GLY A 46 -20.94 5.29 -29.07
CA GLY A 46 -19.77 5.89 -29.69
C GLY A 46 -18.64 4.94 -30.08
N SER A 47 -18.92 3.64 -30.11
CA SER A 47 -17.95 2.66 -30.64
C SER A 47 -17.68 2.94 -32.11
N VAL A 48 -16.42 2.79 -32.51
CA VAL A 48 -16.01 3.07 -33.87
C VAL A 48 -16.06 1.77 -34.67
N LEU A 49 -16.83 1.79 -35.76
CA LEU A 49 -17.06 0.63 -36.62
C LEU A 49 -16.52 0.93 -38.02
N ILE A 50 -15.36 0.36 -38.35
CA ILE A 50 -14.71 0.63 -39.62
C ILE A 50 -14.85 -0.58 -40.51
N ARG A 51 -15.54 -0.41 -41.63
CA ARG A 51 -15.58 -1.50 -42.61
C ARG A 51 -14.33 -1.46 -43.47
N LEU A 52 -13.52 -2.50 -43.34
CA LEU A 52 -12.26 -2.61 -44.06
C LEU A 52 -12.51 -2.73 -45.58
N ASN A 53 -13.49 -3.54 -45.95
CA ASN A 53 -13.68 -3.93 -47.35
C ASN A 53 -15.13 -4.25 -47.68
N GLU A 54 -15.38 -4.59 -48.94
CA GLU A 54 -16.68 -5.14 -49.35
C GLU A 54 -16.50 -6.56 -49.88
N SER A 55 -17.27 -7.47 -49.31
CA SER A 55 -17.16 -8.89 -49.60
C SER A 55 -18.51 -9.54 -49.37
N THR A 56 -18.77 -10.61 -50.13
CA THR A 56 -19.94 -11.45 -49.94
C THR A 56 -19.59 -12.63 -49.03
N GLY A 57 -18.33 -12.68 -48.59
CA GLY A 57 -17.88 -13.70 -47.63
C GLY A 57 -18.41 -13.44 -46.22
N PRO A 58 -18.01 -14.28 -45.25
CA PRO A 58 -18.49 -14.15 -43.86
C PRO A 58 -18.04 -12.82 -43.25
N LYS A 59 -18.84 -12.27 -42.33
CA LYS A 59 -18.45 -11.07 -41.60
C LYS A 59 -17.55 -11.42 -40.42
N VAL A 60 -16.36 -10.84 -40.39
CA VAL A 60 -15.44 -11.00 -39.28
C VAL A 60 -15.22 -9.66 -38.58
N ILE A 62 -13.02 -7.64 -35.70
CA ILE A 62 -11.82 -7.59 -34.89
C ILE A 62 -12.03 -6.43 -33.94
N CYS A 63 -12.06 -6.70 -32.65
CA CYS A 63 -12.57 -5.75 -31.67
C CYS A 63 -11.53 -5.41 -30.59
N ALA A 64 -11.27 -4.13 -30.40
CA ALA A 64 -10.40 -3.65 -29.32
C ALA A 64 -11.21 -2.66 -28.47
N HIS A 65 -10.81 -2.38 -27.23
CA HIS A 65 -11.49 -1.33 -26.45
C HIS A 65 -10.71 -0.03 -26.36
N ASP A 67 -11.22 2.52 -24.07
CA ASP A 67 -11.12 3.13 -22.76
C ASP A 67 -10.00 2.51 -21.94
N GLU A 68 -9.46 3.28 -21.00
CA GLU A 68 -8.41 2.83 -20.09
C GLU A 68 -8.96 2.92 -18.68
N VAL A 69 -8.33 2.22 -17.73
CA VAL A 69 -8.66 2.44 -16.31
C VAL A 69 -8.11 3.79 -15.87
N GLY A 70 -8.85 4.44 -14.99
CA GLY A 70 -8.49 5.77 -14.52
C GLY A 70 -9.37 6.16 -13.35
N PHE A 71 -9.65 7.46 -13.26
CA PHE A 71 -10.49 8.03 -12.20
C PHE A 71 -11.42 9.12 -12.79
N VAL A 73 -13.49 12.79 -11.50
CA VAL A 73 -13.69 13.80 -10.46
C VAL A 73 -15.09 13.64 -9.92
N ARG A 74 -15.20 13.51 -8.60
CA ARG A 74 -16.48 13.31 -7.95
C ARG A 74 -16.94 14.59 -7.26
N SER A 75 -16.01 15.23 -6.55
CA SER A 75 -16.38 16.33 -5.67
C SER A 75 -15.17 17.19 -5.34
N ILE A 76 -15.42 18.47 -5.05
CA ILE A 76 -14.37 19.41 -4.68
C ILE A 76 -14.70 19.98 -3.30
N SER A 77 -13.76 19.84 -2.35
CA SER A 77 -13.94 20.32 -0.97
C SER A 77 -13.64 21.83 -0.87
N ARG A 78 -14.07 22.44 0.24
CA ARG A 78 -13.78 23.85 0.51
C ARG A 78 -12.29 24.19 0.55
N GLU A 79 -11.47 23.17 0.82
CA GLU A 79 -10.01 23.29 0.83
C GLU A 79 -9.37 23.06 -0.55
N GLY A 80 -10.18 22.76 -1.55
CA GLY A 80 -9.67 22.51 -2.89
C GLY A 80 -9.09 21.12 -3.09
N ALA A 81 -9.46 20.18 -2.20
CA ALA A 81 -9.20 18.76 -2.45
C ALA A 81 -10.16 18.24 -3.52
N ILE A 82 -9.65 17.40 -4.41
CA ILE A 82 -10.46 16.91 -5.51
C ILE A 82 -10.72 15.41 -5.27
N ASP A 83 -11.90 15.10 -4.71
CA ASP A 83 -12.35 13.73 -4.50
C ASP A 83 -12.54 13.05 -5.85
N VAL A 84 -11.98 11.85 -5.98
CA VAL A 84 -12.15 11.07 -7.21
C VAL A 84 -12.63 9.66 -6.90
N LEU A 85 -13.27 9.03 -7.88
CA LEU A 85 -13.57 7.61 -7.84
C LEU A 85 -12.87 6.88 -8.99
N PRO A 86 -12.49 5.61 -8.77
CA PRO A 86 -11.89 4.81 -9.82
C PRO A 86 -12.90 4.46 -10.92
N VAL A 87 -12.41 4.38 -12.15
CA VAL A 87 -13.19 3.99 -13.31
C VAL A 87 -12.48 2.76 -13.85
N GLY A 88 -13.10 1.60 -13.72
CA GLY A 88 -12.41 0.33 -14.02
C GLY A 88 -11.62 -0.13 -12.81
N ASN A 89 -11.02 -1.32 -12.91
CA ASN A 89 -10.26 -1.89 -11.78
C ASN A 89 -8.82 -1.40 -11.79
N VAL A 90 -8.58 -0.22 -11.21
CA VAL A 90 -7.23 0.26 -10.98
C VAL A 90 -6.64 -0.58 -9.84
N ARG A 91 -5.43 -1.09 -10.03
CA ARG A 91 -4.75 -1.86 -8.98
C ARG A 91 -4.77 -1.07 -7.68
N ALA A 93 -2.61 -1.12 -5.46
CA ALA A 93 -1.25 -0.66 -5.24
C ALA A 93 -0.88 0.51 -6.15
N ALA A 94 -1.80 0.94 -7.01
CA ALA A 94 -1.61 2.08 -7.93
C ALA A 94 -2.48 3.29 -7.54
N ARG A 95 -2.89 3.35 -6.29
CA ARG A 95 -3.81 4.40 -5.82
C ARG A 95 -3.16 5.29 -4.76
N GLN A 96 -1.84 5.20 -4.62
CA GLN A 96 -1.16 5.98 -3.58
C GLN A 96 0.05 6.73 -4.12
N LEU A 97 0.06 8.04 -3.87
CA LEU A 97 1.13 8.94 -4.28
C LEU A 97 1.49 8.79 -5.77
N GLN A 98 0.48 8.90 -6.62
CA GLN A 98 0.60 8.69 -8.07
C GLN A 98 0.39 9.99 -8.84
N PRO A 99 1.38 10.39 -9.66
CA PRO A 99 1.17 11.49 -10.59
C PRO A 99 0.03 11.22 -11.57
N VAL A 100 -0.89 12.18 -11.68
CA VAL A 100 -2.03 12.07 -12.59
C VAL A 100 -2.24 13.41 -13.29
N ARG A 101 -3.14 13.44 -14.28
CA ARG A 101 -3.64 14.69 -14.85
C ARG A 101 -5.15 14.63 -15.09
N ILE A 102 -5.80 15.77 -14.90
CA ILE A 102 -7.24 15.91 -15.05
C ILE A 102 -7.49 16.63 -16.37
N THR A 103 -8.39 16.07 -17.18
CA THR A 103 -8.81 16.78 -18.40
C THR A 103 -10.20 17.40 -18.21
N THR A 104 -10.26 18.72 -18.38
CA THR A 104 -11.50 19.47 -18.21
C THR A 104 -12.35 19.45 -19.50
N ARG A 105 -13.56 20.00 -19.41
CA ARG A 105 -14.47 20.14 -20.57
C ARG A 105 -13.90 20.99 -21.69
N GLU A 106 -13.02 21.93 -21.34
CA GLU A 106 -12.38 22.77 -22.34
CA GLU A 106 -12.34 22.80 -22.28
C GLU A 106 -11.13 22.09 -22.87
N GLU A 107 -10.94 20.83 -22.47
CA GLU A 107 -9.80 19.99 -22.88
C GLU A 107 -8.44 20.50 -22.38
N CYS A 108 -8.43 21.26 -21.28
CA CYS A 108 -7.17 21.61 -20.64
C CYS A 108 -6.76 20.48 -19.72
N LYS A 109 -5.47 20.29 -19.57
CA LYS A 109 -4.93 19.20 -18.76
C LYS A 109 -4.18 19.82 -17.59
N ILE A 110 -4.64 19.49 -16.38
CA ILE A 110 -4.03 19.96 -15.14
C ILE A 110 -3.40 18.77 -14.39
N PRO A 111 -2.09 18.82 -14.16
CA PRO A 111 -1.38 17.77 -13.44
C PRO A 111 -1.65 17.82 -11.93
N GLY A 112 -1.50 16.67 -11.28
CA GLY A 112 -1.74 16.54 -9.84
C GLY A 112 -1.17 15.27 -9.26
N LEU A 113 -1.24 15.17 -7.94
CA LEU A 113 -0.84 13.96 -7.24
C LEU A 113 -2.06 13.33 -6.60
N LEU A 114 -2.31 12.08 -6.96
CA LEU A 114 -3.37 11.29 -6.37
C LEU A 114 -2.86 10.57 -5.13
N ASP A 115 -3.67 10.56 -4.08
CA ASP A 115 -3.38 9.77 -2.90
C ASP A 115 -4.68 9.24 -2.31
N GLY A 116 -4.61 8.07 -1.71
CA GLY A 116 -5.75 7.47 -0.99
C GLY A 116 -5.38 7.00 0.41
N ASP A 117 -6.41 6.69 1.20
CA ASP A 117 -6.23 6.06 2.51
C ASP A 117 -6.19 4.54 2.37
N ARG A 118 -5.13 3.90 2.87
CA ARG A 118 -5.11 2.44 2.91
C ARG A 118 -5.67 1.92 4.25
N GLN A 119 -6.71 1.09 4.15
CA GLN A 119 -7.15 0.28 5.28
C GLN A 119 -7.01 -1.20 4.89
N GLY A 120 -6.00 -1.83 5.48
CA GLY A 120 -5.63 -3.21 5.19
C GLY A 120 -5.43 -3.47 3.71
N ASN A 121 -6.38 -4.20 3.13
CA ASN A 121 -6.35 -4.59 1.72
C ASN A 121 -6.69 -3.44 0.78
N ASP A 122 -7.56 -2.55 1.24
CA ASP A 122 -8.19 -1.56 0.37
C ASP A 122 -7.67 -0.14 0.53
N VAL A 123 -7.68 0.58 -0.59
CA VAL A 123 -7.39 2.01 -0.66
C VAL A 123 -8.62 2.68 -1.25
N SER A 124 -9.30 3.47 -0.43
CA SER A 124 -10.42 4.27 -0.89
C SER A 124 -10.22 5.74 -0.50
N ALA A 125 -11.29 6.54 -0.59
CA ALA A 125 -11.26 7.95 -0.25
C ALA A 125 -10.12 8.70 -0.96
N ARG A 127 -8.12 11.33 -3.30
CA ARG A 127 -8.16 12.74 -3.61
C ARG A 127 -6.97 13.07 -4.50
N VAL A 128 -7.18 14.00 -5.43
CA VAL A 128 -6.13 14.53 -6.25
C VAL A 128 -5.79 15.91 -5.72
N ASP A 129 -4.49 16.21 -5.71
CA ASP A 129 -3.99 17.49 -5.21
C ASP A 129 -3.35 18.21 -6.39
N ILE A 130 -3.90 19.38 -6.73
CA ILE A 130 -3.34 20.22 -7.77
C ILE A 130 -2.70 21.49 -7.17
N GLY A 131 -2.43 21.46 -5.88
CA GLY A 131 -1.88 22.62 -5.17
C GLY A 131 -2.92 23.66 -4.73
N ALA A 132 -4.21 23.40 -4.95
CA ALA A 132 -5.26 24.38 -4.61
C ALA A 132 -5.50 24.49 -3.10
N ARG A 133 -5.96 25.67 -2.68
CA ARG A 133 -6.22 25.97 -1.28
C ARG A 133 -7.69 26.27 -1.05
N THR A 134 -8.45 26.41 -2.14
CA THR A 134 -9.88 26.69 -2.03
C THR A 134 -10.66 25.98 -3.13
N TYR A 135 -11.96 25.79 -2.87
CA TYR A 135 -12.93 25.41 -3.88
C TYR A 135 -12.85 26.29 -5.14
N ASP A 136 -12.83 27.61 -4.98
CA ASP A 136 -12.85 28.51 -6.13
CA ASP A 136 -12.83 28.55 -6.09
C ASP A 136 -11.60 28.39 -6.99
N GLU A 137 -10.43 28.20 -6.37
CA GLU A 137 -9.20 27.94 -7.14
C GLU A 137 -9.34 26.73 -8.08
N VAL A 138 -9.98 25.66 -7.61
CA VAL A 138 -10.20 24.49 -8.46
C VAL A 138 -11.19 24.81 -9.60
N GLN A 140 -11.70 27.73 -10.93
CA GLN A 140 -10.97 28.61 -11.86
C GLN A 140 -10.06 27.85 -12.82
N ALA A 141 -9.55 26.72 -12.36
CA ALA A 141 -8.75 25.86 -13.23
C ALA A 141 -9.63 25.16 -14.28
N GLY A 142 -10.95 25.24 -14.14
CA GLY A 142 -11.86 24.63 -15.13
C GLY A 142 -12.34 23.23 -14.74
N ILE A 143 -11.90 22.77 -13.57
CA ILE A 143 -12.19 21.42 -13.10
C ILE A 143 -13.63 21.28 -12.57
N ARG A 144 -14.33 20.22 -13.02
CA ARG A 144 -15.72 19.94 -12.58
C ARG A 144 -15.95 18.46 -12.31
N PRO A 145 -16.94 18.13 -11.46
CA PRO A 145 -17.39 16.74 -11.35
C PRO A 145 -17.59 16.11 -12.71
N GLY A 146 -17.16 14.85 -12.87
CA GLY A 146 -17.25 14.17 -14.15
C GLY A 146 -16.00 14.20 -15.01
N ASP A 147 -15.05 15.07 -14.68
CA ASP A 147 -13.77 15.17 -15.41
C ASP A 147 -12.96 13.88 -15.28
N ARG A 148 -12.43 13.44 -16.41
CA ARG A 148 -11.57 12.25 -16.44
C ARG A 148 -10.18 12.51 -15.86
N VAL A 149 -9.64 11.49 -15.20
CA VAL A 149 -8.35 11.58 -14.53
C VAL A 149 -7.55 10.34 -14.94
N THR A 150 -6.34 10.55 -15.45
CA THR A 150 -5.54 9.44 -15.95
C THR A 150 -4.12 9.58 -15.41
N PHE A 151 -3.39 8.46 -15.38
CA PHE A 151 -2.00 8.45 -14.95
C PHE A 151 -1.20 9.39 -15.86
N ASP A 152 -0.25 10.09 -15.26
CA ASP A 152 0.48 11.14 -15.98
C ASP A 152 1.73 10.56 -16.65
N THR A 153 1.55 9.51 -17.44
CA THR A 153 2.67 8.72 -17.95
C THR A 153 3.06 9.10 -19.38
N THR A 154 4.34 9.38 -19.57
CA THR A 154 4.93 9.57 -20.89
C THR A 154 5.36 8.21 -21.44
N PHE A 155 5.00 7.94 -22.69
CA PHE A 155 5.38 6.71 -23.40
C PHE A 155 6.90 6.68 -23.57
N GLN A 156 7.52 5.55 -23.26
CA GLN A 156 8.97 5.44 -23.32
C GLN A 156 9.46 4.14 -23.97
N VAL A 157 10.55 4.25 -24.71
CA VAL A 157 11.21 3.08 -25.28
C VAL A 157 12.17 2.50 -24.25
N LEU A 158 12.16 1.18 -24.11
CA LEU A 158 13.06 0.45 -23.22
C LEU A 158 14.16 -0.24 -24.04
N PRO A 159 15.26 -0.70 -23.39
CA PRO A 159 16.25 -1.45 -24.16
C PRO A 159 15.68 -2.72 -24.82
N HIS A 160 16.38 -3.23 -25.83
CA HIS A 160 16.02 -4.49 -26.49
C HIS A 160 14.61 -4.49 -27.09
N GLN A 161 14.22 -3.35 -27.66
CA GLN A 161 12.95 -3.25 -28.43
C GLN A 161 11.72 -3.62 -27.60
N ARG A 162 11.62 -3.02 -26.42
CA ARG A 162 10.43 -3.12 -25.62
C ARG A 162 9.98 -1.69 -25.34
N VAL A 163 8.73 -1.54 -24.92
CA VAL A 163 8.14 -0.21 -24.74
C VAL A 163 7.39 -0.17 -23.44
N GLY A 165 4.49 2.31 -21.14
CA GLY A 165 3.55 3.43 -21.12
C GLY A 165 2.23 3.03 -20.48
N LYS A 166 1.36 4.01 -20.25
CA LYS A 166 0.05 3.73 -19.70
C LYS A 166 -0.89 3.19 -20.78
N ALA A 167 -1.96 2.55 -20.29
CA ALA A 167 -3.08 2.15 -21.12
C ALA A 167 -2.75 1.12 -22.22
N PHE A 168 -1.69 0.33 -22.05
CA PHE A 168 -1.39 -0.74 -23.01
C PHE A 168 -2.58 -1.71 -23.12
N ASP A 169 -3.29 -1.90 -22.00
CA ASP A 169 -4.64 -2.42 -22.00
C ASP A 169 -5.62 -1.22 -22.19
N ASP A 170 -6.18 -1.00 -23.39
CA ASP A 170 -6.06 -1.85 -24.59
C ASP A 170 -5.54 -1.04 -25.79
N ARG A 171 -4.71 -0.03 -25.53
CA ARG A 171 -4.18 0.78 -26.62
C ARG A 171 -3.27 -0.04 -27.55
N LEU A 172 -2.62 -1.08 -27.04
CA LEU A 172 -1.85 -1.98 -27.88
C LEU A 172 -2.74 -2.60 -28.97
N SER A 173 -3.98 -2.93 -28.60
CA SER A 173 -4.93 -3.50 -29.54
C SER A 173 -5.58 -2.47 -30.46
N CYS A 174 -5.79 -1.24 -29.98
CA CYS A 174 -6.15 -0.13 -30.86
C CYS A 174 -5.05 0.08 -31.93
N TYR A 175 -3.80 0.00 -31.49
CA TYR A 175 -2.65 0.12 -32.37
C TYR A 175 -2.77 -0.95 -33.44
N LEU A 176 -3.04 -2.18 -33.03
CA LEU A 176 -3.19 -3.28 -33.98
C LEU A 176 -4.31 -3.07 -34.98
N LEU A 177 -5.42 -2.45 -34.55
CA LEU A 177 -6.51 -2.17 -35.49
C LEU A 177 -6.06 -1.22 -36.61
N VAL A 178 -5.27 -0.23 -36.23
CA VAL A 178 -4.81 0.79 -37.17
C VAL A 178 -3.85 0.21 -38.21
N THR A 179 -2.90 -0.60 -37.75
CA THR A 179 -1.87 -1.14 -38.65
C THR A 179 -2.46 -2.20 -39.58
N LEU A 180 -3.53 -2.86 -39.13
CA LEU A 180 -4.29 -3.78 -39.96
C LEU A 180 -5.06 -3.01 -41.02
N LEU A 181 -5.67 -1.90 -40.62
CA LEU A 181 -6.30 -0.99 -41.57
C LEU A 181 -5.29 -0.48 -42.61
N ARG A 182 -4.11 -0.06 -42.14
CA ARG A 182 -3.08 0.46 -43.06
C ARG A 182 -2.59 -0.62 -44.03
N GLU A 183 -2.41 -1.83 -43.53
CA GLU A 183 -1.87 -2.93 -44.33
C GLU A 183 -2.88 -3.49 -45.34
N LEU A 184 -4.14 -3.63 -44.92
CA LEU A 184 -5.10 -4.39 -45.71
C LEU A 184 -6.17 -3.54 -46.40
N HIS A 185 -6.02 -2.22 -46.39
CA HIS A 185 -7.06 -1.33 -46.95
C HIS A 185 -7.37 -1.60 -48.43
N ASP A 186 -6.39 -2.09 -49.18
CA ASP A 186 -6.57 -2.38 -50.61
C ASP A 186 -6.57 -3.88 -50.93
N ALA A 187 -6.56 -4.71 -49.90
CA ALA A 187 -6.45 -6.16 -50.09
C ALA A 187 -7.76 -6.77 -50.59
N GLU A 188 -7.63 -7.77 -51.45
CA GLU A 188 -8.75 -8.59 -51.85
C GLU A 188 -8.85 -9.73 -50.83
N LEU A 189 -9.98 -9.80 -50.11
CA LEU A 189 -10.13 -10.68 -48.97
C LEU A 189 -11.35 -11.63 -49.10
N PRO A 190 -11.25 -12.84 -48.51
CA PRO A 190 -12.36 -13.79 -48.60
C PRO A 190 -13.48 -13.52 -47.57
N ALA A 191 -13.25 -12.53 -46.72
CA ALA A 191 -14.20 -12.16 -45.70
C ALA A 191 -14.44 -10.66 -45.70
N GLU A 192 -15.62 -10.23 -45.24
CA GLU A 192 -15.85 -8.82 -44.93
C GLU A 192 -15.44 -8.50 -43.50
N VAL A 193 -14.43 -7.67 -43.39
CA VAL A 193 -13.80 -7.36 -42.12
C VAL A 193 -14.30 -6.03 -41.56
N TRP A 194 -14.77 -6.09 -40.31
CA TRP A 194 -15.07 -4.90 -39.53
C TRP A 194 -14.07 -4.78 -38.39
N LEU A 195 -13.43 -3.61 -38.34
CA LEU A 195 -12.52 -3.26 -37.28
C LEU A 195 -13.29 -2.38 -36.31
N VAL A 196 -13.38 -2.83 -35.06
CA VAL A 196 -14.25 -2.21 -34.08
C VAL A 196 -13.44 -1.79 -32.86
N ALA A 197 -13.56 -0.52 -32.51
CA ALA A 197 -13.00 -0.02 -31.28
C ALA A 197 -14.18 0.31 -30.40
N SER A 198 -14.41 -0.52 -29.39
CA SER A 198 -15.61 -0.38 -28.60
C SER A 198 -15.44 0.56 -27.41
N SER A 199 -16.55 1.11 -26.98
CA SER A 199 -16.57 2.05 -25.89
C SER A 199 -16.76 1.32 -24.56
N SER A 200 -16.15 1.85 -23.51
CA SER A 200 -16.52 1.49 -22.13
C SER A 200 -16.40 0.01 -21.68
N GLU A 201 -15.33 -0.70 -22.01
CA GLU A 201 -15.20 -2.09 -21.59
CA GLU A 201 -15.21 -2.10 -21.59
C GLU A 201 -14.70 -2.28 -20.16
N GLU A 202 -13.97 -1.29 -19.65
CA GLU A 202 -13.38 -1.40 -18.30
C GLU A 202 -14.41 -1.33 -17.15
N VAL A 203 -15.60 -0.87 -17.47
CA VAL A 203 -16.68 -0.72 -16.50
C VAL A 203 -17.70 -1.86 -16.56
N GLY A 204 -17.50 -2.80 -17.50
CA GLY A 204 -18.42 -3.93 -17.70
C GLY A 204 -18.47 -4.46 -19.12
N LEU A 205 -19.65 -4.95 -19.52
CA LEU A 205 -19.83 -5.61 -20.83
C LEU A 205 -20.43 -4.67 -21.89
N ARG A 206 -19.95 -3.43 -21.95
CA ARG A 206 -20.76 -2.33 -22.48
C ARG A 206 -20.78 -2.14 -24.00
N GLY A 207 -19.80 -1.40 -24.51
CA GLY A 207 -19.69 -1.15 -25.94
C GLY A 207 -19.56 -2.43 -26.75
N GLY A 208 -18.95 -3.45 -26.13
CA GLY A 208 -18.76 -4.76 -26.75
C GLY A 208 -20.06 -5.33 -27.26
N GLN A 209 -21.01 -5.47 -26.35
CA GLN A 209 -22.40 -5.86 -26.62
C GLN A 209 -23.05 -5.07 -27.76
N THR A 210 -23.10 -3.75 -27.62
CA THR A 210 -23.80 -2.90 -28.59
C THR A 210 -23.13 -2.86 -29.96
N ALA A 211 -21.80 -2.78 -29.99
CA ALA A 211 -21.06 -2.78 -31.25
C ALA A 211 -21.22 -4.09 -32.01
N THR A 212 -21.17 -5.22 -31.31
CA THR A 212 -21.38 -6.52 -31.92
C THR A 212 -22.77 -6.66 -32.53
N ARG A 213 -23.78 -6.14 -31.83
CA ARG A 213 -25.13 -6.14 -32.39
C ARG A 213 -25.20 -5.30 -33.65
N ALA A 214 -24.51 -4.16 -33.65
CA ALA A 214 -24.53 -3.28 -34.82
C ALA A 214 -23.84 -3.93 -36.04
N VAL A 215 -22.78 -4.70 -35.80
CA VAL A 215 -22.05 -5.38 -36.89
C VAL A 215 -22.65 -6.74 -37.28
N SER A 216 -23.06 -7.52 -36.28
CA SER A 216 -23.59 -8.86 -36.46
C SER A 216 -22.60 -9.79 -37.17
N PRO A 217 -21.41 -10.02 -36.57
CA PRO A 217 -20.41 -10.83 -37.27
C PRO A 217 -20.73 -12.32 -37.22
N ASP A 218 -20.13 -13.08 -38.14
CA ASP A 218 -20.19 -14.54 -38.11
C ASP A 218 -19.10 -15.13 -37.22
N VAL A 219 -18.03 -14.37 -37.01
CA VAL A 219 -16.83 -14.80 -36.27
C VAL A 219 -16.26 -13.51 -35.67
N ALA A 220 -15.71 -13.61 -34.46
CA ALA A 220 -15.13 -12.43 -33.81
C ALA A 220 -13.80 -12.75 -33.14
N ILE A 221 -12.82 -11.88 -33.37
CA ILE A 221 -11.57 -11.91 -32.59
C ILE A 221 -11.52 -10.69 -31.69
N VAL A 222 -11.46 -10.93 -30.39
CA VAL A 222 -11.37 -9.88 -29.41
C VAL A 222 -9.91 -9.75 -29.03
N LEU A 223 -9.38 -8.54 -29.18
CA LEU A 223 -8.00 -8.28 -28.82
C LEU A 223 -7.95 -7.65 -27.43
N ASP A 224 -7.22 -8.28 -26.52
CA ASP A 224 -7.04 -7.73 -25.18
C ASP A 224 -5.69 -8.21 -24.70
N THR A 225 -5.23 -7.64 -23.59
CA THR A 225 -3.93 -7.96 -23.01
C THR A 225 -4.10 -8.45 -21.58
N ALA A 226 -3.04 -9.05 -21.03
CA ALA A 226 -3.00 -9.46 -19.61
C ALA A 226 -1.55 -9.64 -19.18
N CYS A 227 -1.34 -9.59 -17.86
CA CYS A 227 -0.02 -9.84 -17.28
C CYS A 227 -0.11 -10.90 -16.21
N TRP A 228 1.01 -11.52 -15.92
CA TRP A 228 1.14 -12.50 -14.84
C TRP A 228 1.48 -11.77 -13.55
N ALA A 229 0.73 -12.10 -12.48
CA ALA A 229 0.89 -11.45 -11.16
C ALA A 229 2.32 -11.50 -10.62
N LYS A 230 2.95 -12.67 -10.72
CA LYS A 230 4.35 -12.86 -10.33
C LYS A 230 5.26 -12.56 -11.51
N ASN A 231 5.71 -11.31 -11.56
CA ASN A 231 6.30 -10.72 -12.76
C ASN A 231 7.53 -11.41 -13.34
N PHE A 232 8.47 -11.80 -12.49
CA PHE A 232 9.73 -12.37 -12.95
C PHE A 232 9.78 -13.91 -12.88
N ASP A 233 8.62 -14.52 -12.67
CA ASP A 233 8.47 -15.97 -12.70
C ASP A 233 8.36 -16.39 -14.17
N TYR A 234 9.45 -16.87 -14.75
CA TYR A 234 9.46 -17.31 -16.14
C TYR A 234 9.24 -18.82 -16.25
N GLY A 235 8.72 -19.42 -15.17
CA GLY A 235 8.42 -20.85 -15.13
C GLY A 235 7.32 -21.24 -16.09
N ALA A 236 6.97 -22.53 -16.08
CA ALA A 236 5.97 -23.09 -17.00
C ALA A 236 4.52 -22.62 -16.75
N ALA A 237 4.24 -22.14 -15.54
CA ALA A 237 2.91 -21.62 -15.19
C ALA A 237 2.64 -20.21 -15.78
N ASN A 238 3.71 -19.47 -16.09
CA ASN A 238 3.54 -18.15 -16.71
C ASN A 238 3.41 -18.21 -18.24
N HIS A 239 2.17 -18.09 -18.73
CA HIS A 239 1.84 -18.06 -20.16
C HIS A 239 1.54 -16.64 -20.64
N ARG A 240 2.12 -15.66 -19.96
CA ARG A 240 1.95 -14.26 -20.30
C ARG A 240 3.34 -13.60 -20.26
N GLN A 241 4.33 -14.30 -20.81
CA GLN A 241 5.69 -13.80 -20.81
C GLN A 241 5.90 -12.99 -22.06
N ILE A 242 6.30 -11.73 -21.88
CA ILE A 242 6.61 -10.86 -23.01
C ILE A 242 7.80 -11.44 -23.80
N GLY A 243 7.69 -11.46 -25.13
CA GLY A 243 8.74 -12.03 -25.96
C GLY A 243 8.50 -13.50 -26.30
N ASN A 244 7.52 -14.13 -25.67
CA ASN A 244 7.21 -15.54 -25.94
C ASN A 244 6.06 -15.72 -26.94
N GLY A 245 5.64 -14.62 -27.58
CA GLY A 245 4.63 -14.67 -28.64
C GLY A 245 3.26 -14.27 -28.11
N PRO A 246 2.33 -13.95 -29.04
CA PRO A 246 0.97 -13.56 -28.68
C PRO A 246 0.28 -14.62 -27.81
N LEU A 248 -2.98 -16.79 -26.76
CA LEU A 248 -4.25 -17.32 -27.20
C LEU A 248 -5.02 -17.67 -25.94
N VAL A 249 -6.13 -16.95 -25.69
CA VAL A 249 -6.85 -17.13 -24.44
C VAL A 249 -7.85 -18.30 -24.54
N LEU A 250 -7.55 -19.38 -23.83
CA LEU A 250 -8.41 -20.58 -23.82
C LEU A 250 -9.68 -20.32 -23.02
N SER A 251 -9.57 -19.52 -21.97
CA SER A 251 -10.72 -19.23 -21.14
C SER A 251 -10.49 -18.01 -20.25
N ASP A 252 -11.59 -17.38 -19.90
CA ASP A 252 -11.63 -16.37 -18.85
C ASP A 252 -12.95 -16.54 -18.11
N LYS A 253 -13.30 -15.58 -17.26
CA LYS A 253 -14.51 -15.71 -16.44
C LYS A 253 -15.77 -15.57 -17.28
N SER A 254 -15.67 -14.83 -18.37
CA SER A 254 -16.80 -14.55 -19.27
C SER A 254 -16.92 -15.49 -20.51
N LEU A 255 -15.82 -16.15 -20.90
CA LEU A 255 -15.77 -16.95 -22.15
C LEU A 255 -14.85 -18.20 -22.10
N ILE A 256 -15.37 -19.35 -22.54
CA ILE A 256 -14.52 -20.49 -22.89
C ILE A 256 -14.47 -20.62 -24.41
N ALA A 257 -13.31 -20.32 -24.99
CA ALA A 257 -13.16 -20.30 -26.46
C ALA A 257 -13.52 -21.64 -27.10
N PRO A 258 -14.06 -21.60 -28.35
CA PRO A 258 -14.44 -22.85 -28.99
C PRO A 258 -13.19 -23.60 -29.47
N PRO A 259 -13.06 -24.88 -29.08
CA PRO A 259 -11.93 -25.73 -29.46
C PRO A 259 -11.68 -25.80 -30.98
N LYS A 260 -12.74 -25.78 -31.79
CA LYS A 260 -12.58 -25.81 -33.25
C LYS A 260 -11.86 -24.56 -33.74
N LEU A 261 -12.22 -23.43 -33.14
CA LEU A 261 -11.63 -22.16 -33.50
C LEU A 261 -10.20 -22.04 -32.96
N THR A 262 -9.97 -22.41 -31.71
CA THR A 262 -8.60 -22.33 -31.17
C THR A 262 -7.66 -23.25 -31.96
N ALA A 263 -8.13 -24.46 -32.28
CA ALA A 263 -7.33 -25.41 -33.07
C ALA A 263 -6.96 -24.85 -34.44
N TRP A 264 -7.91 -24.18 -35.11
CA TRP A 264 -7.64 -23.59 -36.42
C TRP A 264 -6.58 -22.49 -36.38
N ILE A 265 -6.72 -21.57 -35.42
CA ILE A 265 -5.74 -20.49 -35.22
C ILE A 265 -4.36 -21.05 -34.90
N GLU A 266 -4.30 -22.08 -34.05
CA GLU A 266 -3.05 -22.76 -33.77
C GLU A 266 -2.37 -23.29 -35.05
N THR A 267 -3.15 -23.87 -35.96
CA THR A 267 -2.58 -24.39 -37.22
C THR A 267 -2.09 -23.26 -38.13
N VAL A 268 -2.82 -22.15 -38.16
CA VAL A 268 -2.39 -20.99 -38.94
C VAL A 268 -1.10 -20.39 -38.36
N ALA A 269 -1.03 -20.28 -37.04
CA ALA A 269 0.14 -19.72 -36.37
C ALA A 269 1.38 -20.59 -36.60
N ALA A 270 1.20 -21.91 -36.50
CA ALA A 270 2.28 -22.87 -36.70
C ALA A 270 2.77 -22.83 -38.16
N GLU A 271 1.85 -22.61 -39.10
CA GLU A 271 2.22 -22.46 -40.52
C GLU A 271 3.10 -21.23 -40.78
N ILE A 272 2.79 -20.10 -40.15
CA ILE A 272 3.52 -18.85 -40.42
C ILE A 272 4.67 -18.62 -39.45
N GLY A 273 4.84 -19.53 -38.50
CA GLY A 273 5.95 -19.45 -37.56
C GLY A 273 5.74 -18.47 -36.43
N VAL A 274 4.49 -18.22 -36.03
CA VAL A 274 4.23 -17.38 -34.86
C VAL A 274 3.98 -18.25 -33.63
N PRO A 275 4.83 -18.13 -32.60
CA PRO A 275 4.60 -18.96 -31.41
C PRO A 275 3.46 -18.37 -30.59
N LEU A 276 2.70 -19.25 -29.93
CA LEU A 276 1.56 -18.82 -29.16
C LEU A 276 1.70 -19.28 -27.71
N GLN A 277 1.23 -18.46 -26.78
CA GLN A 277 1.13 -18.87 -25.38
C GLN A 277 -0.35 -19.10 -25.12
N ALA A 278 -0.71 -20.29 -24.67
CA ALA A 278 -2.12 -20.59 -24.39
C ALA A 278 -2.37 -20.31 -22.93
N ASP A 279 -3.27 -19.38 -22.68
CA ASP A 279 -3.43 -18.80 -21.36
C ASP A 279 -4.88 -18.94 -20.85
N PHE A 281 -7.47 -17.17 -17.74
CA PHE A 281 -7.65 -16.19 -16.67
C PHE A 281 -8.50 -16.81 -15.57
N SER A 282 -8.00 -16.78 -14.35
CA SER A 282 -8.71 -17.31 -13.19
C SER A 282 -9.58 -16.24 -12.53
N ASN A 283 -9.19 -14.98 -12.71
CA ASN A 283 -9.85 -13.84 -12.09
C ASN A 283 -10.62 -12.99 -13.11
N GLY A 284 -9.87 -12.33 -13.99
CA GLY A 284 -10.42 -11.33 -14.91
C GLY A 284 -11.38 -11.82 -15.98
N GLY A 285 -12.18 -10.89 -16.48
CA GLY A 285 -13.06 -11.11 -17.64
C GLY A 285 -12.64 -10.19 -18.78
N THR A 286 -13.19 -10.44 -19.96
CA THR A 286 -12.87 -9.64 -21.15
C THR A 286 -14.11 -9.26 -21.95
N ASP A 287 -13.86 -8.51 -23.03
CA ASP A 287 -14.82 -8.21 -24.08
C ASP A 287 -15.43 -9.53 -24.64
N GLY A 288 -14.71 -10.64 -24.47
CA GLY A 288 -15.07 -11.93 -25.04
C GLY A 288 -16.43 -12.46 -24.63
N GLY A 289 -16.74 -12.30 -23.36
CA GLY A 289 -17.97 -12.83 -22.77
C GLY A 289 -19.23 -12.18 -23.29
N ALA A 290 -19.24 -10.86 -23.32
CA ALA A 290 -20.39 -10.14 -23.85
C ALA A 290 -20.62 -10.48 -25.32
N VAL A 291 -19.55 -10.49 -26.12
CA VAL A 291 -19.75 -10.56 -27.56
C VAL A 291 -20.22 -11.93 -28.07
N HIS A 292 -19.72 -13.03 -27.50
CA HIS A 292 -20.12 -14.35 -27.97
C HIS A 292 -21.59 -14.70 -27.64
N LEU A 293 -22.17 -14.00 -26.67
CA LEU A 293 -23.56 -14.23 -26.26
C LEU A 293 -24.56 -13.37 -27.05
N THR A 294 -24.04 -12.62 -28.00
CA THR A 294 -24.83 -11.71 -28.82
C THR A 294 -25.74 -12.51 -29.78
N GLY A 295 -26.99 -12.08 -29.89
CA GLY A 295 -27.97 -12.75 -30.77
C GLY A 295 -28.08 -14.23 -30.48
N THR A 296 -27.90 -15.05 -31.51
CA THR A 296 -27.97 -16.50 -31.34
C THR A 296 -26.59 -17.14 -31.08
N GLY A 297 -25.58 -16.30 -30.84
CA GLY A 297 -24.25 -16.78 -30.50
C GLY A 297 -23.23 -16.52 -31.59
N VAL A 298 -22.04 -16.07 -31.21
CA VAL A 298 -20.98 -15.77 -32.16
C VAL A 298 -19.73 -16.51 -31.71
N PRO A 299 -19.20 -17.41 -32.57
CA PRO A 299 -17.90 -17.99 -32.31
C PRO A 299 -16.85 -16.89 -32.10
N THR A 300 -16.23 -16.88 -30.94
CA THR A 300 -15.38 -15.78 -30.51
C THR A 300 -14.16 -16.34 -29.78
N LEU A 301 -13.00 -15.75 -30.03
CA LEU A 301 -11.94 -15.84 -29.04
C LEU A 301 -11.17 -14.57 -28.78
N VAL A 302 -10.40 -14.63 -27.70
CA VAL A 302 -9.64 -13.51 -27.21
C VAL A 302 -8.18 -13.83 -27.49
N GLY A 304 -4.06 -11.64 -27.78
CA GLY A 304 -3.35 -10.39 -27.70
C GLY A 304 -1.94 -10.55 -27.20
N PRO A 305 -1.16 -9.45 -27.24
CA PRO A 305 0.20 -9.48 -26.73
C PRO A 305 0.15 -9.49 -25.21
N ALA A 306 1.07 -10.21 -24.58
CA ALA A 306 1.22 -10.15 -23.13
C ALA A 306 1.86 -8.81 -22.74
N THR A 307 1.57 -8.35 -21.53
CA THR A 307 2.28 -7.21 -20.97
C THR A 307 2.80 -7.62 -19.61
N ARG A 308 3.73 -6.82 -19.08
CA ARG A 308 4.07 -6.86 -17.66
C ARG A 308 3.36 -5.69 -16.98
N HIS A 309 2.82 -5.94 -15.79
CA HIS A 309 2.08 -4.92 -15.01
C HIS A 309 0.74 -4.68 -15.72
N GLY A 310 -0.09 -3.82 -15.21
CA GLY A 310 -1.38 -3.60 -15.90
C GLY A 310 -2.24 -2.85 -14.93
N HIS A 311 -3.15 -2.01 -15.46
CA HIS A 311 -4.07 -1.25 -14.64
C HIS A 311 -3.30 -0.38 -13.63
N CYS A 312 -2.23 0.24 -14.09
CA CYS A 312 -1.44 1.11 -13.26
C CYS A 312 -0.72 2.14 -14.12
N ALA A 313 0.22 2.89 -13.53
CA ALA A 313 0.85 4.00 -14.25
C ALA A 313 1.52 3.58 -15.57
N ALA A 314 2.03 2.35 -15.64
CA ALA A 314 2.76 1.87 -16.82
C ALA A 314 2.75 0.34 -16.94
N SER A 315 2.61 -0.15 -18.17
CA SER A 315 2.84 -1.55 -18.52
C SER A 315 4.04 -1.62 -19.44
N ILE A 316 4.58 -2.81 -19.61
CA ILE A 316 5.72 -3.04 -20.49
C ILE A 316 5.32 -4.11 -21.50
N ALA A 317 5.62 -3.86 -22.77
CA ALA A 317 5.35 -4.80 -23.84
C ALA A 317 6.59 -5.01 -24.72
N ASP A 318 6.60 -6.13 -25.41
CA ASP A 318 7.69 -6.51 -26.30
C ASP A 318 7.24 -6.24 -27.72
N CYS A 319 8.01 -5.46 -28.47
CA CYS A 319 7.65 -5.14 -29.87
C CYS A 319 7.52 -6.34 -30.80
N ARG A 320 8.38 -7.36 -30.63
CA ARG A 320 8.25 -8.58 -31.45
C ARG A 320 6.88 -9.25 -31.29
N ASP A 321 6.40 -9.34 -30.04
CA ASP A 321 5.04 -9.82 -29.75
C ASP A 321 3.98 -9.05 -30.53
N ILE A 322 4.07 -7.73 -30.51
CA ILE A 322 3.08 -6.88 -31.20
C ILE A 322 3.09 -7.12 -32.71
N LEU A 323 4.28 -7.17 -33.27
CA LEU A 323 4.45 -7.42 -34.70
C LEU A 323 3.95 -8.81 -35.11
N GLN A 324 4.19 -9.81 -34.26
CA GLN A 324 3.72 -11.18 -34.52
C GLN A 324 2.18 -11.28 -34.45
N GLU A 326 0.14 -8.75 -35.26
CA GLU A 326 -0.17 -8.10 -36.52
C GLU A 326 -0.15 -9.12 -37.68
N GLN A 327 0.92 -9.92 -37.73
CA GLN A 327 1.12 -10.95 -38.72
C GLN A 327 0.07 -12.07 -38.65
N LEU A 328 -0.18 -12.59 -37.45
CA LEU A 328 -1.19 -13.60 -37.27
C LEU A 328 -2.59 -13.11 -37.65
N LEU A 329 -2.93 -11.88 -37.29
CA LEU A 329 -4.26 -11.31 -37.58
C LEU A 329 -4.49 -11.16 -39.08
N SER A 330 -3.51 -10.58 -39.77
CA SER A 330 -3.52 -10.50 -41.21
C SER A 330 -3.64 -11.89 -41.86
N ALA A 331 -2.82 -12.84 -41.41
CA ALA A 331 -2.86 -14.20 -41.94
C ALA A 331 -4.21 -14.88 -41.70
N LEU A 332 -4.79 -14.69 -40.51
CA LEU A 332 -6.09 -15.26 -40.19
C LEU A 332 -7.22 -14.73 -41.12
N ILE A 333 -7.17 -13.43 -41.37
CA ILE A 333 -8.16 -12.76 -42.19
C ILE A 333 -8.08 -13.21 -43.66
N GLN A 334 -6.86 -13.42 -44.17
CA GLN A 334 -6.69 -13.88 -45.55
C GLN A 334 -7.20 -15.31 -45.78
N ARG A 335 -7.41 -16.06 -44.69
CA ARG A 335 -7.82 -17.48 -44.79
C ARG A 335 -9.25 -17.71 -44.31
N LEU A 336 -9.96 -16.65 -43.97
CA LEU A 336 -11.29 -16.83 -43.38
C LEU A 336 -12.39 -16.94 -44.44
N THR A 337 -12.38 -18.04 -45.18
CA THR A 337 -13.35 -18.28 -46.26
C THR A 337 -14.71 -18.69 -45.70
N ARG A 338 -15.75 -18.52 -46.51
CA ARG A 338 -17.10 -18.98 -46.18
C ARG A 338 -17.05 -20.43 -45.73
N GLU A 339 -16.34 -21.26 -46.48
CA GLU A 339 -16.27 -22.68 -46.15
C GLU A 339 -15.55 -22.94 -44.83
N THR A 340 -14.49 -22.18 -44.57
CA THR A 340 -13.79 -22.28 -43.30
C THR A 340 -14.70 -21.99 -42.11
N VAL A 341 -15.43 -20.87 -42.14
CA VAL A 341 -16.28 -20.53 -40.99
C VAL A 341 -17.50 -21.46 -40.83
N VAL A 342 -17.98 -22.03 -41.93
CA VAL A 342 -19.05 -23.05 -41.87
C VAL A 342 -18.54 -24.31 -41.17
N GLN A 343 -17.32 -24.72 -41.52
CA GLN A 343 -16.67 -25.90 -40.98
C GLN A 343 -16.35 -25.74 -39.50
N LEU A 344 -16.20 -24.49 -39.05
CA LEU A 344 -15.89 -24.20 -37.65
C LEU A 344 -17.14 -24.01 -36.76
N THR A 345 -18.34 -23.99 -37.38
CA THR A 345 -19.61 -23.94 -36.63
C THR A 345 -20.52 -25.16 -36.84
N ASP A 346 -19.95 -26.24 -37.36
CA ASP A 346 -20.70 -27.45 -37.67
C ASP A 346 -20.71 -28.41 -36.48
N PHE A 347 -21.85 -28.49 -35.79
CA PHE A 347 -21.98 -29.32 -34.59
C PHE A 347 -22.59 -30.69 -34.86
N ARG A 348 -23.07 -30.90 -36.08
CA ARG A 348 -23.80 -32.14 -36.43
C ARG A 348 -22.85 -33.24 -36.90
N ALA B 3 -41.37 -46.52 -15.64
CA ALA B 3 -40.07 -47.22 -15.93
C ALA B 3 -38.89 -46.26 -16.18
N ASP B 5 -35.11 -45.67 -17.64
CA ASP B 5 -34.09 -46.18 -18.53
C ASP B 5 -32.73 -45.91 -17.88
N LEU B 6 -32.26 -46.88 -17.11
CA LEU B 6 -31.01 -46.71 -16.39
C LEU B 6 -29.78 -46.70 -17.30
N SER B 7 -29.83 -47.34 -18.46
CA SER B 7 -28.67 -47.25 -19.36
C SER B 7 -28.54 -45.86 -20.00
N LEU B 8 -29.65 -45.18 -20.24
CA LEU B 8 -29.64 -43.80 -20.72
C LEU B 8 -29.14 -42.87 -19.62
N LEU B 9 -29.62 -43.06 -18.41
CA LEU B 9 -29.19 -42.20 -17.30
C LEU B 9 -27.70 -42.41 -17.02
N LYS B 10 -27.24 -43.66 -17.07
CA LYS B 10 -25.82 -43.99 -16.96
C LYS B 10 -25.01 -43.27 -18.03
N ALA B 11 -25.47 -43.36 -19.29
CA ALA B 11 -24.75 -42.76 -20.42
C ALA B 11 -24.60 -41.24 -20.28
N LEU B 12 -25.66 -40.60 -19.80
CA LEU B 12 -25.66 -39.14 -19.63
C LEU B 12 -24.81 -38.70 -18.43
N SER B 13 -25.00 -39.42 -17.32
CA SER B 13 -24.22 -39.13 -16.10
C SER B 13 -22.73 -39.29 -16.36
N GLU B 14 -22.36 -40.38 -17.03
CA GLU B 14 -20.97 -40.71 -17.24
C GLU B 14 -20.33 -39.93 -18.36
N ALA B 15 -21.12 -39.35 -19.25
CA ALA B 15 -20.57 -38.52 -20.34
C ALA B 15 -19.79 -37.35 -19.73
N ASP B 16 -18.69 -36.99 -20.36
CA ASP B 16 -17.87 -35.90 -19.86
C ASP B 16 -18.05 -34.68 -20.75
N ALA B 17 -18.72 -33.66 -20.22
CA ALA B 17 -19.09 -32.50 -21.01
C ALA B 17 -19.04 -31.23 -20.20
N ILE B 18 -18.14 -30.32 -20.56
CA ILE B 18 -18.09 -29.01 -19.90
C ILE B 18 -18.30 -27.91 -20.93
N ALA B 19 -18.47 -26.67 -20.46
CA ALA B 19 -18.71 -25.53 -21.35
C ALA B 19 -17.78 -25.54 -22.55
N SER B 20 -18.37 -25.43 -23.74
CA SER B 20 -17.67 -25.43 -25.03
C SER B 20 -17.17 -26.81 -25.53
N SER B 21 -17.24 -27.84 -24.68
CA SER B 21 -16.93 -29.22 -25.11
C SER B 21 -17.99 -30.18 -24.63
N GLU B 22 -19.13 -30.17 -25.31
CA GLU B 22 -20.30 -30.90 -24.89
C GLU B 22 -20.67 -31.98 -25.90
N GLN B 23 -19.72 -32.30 -26.79
CA GLN B 23 -19.94 -33.29 -27.85
C GLN B 23 -20.45 -34.65 -27.31
N GLU B 24 -19.94 -35.13 -26.19
CA GLU B 24 -20.42 -36.40 -25.61
C GLU B 24 -21.91 -36.40 -25.28
N VAL B 25 -22.45 -35.30 -24.75
CA VAL B 25 -23.89 -35.19 -24.48
C VAL B 25 -24.67 -34.87 -25.75
N ARG B 26 -24.15 -33.96 -26.56
CA ARG B 26 -24.77 -33.59 -27.82
C ARG B 26 -25.01 -34.83 -28.70
N GLN B 27 -24.01 -35.72 -28.79
CA GLN B 27 -24.14 -36.88 -29.65
C GLN B 27 -25.24 -37.85 -29.18
N ILE B 28 -25.39 -38.02 -27.87
CA ILE B 28 -26.50 -38.82 -27.32
C ILE B 28 -27.85 -38.23 -27.76
N LEU B 29 -28.01 -36.93 -27.56
CA LEU B 29 -29.23 -36.23 -27.94
C LEU B 29 -29.51 -36.34 -29.44
N LEU B 30 -28.47 -36.13 -30.25
CA LEU B 30 -28.57 -36.26 -31.70
C LEU B 30 -28.97 -37.67 -32.17
N GLU B 31 -28.43 -38.71 -31.53
CA GLU B 31 -28.84 -40.09 -31.84
C GLU B 31 -30.33 -40.32 -31.55
N GLU B 32 -30.83 -39.78 -30.44
CA GLU B 32 -32.27 -39.92 -30.10
C GLU B 32 -33.19 -39.22 -31.10
N ALA B 33 -32.82 -37.99 -31.49
CA ALA B 33 -33.60 -37.22 -32.46
C ALA B 33 -33.64 -37.88 -33.84
N ALA B 34 -32.49 -38.39 -34.30
CA ALA B 34 -32.38 -39.01 -35.61
C ALA B 34 -33.20 -40.30 -35.67
N ARG B 35 -33.20 -41.04 -34.57
CA ARG B 35 -33.97 -42.28 -34.50
CA ARG B 35 -33.97 -42.29 -34.42
C ARG B 35 -35.47 -42.02 -34.61
N LEU B 36 -35.91 -40.84 -34.18
CA LEU B 36 -37.32 -40.49 -34.24
C LEU B 36 -37.64 -39.50 -35.37
N GLN B 37 -36.69 -39.34 -36.28
CA GLN B 37 -36.83 -38.49 -37.47
C GLN B 37 -37.26 -37.07 -37.11
N LYS B 38 -36.63 -36.52 -36.07
CA LYS B 38 -36.91 -35.17 -35.64
C LYS B 38 -35.78 -34.24 -36.07
N GLU B 39 -36.19 -33.11 -36.64
CA GLU B 39 -35.30 -32.02 -37.03
C GLU B 39 -34.54 -31.43 -35.84
N VAL B 40 -33.24 -31.28 -35.99
CA VAL B 40 -32.41 -30.63 -34.97
C VAL B 40 -31.79 -29.37 -35.53
N ARG B 41 -31.92 -28.28 -34.78
CA ARG B 41 -31.25 -27.04 -35.08
C ARG B 41 -30.22 -26.74 -33.97
N PHE B 42 -29.29 -25.83 -34.23
CA PHE B 42 -28.29 -25.43 -33.25
C PHE B 42 -28.24 -23.91 -33.15
N ASP B 43 -27.83 -23.40 -32.00
CA ASP B 43 -27.42 -22.00 -31.91
C ASP B 43 -25.91 -21.91 -32.13
N GLY B 44 -25.39 -20.67 -32.12
CA GLY B 44 -23.97 -20.42 -32.34
C GLY B 44 -23.04 -21.05 -31.33
N LEU B 45 -23.57 -21.40 -30.15
CA LEU B 45 -22.78 -22.05 -29.10
C LEU B 45 -22.83 -23.57 -29.14
N GLY B 46 -23.67 -24.13 -30.00
CA GLY B 46 -23.82 -25.58 -30.05
C GLY B 46 -24.96 -26.15 -29.24
N SER B 47 -25.81 -25.27 -28.70
CA SER B 47 -27.04 -25.73 -28.01
C SER B 47 -27.89 -26.51 -28.99
N VAL B 48 -28.46 -27.61 -28.49
CA VAL B 48 -29.29 -28.49 -29.27
C VAL B 48 -30.75 -28.04 -29.14
N LEU B 49 -31.39 -27.80 -30.28
CA LEU B 49 -32.76 -27.32 -30.38
C LEU B 49 -33.60 -28.36 -31.13
N ILE B 50 -34.37 -29.15 -30.38
CA ILE B 50 -35.16 -30.22 -30.97
C ILE B 50 -36.61 -29.79 -31.05
N ARG B 51 -37.13 -29.68 -32.27
CA ARG B 51 -38.53 -29.38 -32.49
C ARG B 51 -39.33 -30.68 -32.33
N LEU B 52 -40.15 -30.76 -31.29
CA LEU B 52 -40.92 -31.96 -31.01
C LEU B 52 -41.99 -32.20 -32.07
N ASN B 53 -42.64 -31.12 -32.50
CA ASN B 53 -43.85 -31.21 -33.30
C ASN B 53 -44.12 -29.96 -34.13
N GLU B 54 -45.15 -30.03 -34.96
CA GLU B 54 -45.67 -28.85 -35.66
C GLU B 54 -47.06 -28.49 -35.15
N SER B 55 -47.22 -27.23 -34.81
CA SER B 55 -48.43 -26.72 -34.19
C SER B 55 -48.48 -25.23 -34.43
N THR B 56 -49.70 -24.72 -34.63
CA THR B 56 -49.96 -23.29 -34.75
C THR B 56 -50.22 -22.70 -33.36
N GLY B 57 -50.16 -23.55 -32.33
CA GLY B 57 -50.27 -23.09 -30.95
C GLY B 57 -49.02 -22.38 -30.45
N PRO B 58 -49.02 -21.96 -29.18
CA PRO B 58 -47.88 -21.20 -28.61
C PRO B 58 -46.60 -22.03 -28.59
N LYS B 59 -45.45 -21.38 -28.76
CA LYS B 59 -44.16 -22.05 -28.63
C LYS B 59 -43.79 -22.23 -27.15
N VAL B 60 -43.55 -23.48 -26.76
CA VAL B 60 -43.07 -23.79 -25.41
C VAL B 60 -41.65 -24.36 -25.51
N ILE B 62 -38.72 -26.26 -23.40
CA ILE B 62 -38.31 -27.00 -22.21
C ILE B 62 -36.79 -27.09 -22.30
N CYS B 63 -36.10 -26.51 -21.32
CA CYS B 63 -34.64 -26.27 -21.38
C CYS B 63 -33.83 -26.99 -20.27
N ALA B 64 -32.80 -27.72 -20.69
CA ALA B 64 -31.84 -28.33 -19.76
C ALA B 64 -30.43 -27.90 -20.17
N HIS B 65 -29.44 -28.00 -19.26
CA HIS B 65 -28.07 -27.70 -19.65
C HIS B 65 -27.19 -28.94 -19.84
N ASP B 67 -23.80 -29.10 -19.83
CA ASP B 67 -22.49 -29.06 -19.21
C ASP B 67 -22.56 -29.36 -17.72
N GLU B 68 -21.45 -29.88 -17.19
CA GLU B 68 -21.33 -30.22 -15.78
C GLU B 68 -20.18 -29.38 -15.24
N VAL B 69 -20.13 -29.23 -13.92
CA VAL B 69 -18.96 -28.62 -13.29
C VAL B 69 -17.79 -29.59 -13.37
N GLY B 70 -16.60 -29.04 -13.58
CA GLY B 70 -15.39 -29.83 -13.69
C GLY B 70 -14.18 -28.94 -13.57
N PHE B 71 -13.15 -29.28 -14.35
CA PHE B 71 -11.89 -28.55 -14.36
C PHE B 71 -11.37 -28.49 -15.80
N VAL B 73 -7.52 -28.29 -18.00
CA VAL B 73 -6.07 -28.27 -17.98
C VAL B 73 -5.59 -26.87 -18.33
N ARG B 74 -4.72 -26.33 -17.49
CA ARG B 74 -4.23 -24.99 -17.67
C ARG B 74 -2.78 -25.01 -18.08
N SER B 75 -2.00 -25.86 -17.43
CA SER B 75 -0.56 -25.83 -17.59
C SER B 75 0.09 -27.14 -17.13
N ILE B 76 1.21 -27.48 -17.75
CA ILE B 76 1.94 -28.69 -17.36
C ILE B 76 3.33 -28.26 -16.90
N SER B 77 3.70 -28.68 -15.68
CA SER B 77 4.99 -28.31 -15.10
C SER B 77 6.12 -29.22 -15.62
N ARG B 78 7.38 -28.82 -15.40
CA ARG B 78 8.52 -29.65 -15.81
C ARG B 78 8.59 -31.01 -15.11
N GLU B 79 7.91 -31.12 -13.97
CA GLU B 79 7.80 -32.37 -13.22
C GLU B 79 6.59 -33.25 -13.63
N GLY B 80 5.79 -32.75 -14.57
CA GLY B 80 4.62 -33.48 -15.04
C GLY B 80 3.36 -33.29 -14.19
N ALA B 81 3.37 -32.25 -13.35
CA ALA B 81 2.15 -31.81 -12.67
C ALA B 81 1.22 -31.08 -13.63
N ILE B 82 -0.07 -31.41 -13.56
CA ILE B 82 -1.04 -30.81 -14.45
C ILE B 82 -1.87 -29.78 -13.66
N ASP B 83 -1.52 -28.50 -13.78
CA ASP B 83 -2.31 -27.40 -13.22
C ASP B 83 -3.66 -27.33 -13.89
N VAL B 84 -4.72 -27.22 -13.08
CA VAL B 84 -6.09 -27.11 -13.58
C VAL B 84 -6.80 -25.92 -12.93
N LEU B 85 -7.80 -25.38 -13.62
CA LEU B 85 -8.71 -24.43 -13.01
C LEU B 85 -10.12 -25.02 -13.03
N PRO B 86 -10.97 -24.63 -12.05
CA PRO B 86 -12.33 -25.10 -12.01
C PRO B 86 -13.19 -24.45 -13.11
N VAL B 87 -14.15 -25.21 -13.62
CA VAL B 87 -15.08 -24.74 -14.63
C VAL B 87 -16.44 -24.92 -13.97
N GLY B 88 -17.07 -23.81 -13.61
CA GLY B 88 -18.27 -23.86 -12.78
C GLY B 88 -17.91 -23.84 -11.30
N ASN B 89 -18.92 -23.84 -10.44
CA ASN B 89 -18.67 -23.79 -8.99
C ASN B 89 -18.56 -25.19 -8.38
N VAL B 90 -17.38 -25.77 -8.48
CA VAL B 90 -17.08 -27.03 -7.81
C VAL B 90 -16.98 -26.74 -6.32
N ARG B 91 -17.71 -27.49 -5.51
CA ARG B 91 -17.65 -27.32 -4.06
C ARG B 91 -16.20 -27.33 -3.59
N ALA B 93 -15.04 -28.33 -0.87
CA ALA B 93 -14.80 -29.62 -0.21
C ALA B 93 -14.63 -30.78 -1.20
N ALA B 94 -14.83 -30.51 -2.49
CA ALA B 94 -14.66 -31.51 -3.58
C ALA B 94 -13.42 -31.25 -4.43
N ARG B 95 -12.43 -30.60 -3.83
CA ARG B 95 -11.25 -30.20 -4.60
C ARG B 95 -9.98 -30.84 -4.01
N GLN B 96 -10.16 -31.80 -3.11
CA GLN B 96 -9.01 -32.39 -2.42
C GLN B 96 -9.04 -33.92 -2.47
N LEU B 97 -7.95 -34.46 -3.01
CA LEU B 97 -7.76 -35.90 -3.14
C LEU B 97 -8.96 -36.60 -3.81
N GLN B 98 -9.31 -36.10 -4.99
CA GLN B 98 -10.48 -36.57 -5.77
C GLN B 98 -10.03 -37.30 -7.03
N PRO B 99 -10.47 -38.56 -7.23
CA PRO B 99 -10.26 -39.20 -8.52
C PRO B 99 -10.95 -38.46 -9.68
N VAL B 100 -10.22 -38.25 -10.77
CA VAL B 100 -10.73 -37.55 -11.93
C VAL B 100 -10.23 -38.24 -13.18
N ARG B 101 -10.70 -37.79 -14.35
CA ARG B 101 -10.11 -38.21 -15.63
C ARG B 101 -10.07 -37.04 -16.59
N ILE B 102 -9.03 -37.05 -17.41
CA ILE B 102 -8.77 -35.99 -18.38
C ILE B 102 -9.11 -36.55 -19.76
N THR B 103 -9.90 -35.80 -20.53
CA THR B 103 -10.18 -36.16 -21.92
C THR B 103 -9.42 -35.28 -22.93
N THR B 104 -8.56 -35.94 -23.71
CA THR B 104 -7.69 -35.28 -24.68
C THR B 104 -8.44 -35.00 -26.00
N ARG B 105 -7.78 -34.28 -26.90
CA ARG B 105 -8.36 -33.95 -28.22
C ARG B 105 -8.64 -35.17 -29.09
N GLU B 106 -7.90 -36.24 -28.86
CA GLU B 106 -8.08 -37.50 -29.56
CA GLU B 106 -8.06 -37.51 -29.55
C GLU B 106 -9.12 -38.36 -28.85
N GLU B 107 -9.78 -37.77 -27.86
CA GLU B 107 -10.85 -38.38 -27.06
C GLU B 107 -10.37 -39.56 -26.20
N CYS B 108 -9.08 -39.58 -25.87
CA CYS B 108 -8.58 -40.55 -24.88
C CYS B 108 -8.84 -40.06 -23.48
N LYS B 109 -9.09 -40.98 -22.57
CA LYS B 109 -9.36 -40.66 -21.18
C LYS B 109 -8.25 -41.18 -20.27
N ILE B 110 -7.57 -40.27 -19.60
CA ILE B 110 -6.49 -40.60 -18.69
C ILE B 110 -6.90 -40.34 -17.23
N PRO B 111 -6.93 -41.39 -16.40
CA PRO B 111 -7.33 -41.22 -15.01
C PRO B 111 -6.25 -40.51 -14.20
N GLY B 112 -6.65 -39.85 -13.12
CA GLY B 112 -5.72 -39.12 -12.25
C GLY B 112 -6.30 -38.77 -10.89
N LEU B 113 -5.46 -38.25 -10.01
CA LEU B 113 -5.89 -37.78 -8.71
C LEU B 113 -5.71 -36.26 -8.63
N LEU B 114 -6.81 -35.55 -8.37
CA LEU B 114 -6.79 -34.11 -8.17
C LEU B 114 -6.53 -33.77 -6.71
N ASP B 115 -5.67 -32.78 -6.46
CA ASP B 115 -5.48 -32.24 -5.12
C ASP B 115 -5.20 -30.75 -5.20
N GLY B 116 -5.57 -30.02 -4.15
CA GLY B 116 -5.30 -28.59 -4.05
C GLY B 116 -4.76 -28.17 -2.69
N ASP B 117 -4.23 -26.95 -2.64
CA ASP B 117 -3.87 -26.31 -1.38
C ASP B 117 -5.09 -25.68 -0.72
N ARG B 118 -5.32 -26.02 0.54
CA ARG B 118 -6.37 -25.37 1.30
C ARG B 118 -5.86 -24.14 2.06
N GLN B 119 -6.58 -23.04 1.95
CA GLN B 119 -6.38 -21.87 2.82
C GLN B 119 -7.73 -21.40 3.37
N GLY B 120 -8.04 -21.80 4.59
CA GLY B 120 -9.30 -21.45 5.26
C GLY B 120 -10.51 -22.12 4.61
N ASN B 121 -11.41 -21.30 4.08
CA ASN B 121 -12.54 -21.77 3.26
C ASN B 121 -12.06 -22.29 1.91
N ASP B 122 -11.12 -21.57 1.30
CA ASP B 122 -10.77 -21.73 -0.11
C ASP B 122 -9.72 -22.80 -0.41
N VAL B 123 -9.94 -23.50 -1.52
CA VAL B 123 -8.96 -24.41 -2.10
C VAL B 123 -8.64 -23.91 -3.51
N SER B 124 -7.38 -23.55 -3.73
CA SER B 124 -6.91 -23.18 -5.06
C SER B 124 -5.55 -23.83 -5.34
N ALA B 125 -4.95 -23.46 -6.48
CA ALA B 125 -3.69 -24.06 -6.95
C ALA B 125 -3.84 -25.57 -7.12
N ARG B 127 -3.95 -29.27 -8.84
CA ARG B 127 -3.14 -30.05 -9.76
C ARG B 127 -3.71 -31.46 -9.89
N VAL B 128 -3.58 -32.02 -11.09
CA VAL B 128 -3.92 -33.42 -11.32
C VAL B 128 -2.63 -34.22 -11.47
N ASP B 129 -2.61 -35.38 -10.85
CA ASP B 129 -1.47 -36.28 -10.92
C ASP B 129 -1.89 -37.52 -11.71
N ILE B 130 -1.21 -37.75 -12.83
CA ILE B 130 -1.36 -38.97 -13.60
C ILE B 130 -0.16 -39.91 -13.43
N GLY B 131 0.71 -39.62 -12.46
CA GLY B 131 1.90 -40.45 -12.21
C GLY B 131 3.12 -40.06 -13.04
N ALA B 132 3.01 -38.95 -13.78
CA ALA B 132 4.07 -38.49 -14.66
C ALA B 132 5.20 -37.81 -13.89
N ARG B 133 6.39 -37.92 -14.46
CA ARG B 133 7.63 -37.44 -13.85
C ARG B 133 8.25 -36.32 -14.68
N THR B 134 7.71 -36.08 -15.88
CA THR B 134 8.24 -35.06 -16.76
C THR B 134 7.12 -34.37 -17.55
N TYR B 135 7.39 -33.17 -18.01
CA TYR B 135 6.54 -32.50 -19.00
C TYR B 135 6.26 -33.39 -20.22
N ASP B 136 7.30 -34.02 -20.76
CA ASP B 136 7.18 -34.81 -21.99
CA ASP B 136 7.15 -34.79 -22.00
C ASP B 136 6.29 -36.04 -21.83
N GLU B 137 6.36 -36.67 -20.65
CA GLU B 137 5.47 -37.79 -20.35
C GLU B 137 4.00 -37.38 -20.43
N VAL B 138 3.67 -36.18 -19.96
CA VAL B 138 2.30 -35.69 -20.08
C VAL B 138 1.95 -35.43 -21.55
N GLN B 140 3.18 -36.85 -24.08
CA GLN B 140 3.04 -38.18 -24.70
C GLN B 140 1.67 -38.83 -24.47
N ALA B 141 1.07 -38.54 -23.32
CA ALA B 141 -0.28 -39.05 -23.04
C ALA B 141 -1.34 -38.32 -23.87
N GLY B 142 -0.93 -37.29 -24.61
CA GLY B 142 -1.84 -36.54 -25.48
C GLY B 142 -2.53 -35.38 -24.76
N ILE B 143 -2.13 -35.13 -23.51
CA ILE B 143 -2.74 -34.09 -22.71
C ILE B 143 -2.24 -32.69 -23.12
N ARG B 144 -3.16 -31.74 -23.18
CA ARG B 144 -2.86 -30.35 -23.56
C ARG B 144 -3.68 -29.33 -22.78
N PRO B 145 -3.14 -28.11 -22.60
CA PRO B 145 -3.96 -27.02 -22.07
C PRO B 145 -5.31 -26.97 -22.78
N GLY B 146 -6.37 -26.80 -22.01
CA GLY B 146 -7.72 -26.77 -22.57
C GLY B 146 -8.52 -28.06 -22.45
N ASP B 147 -7.85 -29.17 -22.14
CA ASP B 147 -8.53 -30.47 -21.97
C ASP B 147 -9.49 -30.47 -20.77
N ARG B 148 -10.64 -31.06 -20.97
CA ARG B 148 -11.62 -31.15 -19.90
C ARG B 148 -11.22 -32.22 -18.88
N VAL B 149 -11.58 -31.94 -17.63
CA VAL B 149 -11.29 -32.78 -16.47
C VAL B 149 -12.59 -32.95 -15.69
N THR B 150 -12.98 -34.20 -15.45
CA THR B 150 -14.26 -34.49 -14.79
C THR B 150 -14.05 -35.52 -13.70
N PHE B 151 -14.94 -35.54 -12.71
CA PHE B 151 -14.86 -36.52 -11.64
C PHE B 151 -14.94 -37.91 -12.23
N ASP B 152 -14.25 -38.86 -11.63
CA ASP B 152 -14.09 -40.17 -12.24
C ASP B 152 -15.16 -41.14 -11.72
N THR B 153 -16.43 -40.77 -11.87
CA THR B 153 -17.52 -41.44 -11.17
C THR B 153 -18.33 -42.37 -12.05
N THR B 154 -18.43 -43.63 -11.62
CA THR B 154 -19.30 -44.61 -12.24
C THR B 154 -20.71 -44.47 -11.68
N PHE B 155 -21.68 -44.42 -12.57
CA PHE B 155 -23.09 -44.35 -12.19
C PHE B 155 -23.47 -45.62 -11.44
N GLN B 156 -24.17 -45.45 -10.32
CA GLN B 156 -24.56 -46.59 -9.49
C GLN B 156 -26.00 -46.56 -9.00
N VAL B 157 -26.58 -47.76 -8.90
CA VAL B 157 -27.88 -47.92 -8.30
C VAL B 157 -27.76 -48.08 -6.77
N LEU B 158 -28.61 -47.36 -6.06
CA LEU B 158 -28.71 -47.42 -4.59
C LEU B 158 -29.93 -48.24 -4.17
N PRO B 159 -29.99 -48.69 -2.89
CA PRO B 159 -31.20 -49.38 -2.46
C PRO B 159 -32.46 -48.50 -2.57
N HIS B 160 -33.63 -49.15 -2.62
CA HIS B 160 -34.91 -48.44 -2.65
C HIS B 160 -35.10 -47.51 -3.84
N GLN B 161 -34.56 -47.92 -4.99
CA GLN B 161 -34.76 -47.21 -6.27
C GLN B 161 -34.31 -45.73 -6.23
N ARG B 162 -33.10 -45.54 -5.76
CA ARG B 162 -32.43 -44.27 -5.83
C ARG B 162 -31.18 -44.52 -6.64
N VAL B 163 -30.59 -43.46 -7.18
CA VAL B 163 -29.45 -43.59 -8.08
C VAL B 163 -28.37 -42.62 -7.64
N GLY B 165 -24.57 -40.74 -8.98
CA GLY B 165 -23.56 -40.51 -10.03
C GLY B 165 -23.19 -39.05 -10.16
N LYS B 166 -22.19 -38.76 -10.98
CA LYS B 166 -21.80 -37.39 -11.19
C LYS B 166 -22.76 -36.70 -12.15
N ALA B 167 -22.72 -35.37 -12.14
CA ALA B 167 -23.39 -34.55 -13.13
C ALA B 167 -24.91 -34.64 -13.14
N PHE B 168 -25.52 -35.04 -12.03
CA PHE B 168 -27.00 -35.04 -11.92
C PHE B 168 -27.55 -33.63 -12.17
N ASP B 169 -26.79 -32.61 -11.76
CA ASP B 169 -26.91 -31.25 -12.27
C ASP B 169 -26.02 -31.14 -13.54
N ASP B 170 -26.57 -31.24 -14.76
CA ASP B 170 -28.01 -31.27 -15.07
C ASP B 170 -28.39 -32.44 -15.98
N ARG B 171 -27.67 -33.55 -15.87
CA ARG B 171 -27.98 -34.70 -16.68
C ARG B 171 -29.32 -35.34 -16.36
N LEU B 172 -29.81 -35.16 -15.14
CA LEU B 172 -31.16 -35.61 -14.83
C LEU B 172 -32.19 -34.92 -15.75
N SER B 173 -31.99 -33.64 -16.01
CA SER B 173 -32.89 -32.90 -16.87
C SER B 173 -32.68 -33.19 -18.36
N CYS B 174 -31.44 -33.47 -18.78
CA CYS B 174 -31.18 -33.99 -20.12
C CYS B 174 -31.91 -35.34 -20.32
N TYR B 175 -31.91 -36.14 -19.28
CA TYR B 175 -32.60 -37.42 -19.28
C TYR B 175 -34.09 -37.18 -19.50
N LEU B 176 -34.65 -36.19 -18.81
CA LEU B 176 -36.06 -35.83 -18.97
C LEU B 176 -36.41 -35.33 -20.36
N LEU B 177 -35.48 -34.59 -20.99
CA LEU B 177 -35.69 -34.14 -22.37
C LEU B 177 -35.85 -35.31 -23.32
N VAL B 178 -35.02 -36.33 -23.15
CA VAL B 178 -35.04 -37.48 -24.02
C VAL B 178 -36.30 -38.33 -23.83
N THR B 179 -36.72 -38.51 -22.58
CA THR B 179 -37.89 -39.35 -22.34
C THR B 179 -39.18 -38.63 -22.72
N LEU B 180 -39.16 -37.30 -22.67
CA LEU B 180 -40.26 -36.51 -23.21
C LEU B 180 -40.33 -36.70 -24.71
N LEU B 181 -39.19 -36.56 -25.39
CA LEU B 181 -39.10 -36.79 -26.83
C LEU B 181 -39.59 -38.18 -27.22
N ARG B 182 -39.17 -39.20 -26.47
CA ARG B 182 -39.60 -40.58 -26.75
C ARG B 182 -41.11 -40.76 -26.54
N GLU B 183 -41.65 -40.14 -25.49
CA GLU B 183 -43.06 -40.30 -25.13
C GLU B 183 -44.01 -39.58 -26.09
N LEU B 184 -43.61 -38.39 -26.51
CA LEU B 184 -44.50 -37.44 -27.15
C LEU B 184 -44.20 -37.22 -28.63
N HIS B 185 -43.23 -37.95 -29.20
CA HIS B 185 -42.83 -37.73 -30.60
C HIS B 185 -43.97 -37.82 -31.64
N ASP B 186 -44.98 -38.63 -31.38
CA ASP B 186 -46.11 -38.74 -32.30
C ASP B 186 -47.43 -38.19 -31.72
N ALA B 187 -47.34 -37.39 -30.65
CA ALA B 187 -48.55 -36.88 -29.99
C ALA B 187 -49.14 -35.66 -30.69
N GLU B 188 -50.47 -35.55 -30.64
CA GLU B 188 -51.15 -34.35 -31.10
C GLU B 188 -51.20 -33.40 -29.90
N LEU B 189 -50.56 -32.24 -30.06
CA LEU B 189 -50.32 -31.29 -28.97
C LEU B 189 -50.89 -29.92 -29.29
N PRO B 190 -51.39 -29.19 -28.25
CA PRO B 190 -51.93 -27.84 -28.46
C PRO B 190 -50.86 -26.74 -28.50
N ALA B 191 -49.61 -27.12 -28.26
CA ALA B 191 -48.50 -26.19 -28.32
C ALA B 191 -47.43 -26.74 -29.24
N GLU B 192 -46.58 -25.86 -29.78
CA GLU B 192 -45.36 -26.29 -30.46
C GLU B 192 -44.22 -26.35 -29.44
N VAL B 193 -43.67 -27.52 -29.26
CA VAL B 193 -42.70 -27.76 -28.20
C VAL B 193 -41.27 -27.83 -28.76
N TRP B 194 -40.38 -27.04 -28.18
CA TRP B 194 -38.95 -27.14 -28.43
C TRP B 194 -38.25 -27.66 -27.18
N LEU B 195 -37.49 -28.74 -27.37
CA LEU B 195 -36.67 -29.31 -26.33
C LEU B 195 -35.27 -28.80 -26.57
N VAL B 196 -34.72 -28.11 -25.58
CA VAL B 196 -33.45 -27.40 -25.72
C VAL B 196 -32.46 -27.90 -24.68
N ALA B 197 -31.31 -28.32 -25.16
CA ALA B 197 -30.19 -28.67 -24.30
C ALA B 197 -29.16 -27.60 -24.57
N SER B 198 -29.03 -26.66 -23.63
CA SER B 198 -28.22 -25.49 -23.87
C SER B 198 -26.75 -25.68 -23.47
N SER B 199 -25.89 -24.94 -24.15
CA SER B 199 -24.48 -25.02 -23.90
C SER B 199 -24.07 -24.10 -22.75
N SER B 200 -23.09 -24.54 -21.96
CA SER B 200 -22.33 -23.64 -21.07
C SER B 200 -23.09 -22.86 -19.95
N GLU B 201 -24.00 -23.51 -19.23
CA GLU B 201 -24.73 -22.85 -18.12
CA GLU B 201 -24.70 -22.81 -18.16
C GLU B 201 -23.89 -22.64 -16.87
N GLU B 202 -22.95 -23.56 -16.60
CA GLU B 202 -22.22 -23.55 -15.33
C GLU B 202 -21.23 -22.38 -15.16
N VAL B 203 -20.85 -21.79 -16.29
CA VAL B 203 -19.93 -20.65 -16.29
C VAL B 203 -20.67 -19.30 -16.35
N GLY B 204 -22.00 -19.37 -16.29
CA GLY B 204 -22.86 -18.19 -16.22
C GLY B 204 -24.26 -18.45 -16.73
N LEU B 205 -24.62 -17.79 -17.82
CA LEU B 205 -25.98 -17.80 -18.35
C LEU B 205 -25.86 -17.58 -19.85
N ARG B 206 -25.34 -18.61 -20.53
CA ARG B 206 -24.70 -18.43 -21.83
C ARG B 206 -25.50 -19.01 -22.98
N GLY B 207 -25.56 -20.34 -23.04
CA GLY B 207 -26.36 -21.03 -24.03
C GLY B 207 -27.83 -20.75 -23.83
N GLY B 208 -28.23 -20.52 -22.57
CA GLY B 208 -29.63 -20.25 -22.22
C GLY B 208 -30.17 -19.07 -23.00
N GLN B 209 -29.48 -17.94 -22.86
CA GLN B 209 -29.70 -16.70 -23.61
C GLN B 209 -29.80 -16.91 -25.13
N THR B 210 -28.75 -17.48 -25.71
CA THR B 210 -28.68 -17.62 -27.16
C THR B 210 -29.71 -18.62 -27.71
N ALA B 211 -29.92 -19.73 -27.00
CA ALA B 211 -30.90 -20.72 -27.41
C ALA B 211 -32.32 -20.14 -27.36
N THR B 212 -32.63 -19.40 -26.30
CA THR B 212 -33.94 -18.76 -26.16
C THR B 212 -34.20 -17.78 -27.30
N ARG B 213 -33.17 -17.03 -27.71
CA ARG B 213 -33.32 -16.10 -28.82
C ARG B 213 -33.58 -16.85 -30.10
N ALA B 214 -32.84 -17.95 -30.31
CA ALA B 214 -33.02 -18.77 -31.50
C ALA B 214 -34.41 -19.38 -31.58
N VAL B 215 -34.99 -19.76 -30.43
CA VAL B 215 -36.34 -20.34 -30.39
C VAL B 215 -37.48 -19.31 -30.30
N SER B 216 -37.28 -18.27 -29.50
CA SER B 216 -38.30 -17.26 -29.21
C SER B 216 -39.59 -17.85 -28.65
N PRO B 217 -39.53 -18.51 -27.47
CA PRO B 217 -40.73 -19.15 -26.95
C PRO B 217 -41.75 -18.14 -26.41
N ASP B 218 -42.99 -18.60 -26.23
CA ASP B 218 -44.01 -17.81 -25.56
C ASP B 218 -44.02 -18.12 -24.06
N VAL B 219 -43.54 -19.31 -23.73
CA VAL B 219 -43.50 -19.82 -22.36
C VAL B 219 -42.25 -20.67 -22.29
N ALA B 220 -41.61 -20.71 -21.12
CA ALA B 220 -40.42 -21.53 -20.95
C ALA B 220 -40.42 -22.27 -19.62
N ILE B 221 -40.06 -23.56 -19.67
CA ILE B 221 -39.80 -24.34 -18.46
C ILE B 221 -38.31 -24.73 -18.43
N VAL B 222 -37.61 -24.23 -17.42
CA VAL B 222 -36.20 -24.51 -17.24
C VAL B 222 -36.09 -25.63 -16.21
N LEU B 223 -35.37 -26.68 -16.58
CA LEU B 223 -35.17 -27.82 -15.71
C LEU B 223 -33.79 -27.72 -15.10
N ASP B 224 -33.74 -27.70 -13.77
CA ASP B 224 -32.46 -27.72 -13.07
C ASP B 224 -32.71 -28.46 -11.76
N THR B 225 -31.64 -28.77 -11.03
CA THR B 225 -31.78 -29.45 -9.75
C THR B 225 -31.08 -28.67 -8.65
N ALA B 226 -31.32 -29.07 -7.40
CA ALA B 226 -30.65 -28.47 -6.25
C ALA B 226 -30.69 -29.40 -5.05
N CYS B 227 -29.76 -29.18 -4.11
CA CYS B 227 -29.71 -29.94 -2.87
C CYS B 227 -29.75 -29.01 -1.66
N TRP B 228 -30.23 -29.52 -0.53
CA TRP B 228 -30.24 -28.75 0.71
C TRP B 228 -28.90 -28.94 1.38
N ALA B 229 -28.30 -27.83 1.82
CA ALA B 229 -26.96 -27.83 2.44
C ALA B 229 -26.85 -28.78 3.64
N LYS B 230 -27.88 -28.79 4.48
CA LYS B 230 -27.96 -29.69 5.63
C LYS B 230 -28.67 -30.98 5.20
N ASN B 231 -27.87 -31.96 4.81
CA ASN B 231 -28.36 -33.11 4.05
C ASN B 231 -29.45 -33.98 4.72
N PHE B 232 -29.29 -34.26 6.01
CA PHE B 232 -30.23 -35.13 6.73
C PHE B 232 -31.24 -34.37 7.60
N ASP B 233 -31.37 -33.07 7.36
CA ASP B 233 -32.38 -32.24 8.02
C ASP B 233 -33.67 -32.38 7.24
N TYR B 234 -34.55 -33.26 7.69
CA TYR B 234 -35.82 -33.48 7.00
C TYR B 234 -36.93 -32.59 7.55
N GLY B 235 -36.56 -31.51 8.24
CA GLY B 235 -37.51 -30.55 8.81
C GLY B 235 -38.28 -29.79 7.75
N ALA B 236 -39.23 -28.95 8.18
CA ALA B 236 -40.08 -28.18 7.27
C ALA B 236 -39.33 -27.16 6.39
N ALA B 237 -38.12 -26.79 6.82
CA ALA B 237 -37.27 -25.86 6.07
C ALA B 237 -36.61 -26.48 4.82
N ASN B 238 -36.40 -27.80 4.84
CA ASN B 238 -35.84 -28.49 3.68
C ASN B 238 -36.94 -28.83 2.65
N HIS B 239 -37.01 -28.04 1.57
CA HIS B 239 -37.93 -28.29 0.44
C HIS B 239 -37.18 -28.86 -0.77
N ARG B 240 -36.10 -29.59 -0.48
CA ARG B 240 -35.31 -30.24 -1.51
C ARG B 240 -35.03 -31.67 -1.04
N GLN B 241 -36.06 -32.33 -0.53
CA GLN B 241 -35.92 -33.67 -0.02
C GLN B 241 -36.23 -34.65 -1.13
N ILE B 242 -35.28 -35.53 -1.42
CA ILE B 242 -35.53 -36.56 -2.41
C ILE B 242 -36.65 -37.48 -1.89
N GLY B 243 -37.56 -37.85 -2.79
CA GLY B 243 -38.71 -38.67 -2.44
C GLY B 243 -39.96 -37.86 -2.14
N ASN B 244 -39.82 -36.53 -2.01
CA ASN B 244 -40.98 -35.69 -1.69
C ASN B 244 -41.60 -34.98 -2.90
N GLY B 245 -41.21 -35.41 -4.10
CA GLY B 245 -41.79 -34.89 -5.34
C GLY B 245 -40.93 -33.81 -5.99
N PRO B 246 -41.21 -33.48 -7.27
CA PRO B 246 -40.47 -32.44 -7.98
C PRO B 246 -40.48 -31.11 -7.23
N LEU B 248 -40.75 -27.05 -7.29
CA LEU B 248 -41.18 -25.88 -8.04
C LEU B 248 -40.44 -24.69 -7.46
N VAL B 249 -39.56 -24.08 -8.25
CA VAL B 249 -38.71 -23.00 -7.73
C VAL B 249 -39.48 -21.66 -7.78
N LEU B 250 -39.81 -21.11 -6.61
CA LEU B 250 -40.51 -19.84 -6.51
C LEU B 250 -39.58 -18.68 -6.82
N SER B 251 -38.32 -18.84 -6.44
CA SER B 251 -37.31 -17.82 -6.72
C SER B 251 -35.90 -18.33 -6.59
N ASP B 252 -35.01 -17.66 -7.31
CA ASP B 252 -33.58 -17.81 -7.17
C ASP B 252 -32.99 -16.43 -7.37
N LYS B 253 -31.66 -16.32 -7.41
CA LYS B 253 -31.01 -15.01 -7.50
C LYS B 253 -31.28 -14.32 -8.84
N SER B 254 -31.48 -15.13 -9.88
CA SER B 254 -31.70 -14.67 -11.25
C SER B 254 -33.20 -14.52 -11.68
N LEU B 255 -34.14 -15.20 -11.00
CA LEU B 255 -35.55 -15.18 -11.39
C LEU B 255 -36.53 -15.31 -10.21
N ILE B 256 -37.56 -14.45 -10.17
CA ILE B 256 -38.75 -14.71 -9.35
C ILE B 256 -39.89 -15.19 -10.24
N ALA B 257 -40.28 -16.47 -10.10
CA ALA B 257 -41.34 -17.07 -10.90
C ALA B 257 -42.64 -16.26 -10.90
N PRO B 258 -43.36 -16.22 -12.04
CA PRO B 258 -44.59 -15.45 -12.06
C PRO B 258 -45.71 -16.22 -11.38
N PRO B 259 -46.38 -15.58 -10.41
CA PRO B 259 -47.44 -16.19 -9.61
C PRO B 259 -48.55 -16.88 -10.43
N LYS B 260 -48.91 -16.32 -11.59
CA LYS B 260 -49.96 -16.92 -12.43
C LYS B 260 -49.51 -18.28 -12.98
N LEU B 261 -48.28 -18.34 -13.46
CA LEU B 261 -47.70 -19.58 -13.95
C LEU B 261 -47.51 -20.61 -12.84
N THR B 262 -46.97 -20.16 -11.70
CA THR B 262 -46.80 -21.00 -10.53
C THR B 262 -48.13 -21.64 -10.08
N ALA B 263 -49.18 -20.82 -9.93
CA ALA B 263 -50.50 -21.30 -9.50
C ALA B 263 -51.08 -22.31 -10.49
N TRP B 264 -50.90 -22.06 -11.78
CA TRP B 264 -51.38 -22.97 -12.82
C TRP B 264 -50.74 -24.36 -12.72
N ILE B 265 -49.41 -24.39 -12.62
CA ILE B 265 -48.65 -25.63 -12.47
C ILE B 265 -49.06 -26.42 -11.23
N GLU B 266 -49.21 -25.72 -10.10
CA GLU B 266 -49.71 -26.32 -8.87
C GLU B 266 -51.07 -27.00 -9.09
N THR B 267 -51.98 -26.34 -9.83
CA THR B 267 -53.31 -26.93 -10.07
C THR B 267 -53.22 -28.17 -10.97
N VAL B 268 -52.32 -28.15 -11.94
CA VAL B 268 -52.06 -29.32 -12.78
C VAL B 268 -51.44 -30.46 -11.97
N ALA B 269 -50.42 -30.17 -11.16
CA ALA B 269 -49.83 -31.20 -10.32
C ALA B 269 -50.83 -31.83 -9.35
N ALA B 270 -51.70 -31.00 -8.77
CA ALA B 270 -52.75 -31.49 -7.85
C ALA B 270 -53.81 -32.36 -8.54
N GLU B 271 -54.15 -32.03 -9.79
CA GLU B 271 -55.04 -32.86 -10.59
C GLU B 271 -54.48 -34.26 -10.85
N ILE B 272 -53.19 -34.34 -11.19
CA ILE B 272 -52.58 -35.64 -11.56
C ILE B 272 -51.89 -36.38 -10.39
N GLY B 273 -51.98 -35.80 -9.19
CA GLY B 273 -51.44 -36.43 -7.99
C GLY B 273 -49.93 -36.39 -7.83
N VAL B 274 -49.28 -35.41 -8.45
CA VAL B 274 -47.85 -35.23 -8.26
C VAL B 274 -47.62 -34.21 -7.14
N PRO B 275 -46.98 -34.62 -6.03
CA PRO B 275 -46.69 -33.67 -4.96
C PRO B 275 -45.54 -32.74 -5.37
N LEU B 276 -45.61 -31.50 -4.92
CA LEU B 276 -44.60 -30.52 -5.30
C LEU B 276 -43.93 -29.94 -4.05
N GLN B 277 -42.64 -29.65 -4.15
CA GLN B 277 -41.93 -28.94 -3.10
C GLN B 277 -41.66 -27.52 -3.61
N ALA B 278 -42.22 -26.53 -2.93
CA ALA B 278 -42.04 -25.13 -3.32
C ALA B 278 -40.76 -24.66 -2.67
N ASP B 279 -39.78 -24.36 -3.50
CA ASP B 279 -38.44 -24.03 -3.01
C ASP B 279 -37.98 -22.62 -3.42
N PHE B 281 -34.17 -20.39 -3.72
CA PHE B 281 -32.70 -20.42 -3.64
C PHE B 281 -32.21 -19.13 -3.01
N SER B 282 -31.44 -19.26 -1.95
CA SER B 282 -30.83 -18.11 -1.28
C SER B 282 -29.56 -17.65 -2.01
N ASN B 283 -28.81 -18.59 -2.58
CA ASN B 283 -27.54 -18.30 -3.25
C ASN B 283 -27.61 -18.50 -4.75
N GLY B 284 -28.01 -19.70 -5.15
CA GLY B 284 -27.89 -20.17 -6.53
C GLY B 284 -28.56 -19.35 -7.62
N GLY B 285 -28.09 -19.57 -8.83
CA GLY B 285 -28.72 -19.05 -10.05
C GLY B 285 -28.93 -20.20 -11.02
N THR B 286 -29.93 -20.05 -11.88
CA THR B 286 -30.23 -21.03 -12.92
C THR B 286 -30.18 -20.28 -14.25
N ASP B 287 -30.39 -20.98 -15.36
CA ASP B 287 -30.59 -20.24 -16.61
C ASP B 287 -32.02 -19.68 -16.74
N GLY B 288 -32.78 -19.77 -15.65
CA GLY B 288 -34.10 -19.14 -15.55
C GLY B 288 -34.01 -17.63 -15.70
N GLY B 289 -32.96 -17.06 -15.11
CA GLY B 289 -32.75 -15.63 -15.12
C GLY B 289 -32.51 -15.05 -16.50
N ALA B 290 -31.55 -15.61 -17.21
CA ALA B 290 -31.23 -15.15 -18.56
C ALA B 290 -32.39 -15.39 -19.52
N VAL B 291 -33.11 -16.48 -19.31
CA VAL B 291 -34.18 -16.89 -20.22
C VAL B 291 -35.37 -15.92 -20.18
N HIS B 292 -35.86 -15.58 -19.00
CA HIS B 292 -37.04 -14.70 -18.90
C HIS B 292 -36.80 -13.27 -19.39
N LEU B 293 -35.54 -12.86 -19.40
CA LEU B 293 -35.16 -11.49 -19.81
C LEU B 293 -34.83 -11.35 -21.29
N THR B 294 -35.10 -12.42 -22.05
CA THR B 294 -34.85 -12.45 -23.49
C THR B 294 -35.93 -11.67 -24.25
N GLY B 295 -35.53 -10.93 -25.29
CA GLY B 295 -36.50 -10.15 -26.08
C GLY B 295 -37.30 -9.21 -25.19
N THR B 296 -38.62 -9.24 -25.32
CA THR B 296 -39.50 -8.41 -24.48
C THR B 296 -40.00 -9.15 -23.21
N GLY B 297 -39.42 -10.31 -22.91
CA GLY B 297 -39.76 -11.02 -21.69
C GLY B 297 -40.52 -12.31 -21.95
N VAL B 298 -40.08 -13.39 -21.29
CA VAL B 298 -40.71 -14.70 -21.45
C VAL B 298 -41.15 -15.16 -20.06
N PRO B 299 -42.45 -15.48 -19.90
CA PRO B 299 -42.95 -16.16 -18.70
C PRO B 299 -42.18 -17.48 -18.51
N THR B 300 -41.48 -17.60 -17.40
CA THR B 300 -40.54 -18.69 -17.19
C THR B 300 -40.59 -19.19 -15.76
N LEU B 301 -40.56 -20.49 -15.58
CA LEU B 301 -40.14 -20.98 -14.26
C LEU B 301 -39.20 -22.17 -14.28
N VAL B 302 -38.60 -22.39 -13.13
CA VAL B 302 -37.61 -23.42 -12.95
C VAL B 302 -38.27 -24.54 -12.15
N GLY B 304 -37.58 -29.03 -11.17
CA GLY B 304 -36.70 -30.17 -11.28
C GLY B 304 -36.76 -31.08 -10.09
N PRO B 305 -36.16 -32.27 -10.21
CA PRO B 305 -36.08 -33.16 -9.05
C PRO B 305 -34.98 -32.69 -8.12
N ALA B 306 -35.21 -32.84 -6.82
CA ALA B 306 -34.19 -32.58 -5.82
C ALA B 306 -33.09 -33.63 -5.90
N THR B 307 -31.89 -33.28 -5.46
CA THR B 307 -30.80 -34.23 -5.33
C THR B 307 -30.21 -34.02 -3.95
N ARG B 308 -29.44 -34.99 -3.48
CA ARG B 308 -28.59 -34.80 -2.33
C ARG B 308 -27.18 -34.57 -2.84
N HIS B 309 -26.48 -33.61 -2.22
CA HIS B 309 -25.12 -33.26 -2.62
C HIS B 309 -25.20 -32.74 -4.07
N GLY B 310 -24.13 -32.18 -4.58
CA GLY B 310 -24.21 -31.54 -5.90
C GLY B 310 -22.90 -30.83 -6.12
N HIS B 311 -22.50 -30.67 -7.38
CA HIS B 311 -21.23 -30.02 -7.72
C HIS B 311 -20.04 -30.72 -7.04
N CYS B 312 -20.08 -32.04 -7.04
CA CYS B 312 -18.99 -32.84 -6.48
C CYS B 312 -18.97 -34.21 -7.17
N ALA B 313 -18.17 -35.15 -6.67
CA ALA B 313 -18.00 -36.43 -7.35
C ALA B 313 -19.31 -37.18 -7.63
N ALA B 314 -20.32 -37.03 -6.76
CA ALA B 314 -21.58 -37.77 -6.88
C ALA B 314 -22.74 -37.05 -6.20
N SER B 315 -23.92 -37.11 -6.83
CA SER B 315 -25.19 -36.68 -6.23
C SER B 315 -26.09 -37.91 -6.09
N ILE B 316 -27.16 -37.79 -5.33
CA ILE B 316 -28.13 -38.87 -5.17
C ILE B 316 -29.50 -38.33 -5.56
N ALA B 317 -30.25 -39.12 -6.33
CA ALA B 317 -31.62 -38.78 -6.68
C ALA B 317 -32.56 -39.97 -6.48
N ASP B 318 -33.84 -39.65 -6.41
CA ASP B 318 -34.89 -40.63 -6.18
C ASP B 318 -35.63 -40.85 -7.50
N CYS B 319 -35.66 -42.09 -7.97
CA CYS B 319 -36.32 -42.43 -9.24
C CYS B 319 -37.79 -42.03 -9.35
N ARG B 320 -38.57 -42.19 -8.27
CA ARG B 320 -39.95 -41.70 -8.24
C ARG B 320 -40.06 -40.18 -8.56
N ASP B 321 -39.20 -39.37 -7.94
CA ASP B 321 -39.15 -37.93 -8.22
C ASP B 321 -38.93 -37.70 -9.71
N ILE B 322 -38.03 -38.45 -10.32
CA ILE B 322 -37.70 -38.29 -11.73
C ILE B 322 -38.90 -38.65 -12.62
N LEU B 323 -39.55 -39.76 -12.30
CA LEU B 323 -40.72 -40.22 -13.05
C LEU B 323 -41.90 -39.25 -12.91
N GLN B 324 -42.10 -38.72 -11.71
CA GLN B 324 -43.13 -37.72 -11.45
C GLN B 324 -42.89 -36.39 -12.19
N GLU B 326 -41.28 -36.17 -15.13
CA GLU B 326 -41.66 -36.65 -16.46
C GLU B 326 -43.17 -36.57 -16.69
N GLN B 327 -43.93 -37.12 -15.75
CA GLN B 327 -45.38 -37.08 -15.76
C GLN B 327 -45.94 -35.65 -15.72
N LEU B 328 -45.42 -34.80 -14.84
CA LEU B 328 -45.90 -33.44 -14.77
C LEU B 328 -45.58 -32.65 -16.05
N LEU B 329 -44.40 -32.84 -16.62
CA LEU B 329 -44.01 -32.12 -17.84
C LEU B 329 -44.93 -32.46 -19.02
N SER B 330 -45.14 -33.75 -19.22
CA SER B 330 -46.07 -34.25 -20.23
C SER B 330 -47.48 -33.68 -20.06
N ALA B 331 -47.99 -33.71 -18.83
CA ALA B 331 -49.33 -33.19 -18.54
C ALA B 331 -49.44 -31.69 -18.79
N LEU B 332 -48.40 -30.95 -18.42
CA LEU B 332 -48.35 -29.51 -18.66
C LEU B 332 -48.40 -29.21 -20.17
N ILE B 333 -47.58 -29.92 -20.92
CA ILE B 333 -47.51 -29.75 -22.37
C ILE B 333 -48.88 -30.00 -23.02
N GLN B 334 -49.55 -31.05 -22.58
CA GLN B 334 -50.87 -31.40 -23.14
C GLN B 334 -51.96 -30.37 -22.81
N ARG B 335 -51.68 -29.46 -21.88
CA ARG B 335 -52.68 -28.46 -21.46
C ARG B 335 -52.29 -27.04 -21.84
N LEU B 336 -51.17 -26.89 -22.55
CA LEU B 336 -50.68 -25.55 -22.83
C LEU B 336 -51.29 -24.98 -24.12
N THR B 337 -52.57 -24.62 -24.03
CA THR B 337 -53.30 -24.09 -25.18
C THR B 337 -53.03 -22.59 -25.37
N ARG B 338 -53.35 -22.09 -26.55
CA ARG B 338 -53.20 -20.66 -26.85
C ARG B 338 -53.91 -19.84 -25.80
N GLU B 339 -55.15 -20.20 -25.48
CA GLU B 339 -55.94 -19.47 -24.51
C GLU B 339 -55.36 -19.54 -23.09
N THR B 340 -54.83 -20.69 -22.72
CA THR B 340 -54.17 -20.83 -21.42
C THR B 340 -52.99 -19.88 -21.33
N VAL B 341 -52.12 -19.86 -22.34
CA VAL B 341 -50.93 -19.01 -22.26
C VAL B 341 -51.24 -17.51 -22.37
N VAL B 342 -52.35 -17.15 -23.00
CA VAL B 342 -52.83 -15.76 -23.05
C VAL B 342 -53.32 -15.33 -21.65
N GLN B 343 -54.06 -16.22 -21.01
CA GLN B 343 -54.63 -16.00 -19.68
C GLN B 343 -53.53 -15.83 -18.62
N LEU B 344 -52.47 -16.62 -18.75
CA LEU B 344 -51.34 -16.56 -17.82
C LEU B 344 -50.41 -15.35 -18.07
N THR B 345 -50.67 -14.56 -19.12
CA THR B 345 -49.86 -13.34 -19.39
C THR B 345 -50.66 -12.02 -19.48
N ASP B 346 -51.90 -12.04 -18.97
CA ASP B 346 -52.77 -10.86 -19.03
C ASP B 346 -52.63 -10.02 -17.77
N PHE B 347 -52.06 -8.83 -17.91
CA PHE B 347 -51.80 -7.96 -16.76
C PHE B 347 -52.88 -6.91 -16.51
N ARG B 348 -53.90 -6.89 -17.37
CA ARG B 348 -55.06 -5.99 -17.22
C ARG B 348 -56.01 -6.49 -16.13
N ALA C 3 -48.51 22.02 -7.07
CA ALA C 3 -48.95 21.38 -5.79
C ALA C 3 -48.54 19.89 -5.75
N ASP C 5 -49.67 16.11 -4.88
CA ASP C 5 -50.82 15.24 -4.65
C ASP C 5 -50.45 14.18 -3.61
N LEU C 6 -50.63 14.54 -2.33
CA LEU C 6 -50.23 13.68 -1.22
C LEU C 6 -51.03 12.40 -1.14
N SER C 7 -52.31 12.42 -1.52
CA SER C 7 -53.07 11.18 -1.53
C SER C 7 -52.50 10.17 -2.56
N LEU C 8 -52.03 10.67 -3.70
CA LEU C 8 -51.36 9.83 -4.71
C LEU C 8 -50.03 9.29 -4.19
N LEU C 9 -49.23 10.16 -3.57
CA LEU C 9 -47.96 9.69 -3.06
C LEU C 9 -48.19 8.67 -1.94
N LYS C 10 -49.22 8.90 -1.11
CA LYS C 10 -49.58 7.96 -0.04
C LYS C 10 -49.95 6.60 -0.65
N ALA C 11 -50.84 6.60 -1.63
CA ALA C 11 -51.27 5.37 -2.31
C ALA C 11 -50.08 4.57 -2.86
N LEU C 12 -49.16 5.26 -3.52
CA LEU C 12 -47.98 4.63 -4.12
C LEU C 12 -46.99 4.09 -3.09
N SER C 13 -46.70 4.90 -2.07
CA SER C 13 -45.77 4.52 -1.01
C SER C 13 -46.28 3.30 -0.22
N GLU C 14 -47.58 3.33 0.11
CA GLU C 14 -48.19 2.30 0.91
C GLU C 14 -48.55 1.04 0.13
N ALA C 15 -48.59 1.12 -1.19
CA ALA C 15 -48.84 -0.07 -2.02
C ALA C 15 -47.75 -1.09 -1.73
N ASP C 16 -48.11 -2.37 -1.67
CA ASP C 16 -47.11 -3.44 -1.46
C ASP C 16 -46.87 -4.18 -2.75
N ALA C 17 -45.68 -3.99 -3.31
CA ALA C 17 -45.32 -4.52 -4.61
C ALA C 17 -43.86 -4.90 -4.67
N ILE C 18 -43.57 -6.17 -4.90
CA ILE C 18 -42.19 -6.64 -5.07
C ILE C 18 -42.08 -7.31 -6.44
N ALA C 19 -40.86 -7.65 -6.88
CA ALA C 19 -40.66 -8.31 -8.18
C ALA C 19 -41.66 -9.44 -8.44
N SER C 20 -42.23 -9.44 -9.63
CA SER C 20 -43.25 -10.40 -10.04
C SER C 20 -44.64 -10.25 -9.39
N SER C 21 -44.78 -9.38 -8.39
CA SER C 21 -46.10 -9.11 -7.78
C SER C 21 -46.28 -7.62 -7.58
N GLU C 22 -46.58 -6.93 -8.68
CA GLU C 22 -46.62 -5.49 -8.70
C GLU C 22 -48.02 -4.96 -9.01
N GLN C 23 -49.01 -5.84 -8.87
CA GLN C 23 -50.40 -5.51 -9.19
C GLN C 23 -50.92 -4.25 -8.46
N GLU C 24 -50.55 -4.07 -7.19
CA GLU C 24 -51.00 -2.89 -6.45
C GLU C 24 -50.55 -1.55 -7.06
N VAL C 25 -49.32 -1.49 -7.57
CA VAL C 25 -48.81 -0.30 -8.27
C VAL C 25 -49.33 -0.24 -9.71
N ARG C 26 -49.29 -1.37 -10.41
CA ARG C 26 -49.81 -1.43 -11.77
C ARG C 26 -51.25 -0.94 -11.86
N GLN C 27 -52.12 -1.37 -10.94
CA GLN C 27 -53.52 -0.92 -11.00
C GLN C 27 -53.67 0.60 -10.83
N ILE C 28 -52.87 1.20 -9.95
CA ILE C 28 -52.84 2.67 -9.81
C ILE C 28 -52.48 3.34 -11.13
N LEU C 29 -51.41 2.86 -11.76
CA LEU C 29 -51.00 3.35 -13.07
C LEU C 29 -52.06 3.18 -14.13
N LEU C 30 -52.68 2.01 -14.18
CA LEU C 30 -53.74 1.71 -15.14
C LEU C 30 -54.96 2.60 -14.98
N GLU C 31 -55.34 2.88 -13.73
CA GLU C 31 -56.43 3.83 -13.46
C GLU C 31 -56.13 5.23 -13.98
N GLU C 32 -54.89 5.70 -13.84
CA GLU C 32 -54.51 7.03 -14.33
C GLU C 32 -54.54 7.14 -15.85
N ALA C 33 -54.05 6.11 -16.52
CA ALA C 33 -54.01 6.07 -17.98
C ALA C 33 -55.41 5.97 -18.58
N ALA C 34 -56.28 5.17 -17.96
CA ALA C 34 -57.65 4.98 -18.45
C ALA C 34 -58.44 6.27 -18.34
N ARG C 35 -58.27 6.96 -17.21
CA ARG C 35 -58.97 8.22 -16.96
CA ARG C 35 -58.92 8.23 -16.91
C ARG C 35 -58.60 9.29 -17.98
N LEU C 36 -57.41 9.18 -18.57
CA LEU C 36 -56.96 10.12 -19.60
C LEU C 36 -57.02 9.50 -21.00
N GLN C 37 -57.69 8.35 -21.09
CA GLN C 37 -57.95 7.67 -22.37
C GLN C 37 -56.65 7.39 -23.10
N LYS C 38 -55.65 6.94 -22.35
CA LYS C 38 -54.34 6.70 -22.91
C LYS C 38 -54.09 5.22 -23.12
N GLU C 39 -53.45 4.91 -24.24
CA GLU C 39 -53.08 3.56 -24.63
C GLU C 39 -52.03 2.96 -23.68
N VAL C 40 -52.30 1.78 -23.15
CA VAL C 40 -51.34 1.07 -22.28
C VAL C 40 -50.94 -0.26 -22.88
N ARG C 41 -49.63 -0.48 -22.95
CA ARG C 41 -49.06 -1.76 -23.38
C ARG C 41 -48.21 -2.37 -22.26
N PHE C 42 -47.90 -3.66 -22.38
CA PHE C 42 -47.09 -4.37 -21.40
C PHE C 42 -45.96 -5.13 -22.09
N ASP C 43 -44.84 -5.31 -21.39
CA ASP C 43 -43.87 -6.32 -21.79
C ASP C 43 -44.21 -7.66 -21.14
N GLY C 44 -43.39 -8.68 -21.40
CA GLY C 44 -43.64 -10.03 -20.91
C GLY C 44 -43.53 -10.19 -19.41
N LEU C 45 -42.91 -9.22 -18.74
CA LEU C 45 -42.77 -9.24 -17.29
C LEU C 45 -43.85 -8.43 -16.57
N GLY C 46 -44.72 -7.77 -17.33
CA GLY C 46 -45.74 -6.91 -16.75
C GLY C 46 -45.38 -5.44 -16.60
N SER C 47 -44.22 -5.03 -17.14
CA SER C 47 -43.88 -3.60 -17.14
C SER C 47 -45.00 -2.83 -17.85
N VAL C 48 -45.31 -1.65 -17.34
CA VAL C 48 -46.38 -0.81 -17.87
C VAL C 48 -45.77 0.22 -18.82
N LEU C 49 -46.25 0.21 -20.07
CA LEU C 49 -45.77 1.10 -21.13
C LEU C 49 -46.90 2.05 -21.55
N ILE C 50 -46.75 3.33 -21.19
CA ILE C 50 -47.77 4.32 -21.49
C ILE C 50 -47.26 5.27 -22.55
N ARG C 51 -47.94 5.24 -23.70
CA ARG C 51 -47.68 6.18 -24.76
C ARG C 51 -48.39 7.50 -24.44
N LEU C 52 -47.59 8.53 -24.11
CA LEU C 52 -48.13 9.83 -23.76
C LEU C 52 -48.83 10.48 -24.95
N ASN C 53 -48.21 10.37 -26.12
CA ASN C 53 -48.65 11.11 -27.30
C ASN C 53 -48.30 10.40 -28.60
N GLU C 54 -48.72 10.99 -29.72
CA GLU C 54 -48.29 10.55 -31.04
C GLU C 54 -47.46 11.65 -31.71
N SER C 55 -46.28 11.27 -32.19
CA SER C 55 -45.34 12.20 -32.74
C SER C 55 -44.43 11.47 -33.72
N THR C 56 -43.96 12.20 -34.71
CA THR C 56 -43.01 11.70 -35.69
C THR C 56 -41.59 12.06 -35.25
N GLY C 57 -41.49 12.77 -34.13
CA GLY C 57 -40.20 13.08 -33.52
C GLY C 57 -39.57 11.89 -32.80
N PRO C 58 -38.39 12.12 -32.17
CA PRO C 58 -37.67 11.01 -31.54
C PRO C 58 -38.46 10.37 -30.40
N LYS C 59 -38.24 9.08 -30.18
CA LYS C 59 -38.85 8.37 -29.06
C LYS C 59 -38.07 8.62 -27.77
N VAL C 60 -38.77 9.16 -26.77
CA VAL C 60 -38.19 9.36 -25.44
C VAL C 60 -38.88 8.44 -24.41
N ILE C 62 -39.22 7.58 -20.40
CA ILE C 62 -39.00 8.01 -19.03
C ILE C 62 -39.36 6.80 -18.16
N CYS C 63 -38.39 6.28 -17.41
CA CYS C 63 -38.47 4.97 -16.78
C CYS C 63 -38.32 5.04 -15.24
N ALA C 64 -39.29 4.46 -14.54
CA ALA C 64 -39.22 4.28 -13.09
C ALA C 64 -39.45 2.79 -12.82
N HIS C 65 -39.10 2.31 -11.62
CA HIS C 65 -39.44 0.92 -11.28
C HIS C 65 -40.59 0.80 -10.26
N ASP C 67 -41.29 -2.01 -8.27
CA ASP C 67 -41.02 -2.88 -7.14
C ASP C 67 -40.26 -2.16 -6.04
N GLU C 68 -40.42 -2.65 -4.81
CA GLU C 68 -39.73 -2.12 -3.66
C GLU C 68 -38.93 -3.29 -3.08
N VAL C 69 -37.93 -2.98 -2.25
CA VAL C 69 -37.24 -4.04 -1.50
C VAL C 69 -38.19 -4.51 -0.40
N GLY C 70 -38.10 -5.80 -0.10
CA GLY C 70 -38.96 -6.43 0.89
C GLY C 70 -38.48 -7.84 1.17
N PHE C 71 -39.42 -8.73 1.51
CA PHE C 71 -39.12 -10.12 1.82
C PHE C 71 -40.18 -11.02 1.14
N VAL C 73 -42.13 -14.94 1.72
CA VAL C 73 -42.34 -16.12 2.54
C VAL C 73 -41.66 -17.32 1.88
N ARG C 74 -40.79 -17.98 2.62
CA ARG C 74 -40.07 -19.13 2.12
C ARG C 74 -40.65 -20.43 2.68
N SER C 75 -40.95 -20.42 3.98
CA SER C 75 -41.23 -21.65 4.70
C SER C 75 -41.95 -21.39 6.01
N ILE C 76 -42.77 -22.34 6.44
CA ILE C 76 -43.50 -22.22 7.69
C ILE C 76 -43.14 -23.43 8.55
N SER C 77 -42.66 -23.19 9.77
CA SER C 77 -42.26 -24.28 10.67
C SER C 77 -43.45 -24.86 11.43
N ARG C 78 -43.26 -26.03 12.06
CA ARG C 78 -44.30 -26.66 12.89
C ARG C 78 -44.80 -25.76 14.04
N GLU C 79 -43.96 -24.80 14.44
CA GLU C 79 -44.28 -23.83 15.50
C GLU C 79 -45.03 -22.58 14.99
N GLY C 80 -45.23 -22.47 13.68
CA GLY C 80 -45.84 -21.28 13.11
C GLY C 80 -44.90 -20.11 12.88
N ALA C 81 -43.59 -20.36 12.93
CA ALA C 81 -42.61 -19.37 12.47
C ALA C 81 -42.64 -19.29 10.94
N ILE C 82 -42.56 -18.08 10.40
CA ILE C 82 -42.60 -17.91 8.96
C ILE C 82 -41.21 -17.47 8.48
N ASP C 83 -40.39 -18.41 7.97
CA ASP C 83 -39.10 -18.08 7.34
C ASP C 83 -39.31 -17.22 6.11
N VAL C 84 -38.50 -16.18 5.98
CA VAL C 84 -38.58 -15.31 4.80
C VAL C 84 -37.18 -15.08 4.25
N LEU C 85 -37.09 -14.76 2.95
CA LEU C 85 -35.86 -14.28 2.35
C LEU C 85 -36.03 -12.86 1.83
N PRO C 86 -34.95 -12.05 1.88
CA PRO C 86 -35.00 -10.71 1.34
C PRO C 86 -35.15 -10.69 -0.19
N VAL C 87 -35.91 -9.71 -0.68
CA VAL C 87 -36.08 -9.48 -2.10
C VAL C 87 -35.50 -8.09 -2.33
N GLY C 88 -34.37 -8.02 -3.04
CA GLY C 88 -33.61 -6.77 -3.12
C GLY C 88 -32.65 -6.60 -1.94
N ASN C 89 -31.84 -5.56 -1.99
CA ASN C 89 -30.87 -5.29 -0.93
C ASN C 89 -31.49 -4.51 0.22
N VAL C 90 -32.14 -5.22 1.14
CA VAL C 90 -32.63 -4.62 2.37
C VAL C 90 -31.42 -4.35 3.26
N ARG C 91 -31.34 -3.14 3.82
CA ARG C 91 -30.24 -2.80 4.73
C ARG C 91 -30.17 -3.82 5.86
N ALA C 93 -29.21 -3.38 8.81
CA ALA C 93 -29.73 -2.76 10.02
C ALA C 93 -31.25 -2.60 10.02
N ALA C 94 -31.92 -3.10 8.96
CA ALA C 94 -33.38 -3.08 8.83
C ALA C 94 -34.00 -4.48 8.85
N ARG C 95 -33.30 -5.42 9.47
CA ARG C 95 -33.73 -6.82 9.44
C ARG C 95 -33.97 -7.36 10.86
N GLN C 96 -34.04 -6.45 11.83
CA GLN C 96 -34.18 -6.86 13.22
C GLN C 96 -35.28 -6.10 13.92
N LEU C 97 -36.22 -6.86 14.47
CA LEU C 97 -37.37 -6.33 15.20
C LEU C 97 -38.10 -5.23 14.39
N GLN C 98 -38.45 -5.57 13.15
CA GLN C 98 -39.17 -4.65 12.24
C GLN C 98 -40.65 -5.05 12.04
N PRO C 99 -41.59 -4.13 12.31
CA PRO C 99 -42.98 -4.36 11.91
C PRO C 99 -43.13 -4.54 10.40
N VAL C 100 -43.84 -5.60 10.00
CA VAL C 100 -44.06 -5.93 8.61
C VAL C 100 -45.49 -6.37 8.41
N ARG C 101 -45.87 -6.57 7.14
CA ARG C 101 -47.14 -7.23 6.82
C ARG C 101 -46.97 -8.12 5.61
N ILE C 102 -47.73 -9.21 5.62
CA ILE C 102 -47.70 -10.24 4.60
C ILE C 102 -48.98 -10.12 3.80
N THR C 103 -48.87 -10.10 2.47
CA THR C 103 -50.05 -10.15 1.61
C THR C 103 -50.19 -11.51 0.96
N THR C 104 -51.33 -12.14 1.20
CA THR C 104 -51.63 -13.47 0.70
C THR C 104 -52.19 -13.42 -0.72
N ARG C 105 -52.37 -14.58 -1.33
CA ARG C 105 -52.99 -14.73 -2.66
C ARG C 105 -54.43 -14.22 -2.72
N GLU C 106 -55.11 -14.20 -1.57
CA GLU C 106 -56.46 -13.66 -1.47
CA GLU C 106 -56.45 -13.67 -1.45
C GLU C 106 -56.43 -12.15 -1.18
N GLU C 107 -55.23 -11.56 -1.22
CA GLU C 107 -54.97 -10.13 -0.95
C GLU C 107 -55.30 -9.68 0.48
N CYS C 108 -55.31 -10.60 1.44
CA CYS C 108 -55.44 -10.21 2.84
C CYS C 108 -54.06 -9.79 3.34
N LYS C 109 -54.04 -8.86 4.29
CA LYS C 109 -52.81 -8.35 4.86
C LYS C 109 -52.73 -8.69 6.33
N ILE C 110 -51.74 -9.51 6.67
CA ILE C 110 -51.51 -9.94 8.04
C ILE C 110 -50.27 -9.26 8.62
N PRO C 111 -50.44 -8.45 9.68
CA PRO C 111 -49.31 -7.77 10.29
C PRO C 111 -48.43 -8.75 11.07
N GLY C 112 -47.15 -8.42 11.20
CA GLY C 112 -46.21 -9.25 11.93
C GLY C 112 -44.96 -8.51 12.35
N LEU C 113 -44.13 -9.18 13.14
CA LEU C 113 -42.84 -8.65 13.53
C LEU C 113 -41.73 -9.49 12.91
N LEU C 114 -40.90 -8.87 12.08
CA LEU C 114 -39.74 -9.53 11.51
C LEU C 114 -38.56 -9.48 12.46
N ASP C 115 -37.86 -10.59 12.62
CA ASP C 115 -36.59 -10.58 13.32
C ASP C 115 -35.61 -11.47 12.61
N GLY C 116 -34.33 -11.17 12.79
CA GLY C 116 -33.26 -11.93 12.18
C GLY C 116 -32.14 -12.23 13.16
N ASP C 117 -31.25 -13.12 12.73
CA ASP C 117 -30.11 -13.54 13.52
C ASP C 117 -28.88 -12.77 13.05
N ARG C 118 -28.29 -11.95 13.93
CA ARG C 118 -27.10 -11.20 13.55
C ARG C 118 -25.79 -11.97 13.79
N GLN C 119 -24.95 -12.04 12.75
CA GLN C 119 -23.57 -12.48 12.90
C GLN C 119 -22.63 -11.48 12.24
N GLY C 120 -22.05 -10.60 13.05
CA GLY C 120 -21.18 -9.52 12.57
C GLY C 120 -21.96 -8.45 11.85
N ASN C 121 -21.55 -8.18 10.60
CA ASN C 121 -22.29 -7.28 9.70
C ASN C 121 -23.63 -7.88 9.28
N ASP C 122 -23.62 -9.18 8.98
CA ASP C 122 -24.75 -9.88 8.35
C ASP C 122 -25.88 -10.24 9.31
N VAL C 123 -27.10 -10.08 8.81
CA VAL C 123 -28.30 -10.60 9.45
C VAL C 123 -28.97 -11.56 8.47
N SER C 124 -29.14 -12.81 8.91
CA SER C 124 -29.78 -13.83 8.10
C SER C 124 -30.73 -14.66 8.97
N ALA C 125 -31.29 -15.73 8.37
CA ALA C 125 -32.28 -16.59 9.03
C ALA C 125 -33.43 -15.74 9.57
N ARG C 127 -37.19 -14.45 10.24
CA ARG C 127 -38.51 -15.01 10.48
C ARG C 127 -39.50 -13.91 10.80
N VAL C 128 -40.74 -14.13 10.40
CA VAL C 128 -41.82 -13.23 10.73
C VAL C 128 -42.72 -13.92 11.75
N ASP C 129 -43.10 -13.17 12.77
CA ASP C 129 -43.98 -13.68 13.82
C ASP C 129 -45.33 -12.98 13.69
N ILE C 130 -46.37 -13.78 13.47
CA ILE C 130 -47.74 -13.28 13.47
C ILE C 130 -48.48 -13.75 14.72
N GLY C 131 -47.74 -14.26 15.70
CA GLY C 131 -48.34 -14.77 16.93
C GLY C 131 -48.82 -16.21 16.85
N ALA C 132 -48.53 -16.88 15.74
CA ALA C 132 -49.01 -18.25 15.53
C ALA C 132 -48.22 -19.26 16.35
N ARG C 133 -48.88 -20.37 16.69
CA ARG C 133 -48.33 -21.40 17.55
C ARG C 133 -48.16 -22.70 16.80
N THR C 134 -48.76 -22.78 15.62
CA THR C 134 -48.68 -23.97 14.79
C THR C 134 -48.61 -23.62 13.31
N TYR C 135 -48.08 -24.57 12.53
CA TYR C 135 -48.16 -24.56 11.09
C TYR C 135 -49.58 -24.30 10.58
N ASP C 136 -50.55 -25.04 11.11
CA ASP C 136 -51.91 -24.95 10.59
CA ASP C 136 -51.94 -24.98 10.64
C ASP C 136 -52.54 -23.58 10.84
N GLU C 137 -52.19 -22.94 11.96
CA GLU C 137 -52.64 -21.54 12.22
C GLU C 137 -52.19 -20.58 11.13
N VAL C 138 -50.95 -20.71 10.68
CA VAL C 138 -50.46 -19.89 9.58
C VAL C 138 -51.20 -20.21 8.27
N GLN C 140 -54.18 -21.35 8.05
CA GLN C 140 -55.55 -20.82 8.20
C GLN C 140 -55.63 -19.32 7.91
N ALA C 141 -54.55 -18.60 8.19
CA ALA C 141 -54.50 -17.16 7.88
C ALA C 141 -54.33 -16.88 6.38
N GLY C 142 -54.16 -17.92 5.57
CA GLY C 142 -54.07 -17.77 4.11
C GLY C 142 -52.64 -17.61 3.61
N ILE C 143 -51.68 -17.72 4.52
CA ILE C 143 -50.25 -17.51 4.22
C ILE C 143 -49.61 -18.74 3.58
N ARG C 144 -48.86 -18.51 2.50
CA ARG C 144 -48.19 -19.58 1.74
C ARG C 144 -46.80 -19.14 1.29
N PRO C 145 -45.90 -20.11 1.04
CA PRO C 145 -44.64 -19.82 0.35
C PRO C 145 -44.86 -18.95 -0.87
N GLY C 146 -44.02 -17.93 -1.05
CA GLY C 146 -44.18 -17.01 -2.16
C GLY C 146 -44.86 -15.68 -1.83
N ASP C 147 -45.54 -15.59 -0.68
CA ASP C 147 -46.24 -14.34 -0.30
C ASP C 147 -45.26 -13.20 -0.06
N ARG C 148 -45.62 -12.01 -0.56
CA ARG C 148 -44.82 -10.83 -0.39
C ARG C 148 -44.95 -10.28 1.02
N VAL C 149 -43.83 -9.75 1.50
CA VAL C 149 -43.70 -9.21 2.84
C VAL C 149 -43.07 -7.85 2.69
N THR C 150 -43.71 -6.83 3.27
CA THR C 150 -43.24 -5.46 3.15
C THR C 150 -43.28 -4.78 4.51
N PHE C 151 -42.47 -3.72 4.67
CA PHE C 151 -42.47 -2.92 5.88
C PHE C 151 -43.85 -2.34 6.14
N ASP C 152 -44.22 -2.31 7.42
CA ASP C 152 -45.57 -1.95 7.79
C ASP C 152 -45.68 -0.45 8.02
N THR C 153 -45.29 0.35 7.02
CA THR C 153 -45.13 1.80 7.21
C THR C 153 -46.28 2.63 6.66
N THR C 154 -46.81 3.50 7.52
CA THR C 154 -47.81 4.49 7.11
C THR C 154 -47.08 5.72 6.58
N PHE C 155 -47.55 6.24 5.46
CA PHE C 155 -46.99 7.45 4.85
C PHE C 155 -47.29 8.63 5.76
N GLN C 156 -46.28 9.47 6.03
CA GLN C 156 -46.47 10.60 6.94
C GLN C 156 -45.89 11.90 6.45
N VAL C 157 -46.58 12.99 6.76
CA VAL C 157 -46.09 14.30 6.47
C VAL C 157 -45.18 14.75 7.63
N LEU C 158 -44.04 15.33 7.26
CA LEU C 158 -43.08 15.88 8.22
C LEU C 158 -43.15 17.41 8.22
N PRO C 159 -42.58 18.08 9.25
CA PRO C 159 -42.61 19.55 9.21
C PRO C 159 -41.85 20.10 7.99
N HIS C 160 -42.12 21.36 7.63
CA HIS C 160 -41.40 22.07 6.56
C HIS C 160 -41.49 21.36 5.20
N GLN C 161 -42.68 20.84 4.92
CA GLN C 161 -43.00 20.26 3.60
C GLN C 161 -42.03 19.17 3.14
N ARG C 162 -41.82 18.21 4.04
CA ARG C 162 -41.07 17.02 3.72
C ARG C 162 -41.99 15.85 4.03
N VAL C 163 -41.67 14.69 3.48
CA VAL C 163 -42.54 13.52 3.64
C VAL C 163 -41.72 12.30 4.01
N GLY C 165 -41.97 7.90 4.25
CA GLY C 165 -42.71 6.65 4.00
C GLY C 165 -41.81 5.58 3.40
N LYS C 166 -42.31 4.35 3.31
CA LYS C 166 -41.56 3.27 2.68
C LYS C 166 -41.59 3.38 1.16
N ALA C 167 -40.66 2.66 0.54
CA ALA C 167 -40.65 2.48 -0.91
C ALA C 167 -40.48 3.77 -1.73
N PHE C 168 -39.94 4.83 -1.12
CA PHE C 168 -39.62 6.05 -1.87
C PHE C 168 -38.68 5.75 -3.07
N ASP C 169 -37.80 4.78 -2.87
CA ASP C 169 -37.14 4.04 -3.95
C ASP C 169 -38.07 2.88 -4.37
N ASP C 170 -38.87 3.00 -5.43
CA ASP C 170 -38.83 4.06 -6.43
C ASP C 170 -40.23 4.66 -6.61
N ARG C 171 -41.03 4.68 -5.56
CA ARG C 171 -42.40 5.20 -5.68
C ARG C 171 -42.45 6.71 -5.90
N LEU C 172 -41.40 7.43 -5.50
CA LEU C 172 -41.28 8.84 -5.83
C LEU C 172 -41.24 9.03 -7.34
N SER C 173 -40.50 8.15 -8.02
CA SER C 173 -40.42 8.21 -9.45
C SER C 173 -41.69 7.73 -10.17
N CYS C 174 -42.38 6.74 -9.62
CA CYS C 174 -43.71 6.37 -10.13
C CYS C 174 -44.68 7.57 -10.01
N TYR C 175 -44.56 8.29 -8.91
CA TYR C 175 -45.35 9.49 -8.65
C TYR C 175 -45.08 10.50 -9.77
N LEU C 176 -43.80 10.69 -10.08
CA LEU C 176 -43.41 11.59 -11.16
C LEU C 176 -43.97 11.18 -12.52
N LEU C 177 -43.99 9.88 -12.81
CA LEU C 177 -44.60 9.42 -14.06
C LEU C 177 -46.06 9.85 -14.19
N VAL C 178 -46.80 9.72 -13.09
CA VAL C 178 -48.22 10.04 -13.08
C VAL C 178 -48.48 11.52 -13.24
N THR C 179 -47.68 12.35 -12.58
CA THR C 179 -47.94 13.78 -12.63
C THR C 179 -47.53 14.35 -13.99
N LEU C 180 -46.55 13.72 -14.64
CA LEU C 180 -46.16 14.08 -15.99
C LEU C 180 -47.27 13.72 -16.96
N LEU C 181 -47.84 12.54 -16.79
CA LEU C 181 -49.00 12.11 -17.56
C LEU C 181 -50.18 13.06 -17.38
N ARG C 182 -50.45 13.47 -16.16
CA ARG C 182 -51.55 14.40 -15.88
C ARG C 182 -51.32 15.77 -16.50
N GLU C 183 -50.07 16.24 -16.48
CA GLU C 183 -49.75 17.57 -16.98
C GLU C 183 -49.69 17.61 -18.52
N LEU C 184 -49.08 16.58 -19.10
CA LEU C 184 -48.74 16.62 -20.51
C LEU C 184 -49.66 15.81 -21.43
N HIS C 185 -50.73 15.23 -20.90
CA HIS C 185 -51.63 14.37 -21.69
C HIS C 185 -52.21 15.01 -22.97
N ASP C 186 -52.33 16.33 -22.97
CA ASP C 186 -52.89 17.05 -24.12
C ASP C 186 -51.89 18.00 -24.80
N ALA C 187 -50.63 17.94 -24.39
CA ALA C 187 -49.62 18.85 -24.90
C ALA C 187 -49.15 18.46 -26.30
N GLU C 188 -48.78 19.46 -27.10
CA GLU C 188 -48.12 19.23 -28.38
C GLU C 188 -46.62 19.20 -28.11
N LEU C 189 -45.99 18.08 -28.45
CA LEU C 189 -44.61 17.80 -28.07
C LEU C 189 -43.75 17.44 -29.28
N PRO C 190 -42.45 17.81 -29.27
CA PRO C 190 -41.56 17.51 -30.39
C PRO C 190 -41.05 16.06 -30.37
N ALA C 191 -41.39 15.32 -29.31
CA ALA C 191 -40.94 13.96 -29.16
C ALA C 191 -42.13 13.06 -28.87
N GLU C 192 -42.02 11.77 -29.20
CA GLU C 192 -43.00 10.78 -28.75
C GLU C 192 -42.52 10.20 -27.43
N VAL C 193 -43.29 10.46 -26.38
CA VAL C 193 -42.93 10.10 -25.02
C VAL C 193 -43.59 8.79 -24.57
N TRP C 194 -42.76 7.90 -24.02
CA TRP C 194 -43.24 6.71 -23.38
C TRP C 194 -42.87 6.76 -21.91
N LEU C 195 -43.90 6.60 -21.08
CA LEU C 195 -43.75 6.53 -19.63
C LEU C 195 -43.81 5.07 -19.27
N VAL C 196 -42.74 4.59 -18.65
CA VAL C 196 -42.55 3.18 -18.40
C VAL C 196 -42.36 2.95 -16.91
N ALA C 197 -43.23 2.13 -16.34
CA ALA C 197 -43.03 1.64 -14.99
C ALA C 197 -42.57 0.20 -15.15
N SER C 198 -41.30 -0.04 -14.89
CA SER C 198 -40.74 -1.35 -15.17
C SER C 198 -40.83 -2.27 -13.98
N SER C 199 -40.83 -3.56 -14.30
CA SER C 199 -40.98 -4.61 -13.33
C SER C 199 -39.63 -5.10 -12.83
N SER C 200 -39.54 -5.43 -11.54
CA SER C 200 -38.44 -6.23 -10.99
C SER C 200 -37.01 -5.63 -11.04
N GLU C 201 -36.84 -4.34 -10.75
CA GLU C 201 -35.51 -3.70 -10.77
CA GLU C 201 -35.50 -3.77 -10.81
C GLU C 201 -34.63 -4.07 -9.58
N GLU C 202 -35.26 -4.25 -8.41
CA GLU C 202 -34.51 -4.48 -7.17
C GLU C 202 -33.72 -5.81 -7.14
N VAL C 203 -34.04 -6.70 -8.06
CA VAL C 203 -33.42 -8.02 -8.10
C VAL C 203 -32.41 -8.19 -9.26
N GLY C 204 -32.17 -7.10 -10.00
CA GLY C 204 -31.22 -7.08 -11.11
C GLY C 204 -31.57 -6.10 -12.21
N LEU C 205 -31.21 -6.45 -13.45
CA LEU C 205 -31.40 -5.58 -14.61
C LEU C 205 -32.68 -5.96 -15.38
N ARG C 206 -33.75 -6.24 -14.63
CA ARG C 206 -34.81 -7.11 -15.14
C ARG C 206 -35.83 -6.51 -16.12
N GLY C 207 -36.88 -5.89 -15.58
CA GLY C 207 -37.91 -5.29 -16.40
C GLY C 207 -37.42 -4.13 -17.23
N GLY C 208 -36.33 -3.49 -16.76
CA GLY C 208 -35.68 -2.39 -17.47
C GLY C 208 -35.26 -2.79 -18.87
N GLN C 209 -34.48 -3.85 -18.94
CA GLN C 209 -34.04 -4.49 -20.18
C GLN C 209 -35.20 -4.79 -21.15
N THR C 210 -36.19 -5.55 -20.69
CA THR C 210 -37.30 -5.97 -21.55
C THR C 210 -38.22 -4.81 -21.99
N ALA C 211 -38.52 -3.89 -21.08
CA ALA C 211 -39.34 -2.72 -21.43
C ALA C 211 -38.65 -1.80 -22.45
N THR C 212 -37.35 -1.58 -22.25
CA THR C 212 -36.57 -0.78 -23.21
C THR C 212 -36.64 -1.39 -24.63
N ARG C 213 -36.49 -2.71 -24.72
CA ARG C 213 -36.60 -3.40 -26.00
C ARG C 213 -37.99 -3.25 -26.60
N ALA C 214 -39.03 -3.32 -25.78
CA ALA C 214 -40.39 -3.16 -26.28
C ALA C 214 -40.61 -1.74 -26.83
N VAL C 215 -39.97 -0.74 -26.21
CA VAL C 215 -40.14 0.66 -26.63
C VAL C 215 -39.16 1.10 -27.71
N SER C 216 -37.92 0.62 -27.64
CA SER C 216 -36.84 1.04 -28.51
C SER C 216 -36.70 2.57 -28.57
N PRO C 217 -36.40 3.22 -27.43
CA PRO C 217 -36.33 4.69 -27.46
C PRO C 217 -35.07 5.20 -28.17
N ASP C 218 -35.08 6.47 -28.54
CA ASP C 218 -33.88 7.15 -29.05
C ASP C 218 -33.05 7.75 -27.92
N VAL C 219 -33.72 8.03 -26.80
CA VAL C 219 -33.13 8.64 -25.60
C VAL C 219 -33.94 8.13 -24.41
N ALA C 220 -33.29 7.99 -23.26
CA ALA C 220 -33.95 7.49 -22.06
C ALA C 220 -33.51 8.28 -20.84
N ILE C 221 -34.48 8.66 -20.02
CA ILE C 221 -34.23 9.16 -18.68
C ILE C 221 -34.74 8.14 -17.69
N VAL C 222 -33.84 7.63 -16.86
CA VAL C 222 -34.17 6.67 -15.84
C VAL C 222 -34.29 7.45 -14.52
N LEU C 223 -35.43 7.33 -13.87
CA LEU C 223 -35.64 8.00 -12.60
C LEU C 223 -35.41 7.04 -11.44
N ASP C 224 -34.49 7.40 -10.56
CA ASP C 224 -34.22 6.62 -9.37
C ASP C 224 -33.80 7.59 -8.28
N THR C 225 -33.68 7.08 -7.06
CA THR C 225 -33.34 7.88 -5.89
C THR C 225 -32.11 7.30 -5.22
N ALA C 226 -31.47 8.10 -4.36
CA ALA C 226 -30.35 7.61 -3.54
C ALA C 226 -30.22 8.45 -2.27
N CYS C 227 -29.59 7.88 -1.25
CA CYS C 227 -29.27 8.62 -0.04
C CYS C 227 -27.78 8.57 0.27
N TRP C 228 -27.30 9.54 1.05
CA TRP C 228 -25.91 9.58 1.47
C TRP C 228 -25.78 8.82 2.78
N ALA C 229 -24.80 7.91 2.84
CA ALA C 229 -24.58 7.05 4.02
C ALA C 229 -24.45 7.79 5.35
N LYS C 230 -23.77 8.94 5.34
CA LYS C 230 -23.61 9.79 6.52
C LYS C 230 -24.67 10.88 6.52
N ASN C 231 -25.83 10.53 7.09
CA ASN C 231 -27.06 11.31 6.95
C ASN C 231 -27.02 12.82 7.23
N PHE C 232 -26.37 13.23 8.32
CA PHE C 232 -26.33 14.66 8.69
C PHE C 232 -25.05 15.41 8.32
N ASP C 233 -24.26 14.82 7.42
CA ASP C 233 -23.08 15.50 6.87
C ASP C 233 -23.55 16.32 5.66
N TYR C 234 -23.72 17.62 5.88
CA TYR C 234 -24.16 18.51 4.80
C TYR C 234 -22.98 19.15 4.08
N GLY C 235 -21.80 18.53 4.21
CA GLY C 235 -20.57 19.02 3.59
C GLY C 235 -20.60 18.92 2.07
N ALA C 236 -19.49 19.32 1.45
CA ALA C 236 -19.37 19.37 -0.01
C ALA C 236 -19.38 17.99 -0.68
N ALA C 237 -19.06 16.94 0.07
CA ALA C 237 -19.04 15.58 -0.47
C ALA C 237 -20.44 14.93 -0.53
N ASN C 238 -21.39 15.40 0.27
CA ASN C 238 -22.78 14.94 0.17
C ASN C 238 -23.52 15.67 -0.95
N HIS C 239 -23.72 14.97 -2.08
CA HIS C 239 -24.48 15.50 -3.23
C HIS C 239 -25.87 14.84 -3.33
N ARG C 240 -26.39 14.43 -2.18
CA ARG C 240 -27.70 13.81 -2.08
C ARG C 240 -28.44 14.45 -0.91
N GLN C 241 -28.31 15.77 -0.80
CA GLN C 241 -28.97 16.48 0.28
C GLN C 241 -30.38 16.84 -0.18
N ILE C 242 -31.37 16.42 0.60
CA ILE C 242 -32.76 16.81 0.35
C ILE C 242 -32.91 18.32 0.53
N GLY C 243 -33.62 18.96 -0.40
CA GLY C 243 -33.76 20.39 -0.41
C GLY C 243 -32.72 21.09 -1.27
N ASN C 244 -31.72 20.34 -1.76
CA ASN C 244 -30.68 20.95 -2.60
C ASN C 244 -30.91 20.72 -4.10
N GLY C 245 -32.10 20.25 -4.46
CA GLY C 245 -32.48 20.07 -5.86
C GLY C 245 -32.30 18.63 -6.33
N PRO C 246 -32.88 18.31 -7.50
CA PRO C 246 -32.80 16.96 -8.06
C PRO C 246 -31.36 16.57 -8.29
N LEU C 248 -28.45 14.72 -10.50
CA LEU C 248 -28.08 14.25 -11.83
C LEU C 248 -26.96 13.24 -11.61
N VAL C 249 -27.19 11.98 -11.96
CA VAL C 249 -26.19 10.94 -11.71
C VAL C 249 -25.19 10.87 -12.87
N LEU C 250 -23.95 11.29 -12.60
CA LEU C 250 -22.85 11.25 -13.56
C LEU C 250 -22.35 9.84 -13.80
N SER C 251 -22.45 8.99 -12.79
CA SER C 251 -22.00 7.62 -12.93
C SER C 251 -22.53 6.75 -11.79
N ASP C 252 -22.69 5.47 -12.11
CA ASP C 252 -22.95 4.45 -11.11
C ASP C 252 -22.22 3.20 -11.58
N LYS C 253 -22.38 2.10 -10.86
CA LYS C 253 -21.69 0.85 -11.18
C LYS C 253 -22.05 0.36 -12.58
N SER C 254 -23.29 0.61 -12.99
CA SER C 254 -23.82 0.09 -14.25
C SER C 254 -23.83 1.07 -15.46
N LEU C 255 -23.61 2.38 -15.22
CA LEU C 255 -23.67 3.41 -16.28
C LEU C 255 -22.77 4.64 -16.04
N ILE C 256 -22.05 5.08 -17.06
CA ILE C 256 -21.43 6.42 -17.05
C ILE C 256 -22.18 7.31 -18.05
N ALA C 257 -22.92 8.30 -17.55
CA ALA C 257 -23.78 9.14 -18.37
C ALA C 257 -23.00 9.87 -19.48
N PRO C 258 -23.64 10.09 -20.65
CA PRO C 258 -22.91 10.75 -21.73
C PRO C 258 -22.75 12.23 -21.43
N PRO C 259 -21.51 12.74 -21.44
CA PRO C 259 -21.22 14.16 -21.19
C PRO C 259 -22.06 15.10 -22.02
N LYS C 260 -22.39 14.72 -23.26
CA LYS C 260 -23.17 15.58 -24.14
C LYS C 260 -24.60 15.70 -23.61
N LEU C 261 -25.17 14.59 -23.16
CA LEU C 261 -26.49 14.59 -22.55
C LEU C 261 -26.50 15.33 -21.20
N THR C 262 -25.50 15.11 -20.36
CA THR C 262 -25.51 15.76 -19.04
C THR C 262 -25.32 17.27 -19.20
N ALA C 263 -24.43 17.68 -20.12
CA ALA C 263 -24.25 19.10 -20.42
C ALA C 263 -25.56 19.75 -20.86
N TRP C 264 -26.31 19.09 -21.74
CA TRP C 264 -27.58 19.64 -22.22
C TRP C 264 -28.60 19.87 -21.09
N ILE C 265 -28.80 18.82 -20.28
CA ILE C 265 -29.68 18.87 -19.12
C ILE C 265 -29.28 19.96 -18.14
N GLU C 266 -27.99 20.06 -17.85
CA GLU C 266 -27.47 21.15 -17.04
C GLU C 266 -27.85 22.54 -17.59
N THR C 267 -27.81 22.70 -18.91
CA THR C 267 -28.18 24.00 -19.52
C THR C 267 -29.68 24.27 -19.43
N VAL C 268 -30.51 23.23 -19.56
CA VAL C 268 -31.96 23.37 -19.39
C VAL C 268 -32.34 23.69 -17.95
N ALA C 269 -31.71 23.01 -16.99
CA ALA C 269 -32.00 23.26 -15.58
C ALA C 269 -31.63 24.69 -15.17
N ALA C 270 -30.48 25.18 -15.68
CA ALA C 270 -30.02 26.54 -15.42
C ALA C 270 -30.95 27.59 -16.04
N GLU C 271 -31.49 27.30 -17.23
CA GLU C 271 -32.50 28.16 -17.85
C GLU C 271 -33.75 28.31 -16.99
N ILE C 272 -34.26 27.20 -16.47
CA ILE C 272 -35.53 27.23 -15.72
C ILE C 272 -35.33 27.46 -14.20
N GLY C 273 -34.08 27.56 -13.77
CA GLY C 273 -33.79 27.86 -12.36
C GLY C 273 -33.90 26.69 -11.40
N VAL C 274 -33.73 25.48 -11.92
CA VAL C 274 -33.69 24.29 -11.07
C VAL C 274 -32.23 23.95 -10.73
N PRO C 275 -31.87 24.00 -9.44
CA PRO C 275 -30.52 23.62 -9.06
C PRO C 275 -30.34 22.10 -9.13
N LEU C 276 -29.14 21.66 -9.48
CA LEU C 276 -28.87 20.24 -9.62
C LEU C 276 -27.71 19.82 -8.73
N GLN C 277 -27.77 18.59 -8.25
CA GLN C 277 -26.68 17.99 -7.49
C GLN C 277 -26.08 16.90 -8.37
N ALA C 278 -24.81 17.04 -8.73
CA ALA C 278 -24.15 16.06 -9.60
C ALA C 278 -23.56 15.01 -8.69
N ASP C 279 -23.99 13.77 -8.89
CA ASP C 279 -23.68 12.70 -7.97
C ASP C 279 -23.07 11.49 -8.69
N PHE C 281 -22.35 7.25 -7.84
CA PHE C 281 -22.56 6.10 -6.96
C PHE C 281 -21.31 5.25 -6.97
N SER C 282 -20.76 5.01 -5.80
CA SER C 282 -19.58 4.16 -5.65
C SER C 282 -19.98 2.70 -5.37
N ASN C 283 -21.19 2.50 -4.87
CA ASN C 283 -21.64 1.19 -4.38
C ASN C 283 -22.81 0.61 -5.18
N GLY C 284 -23.62 1.47 -5.80
CA GLY C 284 -24.90 1.03 -6.36
C GLY C 284 -25.02 0.98 -7.88
N GLY C 285 -26.02 0.23 -8.33
CA GLY C 285 -26.41 0.17 -9.76
C GLY C 285 -27.84 0.62 -9.96
N THR C 286 -28.24 0.78 -11.22
CA THR C 286 -29.59 1.26 -11.56
C THR C 286 -30.15 0.65 -12.85
N ASP C 287 -31.41 0.96 -13.11
CA ASP C 287 -32.07 0.75 -14.41
C ASP C 287 -31.14 1.21 -15.54
N GLY C 288 -30.37 2.26 -15.29
CA GLY C 288 -29.51 2.91 -16.28
C GLY C 288 -28.58 1.99 -17.05
N GLY C 289 -28.01 1.04 -16.33
CA GLY C 289 -27.05 0.09 -16.88
C GLY C 289 -27.65 -0.81 -17.93
N ALA C 290 -28.69 -1.54 -17.55
CA ALA C 290 -29.38 -2.42 -18.50
C ALA C 290 -29.89 -1.61 -19.70
N VAL C 291 -30.46 -0.44 -19.41
CA VAL C 291 -31.18 0.35 -20.40
C VAL C 291 -30.26 0.82 -21.54
N HIS C 292 -29.12 1.39 -21.22
CA HIS C 292 -28.26 1.98 -22.24
C HIS C 292 -27.58 0.94 -23.15
N LEU C 293 -27.58 -0.31 -22.73
CA LEU C 293 -26.91 -1.42 -23.44
C LEU C 293 -27.87 -2.19 -24.35
N THR C 294 -29.12 -1.71 -24.40
CA THR C 294 -30.18 -2.32 -25.22
C THR C 294 -29.95 -2.05 -26.72
N GLY C 295 -30.14 -3.08 -27.55
CA GLY C 295 -29.92 -2.95 -29.01
C GLY C 295 -28.51 -2.48 -29.33
N THR C 296 -28.40 -1.45 -30.15
CA THR C 296 -27.10 -0.88 -30.50
C THR C 296 -26.70 0.29 -29.59
N GLY C 297 -27.43 0.49 -28.48
CA GLY C 297 -27.07 1.49 -27.50
C GLY C 297 -27.99 2.70 -27.46
N VAL C 298 -28.39 3.07 -26.25
CA VAL C 298 -29.32 4.17 -26.04
C VAL C 298 -28.65 5.20 -25.14
N PRO C 299 -28.54 6.46 -25.61
CA PRO C 299 -28.10 7.57 -24.77
C PRO C 299 -29.07 7.68 -23.57
N THR C 300 -28.52 7.53 -22.36
CA THR C 300 -29.31 7.31 -21.17
C THR C 300 -28.71 8.06 -19.99
N LEU C 301 -29.56 8.70 -19.20
CA LEU C 301 -29.08 9.05 -17.86
C LEU C 301 -30.07 8.90 -16.74
N VAL C 302 -29.51 8.91 -15.54
CA VAL C 302 -30.24 8.65 -14.31
C VAL C 302 -30.38 9.99 -13.59
N GLY C 304 -33.04 12.00 -10.32
CA GLY C 304 -34.14 11.84 -9.38
C GLY C 304 -33.95 12.64 -8.11
N PRO C 305 -34.99 12.69 -7.27
CA PRO C 305 -34.92 13.42 -6.01
C PRO C 305 -34.05 12.62 -5.03
N ALA C 306 -33.22 13.30 -4.25
CA ALA C 306 -32.50 12.65 -3.16
C ALA C 306 -33.46 12.25 -2.03
N THR C 307 -33.06 11.25 -1.25
CA THR C 307 -33.79 10.88 -0.06
C THR C 307 -32.81 10.75 1.08
N ARG C 308 -33.34 10.73 2.30
CA ARG C 308 -32.56 10.32 3.45
C ARG C 308 -33.00 8.90 3.78
N HIS C 309 -32.01 8.03 4.08
CA HIS C 309 -32.25 6.62 4.39
C HIS C 309 -32.77 5.94 3.12
N GLY C 310 -32.85 4.65 3.14
CA GLY C 310 -33.24 3.98 1.90
C GLY C 310 -33.20 2.50 2.17
N HIS C 311 -34.01 1.73 1.44
CA HIS C 311 -34.07 0.28 1.62
C HIS C 311 -34.30 -0.11 3.08
N CYS C 312 -35.17 0.64 3.76
CA CYS C 312 -35.58 0.30 5.11
C CYS C 312 -37.04 0.70 5.32
N ALA C 313 -37.50 0.71 6.58
CA ALA C 313 -38.91 0.94 6.85
C ALA C 313 -39.45 2.29 6.34
N ALA C 314 -38.57 3.28 6.19
CA ALA C 314 -38.97 4.65 5.82
C ALA C 314 -37.80 5.47 5.29
N SER C 315 -38.05 6.21 4.22
CA SER C 315 -37.14 7.24 3.70
C SER C 315 -37.80 8.61 3.90
N ILE C 316 -37.00 9.66 3.77
CA ILE C 316 -37.49 11.03 3.89
C ILE C 316 -37.11 11.76 2.60
N ALA C 317 -38.05 12.53 2.08
CA ALA C 317 -37.83 13.34 0.89
C ALA C 317 -38.38 14.74 1.10
N ASP C 318 -37.88 15.68 0.30
CA ASP C 318 -38.29 17.07 0.35
C ASP C 318 -39.22 17.33 -0.83
N CYS C 319 -40.42 17.84 -0.55
CA CYS C 319 -41.41 18.11 -1.60
C CYS C 319 -40.94 19.07 -2.68
N ARG C 320 -40.17 20.10 -2.31
CA ARG C 320 -39.61 21.02 -3.32
C ARG C 320 -38.75 20.27 -4.37
N ASP C 321 -37.91 19.33 -3.91
CA ASP C 321 -37.06 18.54 -4.79
C ASP C 321 -37.94 17.82 -5.80
N ILE C 322 -39.03 17.25 -5.33
CA ILE C 322 -39.94 16.46 -6.18
C ILE C 322 -40.61 17.34 -7.22
N LEU C 323 -41.06 18.52 -6.80
CA LEU C 323 -41.69 19.48 -7.71
C LEU C 323 -40.70 20.01 -8.76
N GLN C 324 -39.46 20.25 -8.35
CA GLN C 324 -38.41 20.66 -9.28
C GLN C 324 -38.05 19.59 -10.30
N GLU C 326 -40.17 17.29 -11.44
CA GLU C 326 -41.35 17.34 -12.28
C GLU C 326 -41.23 18.47 -13.32
N GLN C 327 -40.83 19.64 -12.86
CA GLN C 327 -40.61 20.80 -13.70
C GLN C 327 -39.46 20.60 -14.70
N LEU C 328 -38.34 20.05 -14.22
CA LEU C 328 -37.22 19.74 -15.11
C LEU C 328 -37.58 18.69 -16.17
N LEU C 329 -38.36 17.67 -15.78
CA LEU C 329 -38.76 16.61 -16.73
C LEU C 329 -39.65 17.15 -17.84
N SER C 330 -40.67 17.90 -17.45
CA SER C 330 -41.54 18.58 -18.40
C SER C 330 -40.75 19.49 -19.36
N ALA C 331 -39.84 20.30 -18.83
CA ALA C 331 -39.03 21.20 -19.65
C ALA C 331 -38.09 20.47 -20.62
N LEU C 332 -37.50 19.36 -20.17
CA LEU C 332 -36.67 18.53 -21.05
C LEU C 332 -37.48 17.97 -22.21
N ILE C 333 -38.66 17.46 -21.90
CA ILE C 333 -39.52 16.84 -22.89
C ILE C 333 -39.93 17.86 -23.95
N GLN C 334 -40.29 19.06 -23.50
CA GLN C 334 -40.70 20.13 -24.44
C GLN C 334 -39.58 20.58 -25.38
N ARG C 335 -38.32 20.28 -25.04
CA ARG C 335 -37.17 20.72 -25.83
C ARG C 335 -36.48 19.58 -26.60
N LEU C 336 -37.03 18.37 -26.52
CA LEU C 336 -36.33 17.23 -27.12
C LEU C 336 -36.70 17.06 -28.59
N THR C 337 -36.15 17.92 -29.44
CA THR C 337 -36.45 17.87 -30.88
C THR C 337 -35.58 16.84 -31.56
N ARG C 338 -35.96 16.48 -32.79
CA ARG C 338 -35.18 15.57 -33.62
C ARG C 338 -33.76 16.09 -33.77
N GLU C 339 -33.63 17.40 -34.04
CA GLU C 339 -32.31 17.98 -34.24
C GLU C 339 -31.49 17.99 -32.95
N THR C 340 -32.14 18.22 -31.80
CA THR C 340 -31.48 18.11 -30.50
C THR C 340 -30.90 16.72 -30.27
N VAL C 341 -31.71 15.67 -30.45
CA VAL C 341 -31.24 14.32 -30.16
C VAL C 341 -30.23 13.77 -31.17
N VAL C 342 -30.22 14.33 -32.38
CA VAL C 342 -29.18 14.03 -33.38
C VAL C 342 -27.86 14.72 -32.97
N GLN C 343 -27.96 15.96 -32.50
CA GLN C 343 -26.81 16.72 -32.06
C GLN C 343 -26.12 16.00 -30.88
N LEU C 344 -26.93 15.57 -29.90
CA LEU C 344 -26.39 14.91 -28.73
C LEU C 344 -25.84 13.48 -28.99
N THR C 345 -26.08 12.91 -30.18
CA THR C 345 -25.53 11.58 -30.54
C THR C 345 -24.47 11.56 -31.66
N ASP C 346 -23.97 12.73 -32.05
CA ASP C 346 -23.01 12.84 -33.15
C ASP C 346 -21.56 12.71 -32.67
N PHE C 347 -20.93 11.61 -33.05
CA PHE C 347 -19.56 11.33 -32.63
C PHE C 347 -18.53 11.69 -33.70
N ARG C 348 -18.98 12.21 -34.84
CA ARG C 348 -18.09 12.57 -35.96
C ARG C 348 -17.35 13.89 -35.74
N ALA D 3 49.65 -19.18 2.30
CA ALA D 3 49.56 -19.98 3.56
C ALA D 3 48.82 -19.24 4.68
N ASP D 5 48.20 -18.81 8.74
CA ASP D 5 48.71 -19.08 10.07
C ASP D 5 47.51 -19.45 10.97
N LEU D 6 47.21 -20.73 11.04
CA LEU D 6 46.07 -21.21 11.81
C LEU D 6 46.24 -21.05 13.32
N SER D 7 47.47 -21.10 13.81
CA SER D 7 47.71 -20.89 15.23
C SER D 7 47.42 -19.44 15.64
N LEU D 8 47.71 -18.48 14.75
CA LEU D 8 47.36 -17.07 14.96
C LEU D 8 45.85 -16.87 14.89
N LEU D 9 45.20 -17.51 13.91
CA LEU D 9 43.77 -17.35 13.78
C LEU D 9 43.04 -17.99 14.99
N LYS D 10 43.54 -19.15 15.44
CA LYS D 10 43.03 -19.80 16.64
C LYS D 10 43.16 -18.88 17.85
N ALA D 11 44.33 -18.26 18.03
CA ALA D 11 44.58 -17.38 19.16
C ALA D 11 43.65 -16.16 19.17
N LEU D 12 43.42 -15.58 17.99
CA LEU D 12 42.57 -14.41 17.87
C LEU D 12 41.08 -14.74 18.10
N SER D 13 40.64 -15.84 17.48
CA SER D 13 39.26 -16.28 17.58
C SER D 13 38.89 -16.65 19.03
N GLU D 14 39.80 -17.36 19.70
CA GLU D 14 39.58 -17.84 21.06
C GLU D 14 39.81 -16.78 22.12
N ALA D 15 40.52 -15.70 21.78
CA ALA D 15 40.72 -14.61 22.73
C ALA D 15 39.34 -14.10 23.15
N ASP D 16 39.19 -13.79 24.43
CA ASP D 16 37.92 -13.22 24.94
C ASP D 16 38.08 -11.74 25.18
N ALA D 17 37.46 -10.95 24.31
CA ALA D 17 37.63 -9.51 24.35
C ALA D 17 36.35 -8.81 23.93
N ILE D 18 35.79 -7.99 24.85
CA ILE D 18 34.60 -7.18 24.54
C ILE D 18 34.88 -5.72 24.84
N ALA D 19 33.94 -4.83 24.52
CA ALA D 19 34.14 -3.38 24.69
C ALA D 19 34.72 -3.05 26.04
N SER D 20 35.81 -2.29 26.04
CA SER D 20 36.52 -1.84 27.26
C SER D 20 37.38 -2.91 27.96
N SER D 21 37.28 -4.16 27.51
CA SER D 21 38.13 -5.25 28.02
C SER D 21 38.68 -6.07 26.87
N GLU D 22 39.67 -5.51 26.20
CA GLU D 22 40.18 -6.06 24.97
C GLU D 22 41.66 -6.43 25.11
N GLN D 23 42.11 -6.57 26.37
CA GLN D 23 43.50 -6.87 26.66
C GLN D 23 44.01 -8.15 25.99
N GLU D 24 43.19 -9.20 25.94
CA GLU D 24 43.61 -10.47 25.30
C GLU D 24 43.98 -10.31 23.83
N VAL D 25 43.25 -9.46 23.11
CA VAL D 25 43.57 -9.19 21.69
C VAL D 25 44.71 -8.18 21.57
N ARG D 26 44.63 -7.10 22.34
CA ARG D 26 45.66 -6.07 22.35
C ARG D 26 47.05 -6.67 22.57
N GLN D 27 47.17 -7.59 23.53
CA GLN D 27 48.44 -8.25 23.83
C GLN D 27 49.01 -9.00 22.63
N ILE D 28 48.16 -9.70 21.90
CA ILE D 28 48.59 -10.37 20.66
C ILE D 28 49.15 -9.38 19.66
N LEU D 29 48.45 -8.26 19.49
CA LEU D 29 48.86 -7.20 18.58
C LEU D 29 50.18 -6.56 19.01
N LEU D 30 50.29 -6.25 20.30
CA LEU D 30 51.50 -5.68 20.88
C LEU D 30 52.73 -6.58 20.73
N GLU D 31 52.54 -7.89 20.89
CA GLU D 31 53.64 -8.86 20.71
C GLU D 31 54.13 -8.87 19.25
N GLU D 32 53.21 -8.87 18.30
CA GLU D 32 53.57 -8.81 16.87
C GLU D 32 54.35 -7.56 16.48
N ALA D 33 53.91 -6.41 17.00
CA ALA D 33 54.55 -5.12 16.74
C ALA D 33 55.94 -5.04 17.34
N ALA D 34 56.07 -5.52 18.58
CA ALA D 34 57.36 -5.52 19.28
C ALA D 34 58.36 -6.40 18.52
N ARG D 35 57.89 -7.57 18.07
CA ARG D 35 58.75 -8.50 17.34
CA ARG D 35 58.69 -8.52 17.30
C ARG D 35 59.33 -7.85 16.07
N LEU D 36 58.60 -6.92 15.47
CA LEU D 36 59.06 -6.27 14.26
C LEU D 36 59.53 -4.84 14.53
N GLN D 37 59.73 -4.53 15.81
CA GLN D 37 60.24 -3.23 16.26
C GLN D 37 59.42 -2.09 15.67
N LYS D 38 58.11 -2.24 15.75
CA LYS D 38 57.20 -1.22 15.28
C LYS D 38 56.63 -0.42 16.44
N GLU D 39 56.65 0.89 16.26
CA GLU D 39 56.10 1.86 17.19
C GLU D 39 54.59 1.65 17.35
N VAL D 40 54.12 1.54 18.60
CA VAL D 40 52.69 1.43 18.86
C VAL D 40 52.19 2.62 19.67
N ARG D 41 51.15 3.24 19.14
CA ARG D 41 50.44 4.29 19.86
C ARG D 41 49.03 3.80 20.22
N PHE D 42 48.39 4.49 21.16
CA PHE D 42 47.03 4.19 21.57
C PHE D 42 46.20 5.46 21.56
N ASP D 43 44.89 5.31 21.40
CA ASP D 43 43.98 6.41 21.71
C ASP D 43 43.50 6.23 23.15
N GLY D 44 42.64 7.14 23.60
CA GLY D 44 42.14 7.15 24.97
C GLY D 44 41.26 5.97 25.34
N LEU D 45 40.79 5.22 24.34
CA LEU D 45 39.97 4.01 24.58
C LEU D 45 40.78 2.72 24.57
N GLY D 46 42.05 2.81 24.22
CA GLY D 46 42.89 1.63 24.10
C GLY D 46 43.01 1.04 22.70
N SER D 47 42.46 1.73 21.70
CA SER D 47 42.68 1.30 20.31
C SER D 47 44.16 1.22 20.01
N VAL D 48 44.56 0.22 19.22
CA VAL D 48 45.96 -0.01 18.91
C VAL D 48 46.24 0.61 17.55
N LEU D 49 47.25 1.48 17.52
CA LEU D 49 47.63 2.23 16.33
C LEU D 49 49.07 1.86 15.95
N ILE D 50 49.22 1.08 14.89
CA ILE D 50 50.53 0.61 14.48
C ILE D 50 50.94 1.31 13.21
N ARG D 51 52.00 2.10 13.32
CA ARG D 51 52.59 2.73 12.16
C ARG D 51 53.46 1.71 11.44
N LEU D 52 53.10 1.39 10.20
CA LEU D 52 53.81 0.36 9.43
C LEU D 52 55.17 0.88 8.95
N ASN D 53 55.20 2.14 8.51
CA ASN D 53 56.35 2.69 7.81
C ASN D 53 56.47 4.20 7.94
N GLU D 54 57.51 4.74 7.33
CA GLU D 54 57.70 6.18 7.19
C GLU D 54 57.61 6.58 5.72
N SER D 55 56.73 7.53 5.44
CA SER D 55 56.51 8.02 4.09
C SER D 55 56.02 9.44 4.18
N THR D 56 56.38 10.25 3.17
CA THR D 56 55.82 11.59 2.99
C THR D 56 54.57 11.47 2.13
N GLY D 57 54.29 10.26 1.67
CA GLY D 57 53.06 9.97 0.92
C GLY D 57 51.82 10.10 1.79
N PRO D 58 50.65 9.90 1.20
CA PRO D 58 49.37 10.08 1.91
C PRO D 58 49.21 9.07 3.04
N LYS D 59 48.48 9.43 4.10
CA LYS D 59 48.23 8.50 5.20
C LYS D 59 47.05 7.60 4.89
N VAL D 60 47.26 6.29 4.99
CA VAL D 60 46.20 5.31 4.78
C VAL D 60 45.99 4.55 6.09
N ILE D 62 44.14 1.31 7.80
CA ILE D 62 43.47 0.03 7.64
C ILE D 62 42.96 -0.34 9.04
N CYS D 63 41.64 -0.49 9.16
CA CYS D 63 40.98 -0.52 10.46
C CYS D 63 40.16 -1.81 10.67
N ALA D 64 40.41 -2.49 11.79
CA ALA D 64 39.64 -3.65 12.22
C ALA D 64 39.22 -3.37 13.66
N HIS D 65 38.21 -4.07 14.18
CA HIS D 65 37.88 -3.90 15.60
C HIS D 65 38.25 -5.14 16.45
N ASP D 67 36.87 -6.05 19.49
CA ASP D 67 35.84 -6.58 20.35
C ASP D 67 34.91 -7.53 19.62
N GLU D 68 34.32 -8.46 20.37
CA GLU D 68 33.36 -9.43 19.84
C GLU D 68 32.04 -9.20 20.58
N VAL D 69 30.94 -9.69 20.03
CA VAL D 69 29.66 -9.67 20.76
C VAL D 69 29.73 -10.73 21.84
N GLY D 70 29.12 -10.41 22.98
CA GLY D 70 29.15 -11.31 24.13
C GLY D 70 28.16 -10.83 25.20
N PHE D 71 28.50 -11.06 26.47
CA PHE D 71 27.66 -10.67 27.59
C PHE D 71 28.55 -10.09 28.70
N VAL D 73 28.52 -9.76 33.11
CA VAL D 73 27.87 -10.12 34.36
C VAL D 73 27.25 -8.86 34.94
N ARG D 74 25.96 -8.96 35.27
CA ARG D 74 25.23 -7.82 35.77
C ARG D 74 24.98 -7.95 37.28
N SER D 75 24.59 -9.15 37.70
CA SER D 75 24.11 -9.36 39.04
C SER D 75 24.22 -10.84 39.43
N ILE D 76 24.34 -11.12 40.72
CA ILE D 76 24.39 -12.48 41.21
C ILE D 76 23.29 -12.60 42.27
N SER D 77 22.41 -13.60 42.09
CA SER D 77 21.28 -13.82 43.01
C SER D 77 21.71 -14.66 44.21
N ARG D 78 20.85 -14.70 45.24
CA ARG D 78 21.09 -15.51 46.43
C ARG D 78 21.21 -17.01 46.13
N GLU D 79 20.64 -17.45 45.01
CA GLU D 79 20.72 -18.84 44.55
C GLU D 79 21.97 -19.14 43.73
N GLY D 80 22.78 -18.11 43.46
CA GLY D 80 23.96 -18.28 42.66
C GLY D 80 23.73 -18.23 41.15
N ALA D 81 22.58 -17.71 40.75
CA ALA D 81 22.35 -17.40 39.34
C ALA D 81 23.09 -16.12 38.95
N ILE D 82 23.63 -16.10 37.74
CA ILE D 82 24.43 -14.99 37.31
C ILE D 82 23.67 -14.28 36.18
N ASP D 83 23.00 -13.18 36.52
CA ASP D 83 22.34 -12.35 35.49
C ASP D 83 23.36 -11.69 34.60
N VAL D 84 23.09 -11.70 33.30
CA VAL D 84 23.98 -11.09 32.31
C VAL D 84 23.15 -10.24 31.35
N LEU D 85 23.80 -9.23 30.76
CA LEU D 85 23.22 -8.48 29.67
C LEU D 85 24.12 -8.64 28.44
N PRO D 86 23.51 -8.60 27.22
CA PRO D 86 24.30 -8.70 25.99
C PRO D 86 25.16 -7.46 25.76
N VAL D 87 26.31 -7.66 25.13
CA VAL D 87 27.21 -6.60 24.76
C VAL D 87 27.32 -6.73 23.24
N GLY D 88 26.74 -5.78 22.51
CA GLY D 88 26.61 -5.92 21.06
C GLY D 88 25.34 -6.69 20.71
N ASN D 89 25.06 -6.83 19.41
CA ASN D 89 23.87 -7.56 18.98
C ASN D 89 24.09 -9.06 18.81
N VAL D 90 23.97 -9.78 19.91
CA VAL D 90 23.95 -11.24 19.89
C VAL D 90 22.60 -11.67 19.30
N ARG D 91 22.64 -12.56 18.33
CA ARG D 91 21.41 -13.09 17.75
C ARG D 91 20.50 -13.66 18.83
N ALA D 93 18.50 -16.03 18.62
CA ALA D 93 18.58 -17.48 18.53
C ALA D 93 19.86 -18.04 19.13
N ALA D 94 20.76 -17.15 19.58
CA ALA D 94 22.02 -17.54 20.23
C ALA D 94 22.04 -17.24 21.74
N ARG D 95 20.86 -17.18 22.35
CA ARG D 95 20.75 -16.75 23.73
C ARG D 95 20.08 -17.83 24.60
N GLN D 96 19.97 -19.04 24.05
CA GLN D 96 19.28 -20.11 24.75
C GLN D 96 20.12 -21.38 24.77
N LEU D 97 20.35 -21.87 25.98
CA LEU D 97 21.13 -23.09 26.22
C LEU D 97 22.47 -23.07 25.47
N GLN D 98 23.26 -22.03 25.71
CA GLN D 98 24.56 -21.85 25.03
C GLN D 98 25.73 -22.00 26.00
N PRO D 99 26.66 -22.92 25.71
CA PRO D 99 27.91 -22.93 26.49
C PRO D 99 28.68 -21.60 26.40
N VAL D 100 29.08 -21.08 27.56
CA VAL D 100 29.80 -19.82 27.62
C VAL D 100 30.91 -19.95 28.65
N ARG D 101 31.76 -18.92 28.77
CA ARG D 101 32.70 -18.83 29.89
C ARG D 101 32.84 -17.39 30.35
N ILE D 102 33.04 -17.24 31.65
CA ILE D 102 33.17 -15.94 32.30
C ILE D 102 34.65 -15.73 32.61
N THR D 103 35.18 -14.54 32.29
CA THR D 103 36.54 -14.20 32.68
C THR D 103 36.53 -13.18 33.81
N THR D 104 37.17 -13.53 34.92
CA THR D 104 37.25 -12.69 36.12
C THR D 104 38.37 -11.65 36.03
N ARG D 105 38.42 -10.74 37.00
CA ARG D 105 39.48 -9.74 37.10
C ARG D 105 40.85 -10.36 37.32
N GLU D 106 40.88 -11.57 37.87
CA GLU D 106 42.12 -12.31 38.08
CA GLU D 106 42.10 -12.33 38.09
C GLU D 106 42.46 -13.14 36.84
N GLU D 107 41.66 -12.96 35.78
CA GLU D 107 41.82 -13.64 34.49
C GLU D 107 41.60 -15.15 34.56
N CYS D 108 40.80 -15.61 35.53
CA CYS D 108 40.39 -17.01 35.55
C CYS D 108 39.15 -17.17 34.67
N LYS D 109 39.01 -18.33 34.06
CA LYS D 109 37.89 -18.59 33.17
C LYS D 109 37.03 -19.69 33.76
N ILE D 110 35.78 -19.35 34.03
CA ILE D 110 34.80 -20.29 34.55
C ILE D 110 33.76 -20.63 33.48
N PRO D 111 33.66 -21.91 33.10
CA PRO D 111 32.66 -22.27 32.11
C PRO D 111 31.25 -22.29 32.71
N GLY D 112 30.25 -22.12 31.85
CA GLY D 112 28.87 -22.13 32.29
C GLY D 112 27.90 -22.32 31.14
N LEU D 113 26.62 -22.42 31.49
CA LEU D 113 25.57 -22.54 30.50
C LEU D 113 24.67 -21.32 30.58
N LEU D 114 24.56 -20.62 29.47
CA LEU D 114 23.68 -19.48 29.37
C LEU D 114 22.28 -19.91 28.95
N ASP D 115 21.27 -19.36 29.59
CA ASP D 115 19.90 -19.54 29.14
C ASP D 115 19.13 -18.26 29.32
N GLY D 116 18.20 -18.03 28.41
CA GLY D 116 17.37 -16.85 28.43
C GLY D 116 15.89 -17.19 28.44
N ASP D 117 15.09 -16.15 28.53
CA ASP D 117 13.65 -16.27 28.63
C ASP D 117 13.05 -15.77 27.33
N ARG D 118 12.55 -16.69 26.51
CA ARG D 118 11.96 -16.28 25.24
C ARG D 118 10.51 -15.81 25.39
N GLN D 119 10.24 -14.61 24.89
CA GLN D 119 8.88 -14.12 24.73
C GLN D 119 8.69 -13.67 23.29
N GLY D 120 8.01 -14.50 22.50
CA GLY D 120 7.81 -14.26 21.07
C GLY D 120 9.12 -14.35 20.30
N ASN D 121 9.51 -13.23 19.68
CA ASN D 121 10.78 -13.12 18.94
C ASN D 121 12.00 -12.86 19.83
N ASP D 122 11.80 -12.17 20.94
CA ASP D 122 12.92 -11.71 21.79
C ASP D 122 13.27 -12.67 22.92
N VAL D 123 14.56 -12.66 23.28
CA VAL D 123 15.07 -13.39 24.44
C VAL D 123 15.78 -12.40 25.37
N SER D 124 15.30 -12.32 26.60
CA SER D 124 15.97 -11.52 27.63
C SER D 124 15.94 -12.27 28.97
N ALA D 125 16.20 -11.55 30.06
CA ALA D 125 16.31 -12.14 31.40
C ALA D 125 17.33 -13.28 31.41
N ARG D 127 20.63 -15.57 32.14
CA ARG D 127 21.38 -16.01 33.29
C ARG D 127 22.41 -17.04 32.89
N VAL D 128 23.53 -17.05 33.58
CA VAL D 128 24.54 -18.04 33.37
C VAL D 128 24.57 -18.92 34.60
N ASP D 129 24.69 -20.23 34.36
CA ASP D 129 24.74 -21.21 35.42
C ASP D 129 26.14 -21.83 35.43
N ILE D 130 26.84 -21.66 36.55
CA ILE D 130 28.11 -22.31 36.75
C ILE D 130 27.98 -23.45 37.76
N GLY D 131 26.74 -23.89 38.02
CA GLY D 131 26.48 -24.93 39.00
C GLY D 131 26.39 -24.43 40.44
N ALA D 132 26.42 -23.11 40.64
CA ALA D 132 26.44 -22.58 42.00
C ALA D 132 25.07 -22.63 42.67
N ARG D 133 25.08 -22.72 43.99
CA ARG D 133 23.86 -22.84 44.80
C ARG D 133 23.69 -21.63 45.71
N THR D 134 24.72 -20.78 45.78
CA THR D 134 24.65 -19.59 46.60
C THR D 134 25.39 -18.42 45.96
N TYR D 135 25.01 -17.23 46.38
CA TYR D 135 25.75 -16.00 46.11
C TYR D 135 27.24 -16.16 46.46
N ASP D 136 27.54 -16.68 47.66
CA ASP D 136 28.92 -16.77 48.10
CA ASP D 136 28.91 -16.78 48.12
C ASP D 136 29.77 -17.74 47.28
N GLU D 137 29.16 -18.84 46.82
CA GLU D 137 29.86 -19.75 45.90
C GLU D 137 30.32 -19.01 44.64
N VAL D 138 29.47 -18.15 44.10
CA VAL D 138 29.87 -17.33 42.94
C VAL D 138 30.99 -16.33 43.29
N GLN D 140 33.15 -16.70 45.61
CA GLN D 140 34.35 -17.52 45.84
C GLN D 140 35.07 -17.94 44.56
N ALA D 141 34.32 -18.04 43.46
CA ALA D 141 34.91 -18.33 42.16
C ALA D 141 35.56 -17.08 41.55
N GLY D 142 35.42 -15.93 42.21
CA GLY D 142 36.07 -14.70 41.76
C GLY D 142 35.21 -13.90 40.79
N ILE D 143 33.98 -14.36 40.57
CA ILE D 143 33.07 -13.70 39.64
C ILE D 143 32.47 -12.42 40.25
N ARG D 144 32.44 -11.35 39.45
CA ARG D 144 31.91 -10.06 39.90
C ARG D 144 31.12 -9.37 38.79
N PRO D 145 30.14 -8.51 39.17
CA PRO D 145 29.52 -7.63 38.16
C PRO D 145 30.57 -6.96 37.28
N GLY D 146 30.30 -6.87 35.98
CA GLY D 146 31.30 -6.33 35.04
C GLY D 146 32.17 -7.33 34.32
N ASP D 147 32.21 -8.58 34.79
CA ASP D 147 33.00 -9.63 34.13
C ASP D 147 32.49 -9.96 32.73
N ARG D 148 33.41 -10.07 31.79
CA ARG D 148 33.08 -10.42 30.41
C ARG D 148 32.66 -11.89 30.28
N VAL D 149 31.72 -12.12 29.37
CA VAL D 149 31.16 -13.46 29.11
C VAL D 149 31.18 -13.69 27.62
N THR D 150 31.78 -14.79 27.19
CA THR D 150 31.89 -15.07 25.77
C THR D 150 31.51 -16.53 25.46
N PHE D 151 31.13 -16.81 24.22
CA PHE D 151 30.83 -18.17 23.82
C PHE D 151 32.03 -19.10 24.05
N ASP D 152 31.75 -20.33 24.42
CA ASP D 152 32.80 -21.25 24.85
C ASP D 152 33.29 -22.09 23.65
N THR D 153 33.77 -21.42 22.61
CA THR D 153 34.01 -22.06 21.32
C THR D 153 35.48 -22.25 21.02
N THR D 154 35.83 -23.52 20.79
CA THR D 154 37.14 -23.90 20.29
C THR D 154 37.17 -23.74 18.77
N PHE D 155 38.20 -23.07 18.27
CA PHE D 155 38.43 -22.86 16.84
C PHE D 155 38.70 -24.22 16.20
N GLN D 156 38.07 -24.47 15.05
CA GLN D 156 38.21 -25.75 14.36
C GLN D 156 38.37 -25.61 12.86
N VAL D 157 39.17 -26.50 12.29
CA VAL D 157 39.33 -26.60 10.86
C VAL D 157 38.20 -27.45 10.28
N LEU D 158 37.60 -26.98 9.19
CA LEU D 158 36.55 -27.73 8.49
C LEU D 158 37.10 -28.36 7.20
N PRO D 159 36.36 -29.32 6.58
CA PRO D 159 36.80 -29.85 5.29
C PRO D 159 36.98 -28.78 4.21
N HIS D 160 37.82 -29.07 3.20
CA HIS D 160 38.01 -28.20 2.04
C HIS D 160 38.51 -26.78 2.38
N GLN D 161 39.42 -26.71 3.35
CA GLN D 161 40.11 -25.45 3.72
C GLN D 161 39.18 -24.32 4.15
N ARG D 162 38.24 -24.66 5.03
CA ARG D 162 37.37 -23.68 5.65
C ARG D 162 37.61 -23.80 7.14
N VAL D 163 37.21 -22.78 7.89
CA VAL D 163 37.48 -22.72 9.32
C VAL D 163 36.25 -22.26 10.07
N GLY D 165 34.78 -20.83 14.03
CA GLY D 165 35.12 -20.35 15.37
C GLY D 165 34.31 -19.14 15.74
N LYS D 166 34.38 -18.74 16.99
CA LYS D 166 33.72 -17.51 17.42
C LYS D 166 34.47 -16.26 16.99
N ALA D 167 33.74 -15.15 17.00
CA ALA D 167 34.33 -13.83 16.87
C ALA D 167 35.04 -13.62 15.54
N PHE D 168 34.70 -14.37 14.52
CA PHE D 168 35.21 -14.13 13.16
C PHE D 168 34.92 -12.66 12.75
N ASP D 169 33.77 -12.15 13.20
CA ASP D 169 33.51 -10.71 13.27
C ASP D 169 34.06 -10.21 14.63
N ASP D 170 35.24 -9.58 14.69
CA ASP D 170 36.05 -9.16 13.56
C ASP D 170 37.49 -9.68 13.68
N ARG D 171 37.66 -10.86 14.28
CA ARG D 171 38.99 -11.42 14.44
C ARG D 171 39.63 -11.80 13.11
N LEU D 172 38.82 -12.16 12.11
CA LEU D 172 39.33 -12.35 10.76
C LEU D 172 40.08 -11.10 10.24
N SER D 173 39.55 -9.93 10.54
CA SER D 173 40.19 -8.69 10.14
C SER D 173 41.37 -8.27 11.03
N CYS D 174 41.33 -8.61 12.33
CA CYS D 174 42.54 -8.54 13.16
C CYS D 174 43.64 -9.45 12.60
N TYR D 175 43.26 -10.63 12.14
CA TYR D 175 44.21 -11.58 11.54
C TYR D 175 44.85 -10.93 10.32
N LEU D 176 44.06 -10.28 9.49
CA LEU D 176 44.56 -9.59 8.29
C LEU D 176 45.50 -8.44 8.62
N LEU D 177 45.20 -7.69 9.69
CA LEU D 177 46.12 -6.65 10.13
C LEU D 177 47.50 -7.20 10.47
N VAL D 178 47.53 -8.32 11.18
CA VAL D 178 48.80 -8.94 11.57
C VAL D 178 49.59 -9.44 10.37
N THR D 179 48.91 -10.08 9.41
CA THR D 179 49.62 -10.64 8.27
C THR D 179 50.13 -9.56 7.29
N LEU D 180 49.46 -8.42 7.26
CA LEU D 180 49.93 -7.28 6.49
C LEU D 180 51.17 -6.69 7.13
N LEU D 181 51.15 -6.57 8.45
CA LEU D 181 52.31 -6.15 9.23
C LEU D 181 53.51 -7.05 8.97
N ARG D 182 53.31 -8.36 9.10
CA ARG D 182 54.39 -9.34 8.86
C ARG D 182 54.93 -9.26 7.44
N GLU D 183 54.03 -9.09 6.48
CA GLU D 183 54.39 -9.05 5.06
C GLU D 183 55.08 -7.75 4.62
N LEU D 184 54.55 -6.61 5.09
CA LEU D 184 54.98 -5.31 4.58
C LEU D 184 55.87 -4.49 5.51
N HIS D 185 56.35 -5.08 6.60
CA HIS D 185 57.17 -4.35 7.59
C HIS D 185 58.48 -3.75 7.05
N ASP D 186 59.01 -4.34 5.97
CA ASP D 186 60.25 -3.88 5.35
C ASP D 186 60.03 -3.26 3.97
N ALA D 187 58.77 -3.12 3.57
CA ALA D 187 58.47 -2.68 2.21
C ALA D 187 58.62 -1.17 2.04
N GLU D 188 59.05 -0.79 0.85
CA GLU D 188 59.08 0.60 0.42
C GLU D 188 57.70 0.89 -0.18
N LEU D 189 56.98 1.83 0.43
CA LEU D 189 55.58 2.07 0.09
C LEU D 189 55.36 3.54 -0.29
N PRO D 190 54.41 3.80 -1.21
CA PRO D 190 54.07 5.17 -1.63
C PRO D 190 53.16 5.91 -0.64
N ALA D 191 52.66 5.20 0.37
CA ALA D 191 51.83 5.81 1.38
C ALA D 191 52.35 5.48 2.77
N GLU D 192 51.98 6.28 3.75
CA GLU D 192 52.24 5.95 5.15
C GLU D 192 51.04 5.20 5.70
N VAL D 193 51.25 3.95 6.08
CA VAL D 193 50.19 3.05 6.50
C VAL D 193 50.10 2.94 8.02
N TRP D 194 48.88 3.15 8.53
CA TRP D 194 48.54 2.91 9.92
C TRP D 194 47.58 1.73 9.99
N LEU D 195 47.96 0.71 10.76
CA LEU D 195 47.13 -0.45 11.01
C LEU D 195 46.50 -0.24 12.36
N VAL D 196 45.17 -0.16 12.36
CA VAL D 196 44.43 0.23 13.55
C VAL D 196 43.47 -0.89 13.97
N ALA D 197 43.60 -1.29 15.22
CA ALA D 197 42.67 -2.23 15.84
C ALA D 197 41.88 -1.41 16.82
N SER D 198 40.63 -1.10 16.47
CA SER D 198 39.84 -0.17 17.25
C SER D 198 39.09 -0.85 18.39
N SER D 199 38.82 -0.06 19.42
CA SER D 199 38.14 -0.56 20.59
C SER D 199 36.63 -0.36 20.44
N SER D 200 35.86 -1.31 20.95
CA SER D 200 34.44 -1.10 21.26
C SER D 200 33.47 -0.76 20.09
N GLU D 201 33.65 -1.38 18.92
CA GLU D 201 32.75 -1.13 17.77
CA GLU D 201 32.76 -1.11 17.80
C GLU D 201 31.36 -1.75 17.94
N GLU D 202 31.27 -2.88 18.64
CA GLU D 202 29.98 -3.62 18.73
C GLU D 202 28.87 -2.89 19.51
N VAL D 203 29.26 -1.87 20.27
CA VAL D 203 28.33 -1.12 21.10
C VAL D 203 27.97 0.26 20.51
N GLY D 204 28.61 0.62 19.41
CA GLY D 204 28.30 1.86 18.67
C GLY D 204 29.43 2.35 17.77
N LEU D 205 29.39 3.64 17.44
CA LEU D 205 30.39 4.26 16.56
C LEU D 205 31.57 4.76 17.41
N ARG D 206 32.32 3.83 18.00
CA ARG D 206 33.07 4.11 19.22
C ARG D 206 34.58 4.39 19.07
N GLY D 207 35.39 3.35 19.22
CA GLY D 207 36.83 3.47 19.04
C GLY D 207 37.23 3.88 17.64
N GLY D 208 36.41 3.50 16.66
CA GLY D 208 36.63 3.87 15.25
C GLY D 208 36.79 5.37 15.10
N GLN D 209 35.82 6.09 15.63
CA GLN D 209 35.81 7.56 15.71
C GLN D 209 37.07 8.15 16.36
N THR D 210 37.38 7.70 17.58
CA THR D 210 38.53 8.26 18.31
C THR D 210 39.89 7.88 17.68
N ALA D 211 40.00 6.65 17.17
CA ALA D 211 41.24 6.21 16.54
C ALA D 211 41.50 6.94 15.22
N THR D 212 40.46 7.11 14.41
CA THR D 212 40.54 7.89 13.17
C THR D 212 41.03 9.33 13.43
N ARG D 213 40.53 9.95 14.49
CA ARG D 213 40.97 11.29 14.85
C ARG D 213 42.43 11.31 15.27
N ALA D 214 42.86 10.28 16.01
CA ALA D 214 44.26 10.17 16.41
C ALA D 214 45.20 10.00 15.20
N VAL D 215 44.75 9.25 14.19
CA VAL D 215 45.54 9.00 12.97
C VAL D 215 45.44 10.12 11.92
N SER D 216 44.22 10.65 11.72
CA SER D 216 43.91 11.63 10.66
C SER D 216 44.30 11.15 9.25
N PRO D 217 43.69 10.04 8.78
CA PRO D 217 44.12 9.49 7.50
C PRO D 217 43.62 10.33 6.32
N ASP D 218 44.22 10.14 5.15
CA ASP D 218 43.70 10.71 3.90
C ASP D 218 42.71 9.76 3.21
N VAL D 219 42.83 8.48 3.53
CA VAL D 219 42.01 7.41 2.98
C VAL D 219 41.89 6.33 4.04
N ALA D 220 40.74 5.68 4.12
CA ALA D 220 40.56 4.61 5.10
C ALA D 220 39.91 3.39 4.47
N ILE D 221 40.43 2.22 4.82
CA ILE D 221 39.80 0.94 4.52
C ILE D 221 39.38 0.27 5.83
N VAL D 222 38.08 0.08 5.97
CA VAL D 222 37.54 -0.57 7.14
C VAL D 222 37.29 -2.03 6.79
N LEU D 223 37.86 -2.92 7.59
CA LEU D 223 37.67 -4.35 7.40
C LEU D 223 36.59 -4.86 8.34
N ASP D 224 35.57 -5.50 7.78
CA ASP D 224 34.52 -6.12 8.59
C ASP D 224 33.96 -7.27 7.79
N THR D 225 33.18 -8.13 8.42
CA THR D 225 32.59 -9.31 7.77
C THR D 225 31.07 -9.22 7.85
N ALA D 226 30.40 -10.04 7.04
CA ALA D 226 28.95 -10.16 7.10
C ALA D 226 28.55 -11.54 6.58
N CYS D 227 27.35 -11.97 6.96
CA CYS D 227 26.78 -13.22 6.48
C CYS D 227 25.41 -12.96 5.88
N TRP D 228 24.98 -13.84 4.97
CA TRP D 228 23.65 -13.76 4.37
C TRP D 228 22.69 -14.54 5.27
N ALA D 229 21.54 -13.93 5.60
CA ALA D 229 20.56 -14.54 6.50
C ALA D 229 20.01 -15.89 6.02
N LYS D 230 19.86 -16.06 4.71
CA LYS D 230 19.44 -17.35 4.13
C LYS D 230 20.69 -18.13 3.73
N ASN D 231 21.18 -18.92 4.67
CA ASN D 231 22.53 -19.47 4.59
C ASN D 231 22.91 -20.27 3.34
N PHE D 232 22.02 -21.14 2.88
CA PHE D 232 22.29 -22.01 1.72
C PHE D 232 21.66 -21.54 0.41
N ASP D 233 21.25 -20.27 0.39
CA ASP D 233 20.75 -19.64 -0.84
C ASP D 233 21.95 -19.12 -1.62
N TYR D 234 22.37 -19.85 -2.65
CA TYR D 234 23.54 -19.48 -3.45
C TYR D 234 23.13 -18.74 -4.72
N GLY D 235 21.89 -18.25 -4.78
CA GLY D 235 21.39 -17.48 -5.91
C GLY D 235 22.10 -16.15 -6.08
N ALA D 236 21.68 -15.39 -7.10
CA ALA D 236 22.32 -14.12 -7.47
C ALA D 236 22.12 -13.01 -6.41
N ALA D 237 21.17 -13.22 -5.50
CA ALA D 237 20.89 -12.25 -4.43
C ALA D 237 21.88 -12.36 -3.26
N ASN D 238 22.48 -13.53 -3.08
CA ASN D 238 23.48 -13.71 -2.04
C ASN D 238 24.88 -13.26 -2.51
N HIS D 239 25.30 -12.07 -2.07
CA HIS D 239 26.64 -11.54 -2.39
C HIS D 239 27.60 -11.66 -1.19
N ARG D 240 27.34 -12.65 -0.34
CA ARG D 240 28.16 -12.94 0.84
C ARG D 240 28.42 -14.44 0.88
N GLN D 241 28.77 -15.00 -0.27
CA GLN D 241 29.03 -16.41 -0.36
C GLN D 241 30.49 -16.64 -0.11
N ILE D 242 30.80 -17.46 0.91
CA ILE D 242 32.17 -17.85 1.19
C ILE D 242 32.73 -18.64 0.00
N GLY D 243 33.96 -18.36 -0.38
CA GLY D 243 34.55 -18.96 -1.57
C GLY D 243 34.37 -18.14 -2.84
N ASN D 244 33.51 -17.11 -2.80
CA ASN D 244 33.31 -16.24 -3.99
C ASN D 244 34.14 -14.95 -3.99
N GLY D 245 35.10 -14.87 -3.08
CA GLY D 245 36.01 -13.74 -3.00
C GLY D 245 35.59 -12.71 -1.99
N PRO D 246 36.52 -11.79 -1.64
CA PRO D 246 36.28 -10.74 -0.65
C PRO D 246 35.06 -9.91 -1.04
N LEU D 248 33.21 -6.32 -1.40
CA LEU D 248 33.34 -4.87 -1.43
C LEU D 248 31.97 -4.31 -1.06
N VAL D 249 31.90 -3.59 0.06
CA VAL D 249 30.61 -3.09 0.54
C VAL D 249 30.27 -1.72 -0.10
N LEU D 250 29.23 -1.70 -0.92
CA LEU D 250 28.80 -0.49 -1.62
C LEU D 250 28.05 0.44 -0.68
N SER D 251 27.33 -0.15 0.26
CA SER D 251 26.60 0.63 1.24
C SER D 251 26.20 -0.18 2.46
N ASP D 252 26.00 0.54 3.55
CA ASP D 252 25.41 0.02 4.77
C ASP D 252 24.67 1.20 5.39
N LYS D 253 24.02 0.98 6.54
CA LYS D 253 23.24 2.04 7.18
C LYS D 253 24.08 3.26 7.62
N SER D 254 25.37 3.04 7.85
CA SER D 254 26.30 4.10 8.27
C SER D 254 27.12 4.76 7.13
N LEU D 255 27.22 4.13 5.95
CA LEU D 255 28.09 4.64 4.86
C LEU D 255 27.68 4.20 3.44
N ILE D 256 27.63 5.15 2.50
CA ILE D 256 27.62 4.84 1.06
C ILE D 256 29.01 5.13 0.51
N ALA D 257 29.72 4.09 0.07
CA ALA D 257 31.10 4.21 -0.38
C ALA D 257 31.23 5.11 -1.60
N PRO D 258 32.36 5.83 -1.74
CA PRO D 258 32.53 6.75 -2.86
C PRO D 258 32.74 5.97 -4.15
N PRO D 259 31.93 6.21 -5.19
CA PRO D 259 32.10 5.53 -6.47
C PRO D 259 33.52 5.56 -7.06
N LYS D 260 34.26 6.65 -6.84
CA LYS D 260 35.60 6.78 -7.41
C LYS D 260 36.55 5.80 -6.74
N LEU D 261 36.42 5.67 -5.43
CA LEU D 261 37.20 4.70 -4.68
C LEU D 261 36.77 3.26 -4.99
N THR D 262 35.46 2.97 -5.03
CA THR D 262 35.05 1.61 -5.33
C THR D 262 35.50 1.20 -6.75
N ALA D 263 35.37 2.11 -7.72
CA ALA D 263 35.84 1.84 -9.08
C ALA D 263 37.33 1.49 -9.14
N TRP D 264 38.15 2.20 -8.36
CA TRP D 264 39.60 1.99 -8.34
C TRP D 264 40.01 0.64 -7.76
N ILE D 265 39.41 0.29 -6.62
CA ILE D 265 39.63 -1.01 -5.98
C ILE D 265 39.19 -2.13 -6.91
N GLU D 266 38.08 -1.94 -7.61
CA GLU D 266 37.63 -2.89 -8.64
C GLU D 266 38.67 -3.07 -9.76
N THR D 267 39.27 -1.97 -10.23
CA THR D 267 40.31 -2.09 -11.26
C THR D 267 41.55 -2.83 -10.74
N VAL D 268 41.93 -2.56 -9.49
CA VAL D 268 43.06 -3.26 -8.87
C VAL D 268 42.78 -4.76 -8.69
N ALA D 269 41.60 -5.09 -8.17
CA ALA D 269 41.22 -6.50 -8.00
C ALA D 269 41.19 -7.25 -9.33
N ALA D 270 40.64 -6.63 -10.37
CA ALA D 270 40.58 -7.24 -11.71
C ALA D 270 41.96 -7.46 -12.32
N GLU D 271 42.90 -6.55 -12.07
CA GLU D 271 44.30 -6.74 -12.49
C GLU D 271 44.98 -7.93 -11.81
N ILE D 272 44.83 -8.06 -10.50
CA ILE D 272 45.51 -9.14 -9.76
C ILE D 272 44.70 -10.44 -9.73
N GLY D 273 43.50 -10.41 -10.32
CA GLY D 273 42.67 -11.61 -10.46
C GLY D 273 41.98 -12.02 -9.17
N VAL D 274 41.67 -11.04 -8.32
CA VAL D 274 40.85 -11.30 -7.13
C VAL D 274 39.38 -10.97 -7.42
N PRO D 275 38.50 -11.99 -7.39
CA PRO D 275 37.08 -11.72 -7.61
C PRO D 275 36.47 -10.99 -6.43
N LEU D 276 35.52 -10.11 -6.71
CA LEU D 276 34.88 -9.32 -5.68
C LEU D 276 33.38 -9.55 -5.65
N GLN D 277 32.80 -9.54 -4.47
CA GLN D 277 31.36 -9.62 -4.31
C GLN D 277 30.92 -8.23 -3.85
N ALA D 278 30.14 -7.56 -4.68
CA ALA D 278 29.64 -6.21 -4.35
C ALA D 278 28.38 -6.38 -3.54
N ASP D 279 28.41 -5.88 -2.30
CA ASP D 279 27.36 -6.13 -1.34
C ASP D 279 26.78 -4.84 -0.74
N PHE D 281 24.30 -3.64 2.73
CA PHE D 281 23.64 -4.01 3.99
C PHE D 281 22.35 -3.23 4.13
N SER D 282 21.25 -3.97 4.27
CA SER D 282 19.93 -3.38 4.43
C SER D 282 19.68 -2.95 5.88
N ASN D 283 20.23 -3.72 6.82
CA ASN D 283 19.93 -3.55 8.24
C ASN D 283 21.12 -3.01 9.04
N GLY D 284 22.23 -3.75 9.04
CA GLY D 284 23.38 -3.44 9.89
C GLY D 284 24.28 -2.31 9.43
N GLY D 285 25.00 -1.72 10.39
CA GLY D 285 26.04 -0.72 10.13
C GLY D 285 27.43 -1.26 10.46
N THR D 286 28.46 -0.47 10.18
CA THR D 286 29.86 -0.85 10.44
C THR D 286 30.68 0.32 10.97
N ASP D 287 31.98 0.07 11.14
CA ASP D 287 32.95 1.09 11.51
C ASP D 287 33.01 2.22 10.46
N GLY D 288 32.55 1.93 9.24
CA GLY D 288 32.63 2.86 8.11
C GLY D 288 31.97 4.21 8.32
N GLY D 289 30.84 4.20 9.02
CA GLY D 289 30.05 5.40 9.27
C GLY D 289 30.74 6.44 10.12
N ALA D 290 31.21 6.03 11.29
CA ALA D 290 31.93 6.92 12.18
C ALA D 290 33.19 7.48 11.49
N VAL D 291 33.89 6.59 10.79
CA VAL D 291 35.20 6.90 10.22
C VAL D 291 35.17 8.01 9.16
N HIS D 292 34.27 7.91 8.20
CA HIS D 292 34.27 8.85 7.09
C HIS D 292 33.76 10.24 7.46
N LEU D 293 33.07 10.32 8.59
CA LEU D 293 32.47 11.57 9.07
C LEU D 293 33.42 12.32 10.01
N THR D 294 34.65 11.85 10.06
CA THR D 294 35.69 12.38 10.95
C THR D 294 36.29 13.66 10.36
N GLY D 295 36.44 14.69 11.20
CA GLY D 295 37.01 15.97 10.74
C GLY D 295 36.21 16.53 9.58
N THR D 296 36.87 16.82 8.47
CA THR D 296 36.19 17.34 7.29
C THR D 296 35.87 16.25 6.25
N GLY D 297 35.98 14.98 6.66
CA GLY D 297 35.56 13.86 5.83
C GLY D 297 36.72 13.05 5.29
N VAL D 298 36.58 11.74 5.36
CA VAL D 298 37.63 10.82 4.92
C VAL D 298 37.01 9.85 3.91
N PRO D 299 37.56 9.80 2.68
CA PRO D 299 37.16 8.79 1.70
C PRO D 299 37.36 7.39 2.30
N THR D 300 36.26 6.66 2.46
CA THR D 300 36.29 5.43 3.23
C THR D 300 35.53 4.32 2.53
N LEU D 301 36.06 3.11 2.57
CA LEU D 301 35.14 1.99 2.36
C LEU D 301 35.40 0.75 3.19
N VAL D 302 34.40 -0.12 3.15
CA VAL D 302 34.34 -1.29 3.97
C VAL D 302 34.54 -2.46 3.02
N GLY D 304 35.80 -6.95 3.25
CA GLY D 304 36.23 -8.08 4.07
C GLY D 304 35.74 -9.40 3.55
N PRO D 305 36.19 -10.49 4.18
CA PRO D 305 35.71 -11.82 3.75
C PRO D 305 34.30 -12.03 4.27
N ALA D 306 33.46 -12.70 3.47
CA ALA D 306 32.15 -13.15 3.91
C ALA D 306 32.30 -14.29 4.90
N THR D 307 31.30 -14.43 5.76
CA THR D 307 31.24 -15.57 6.67
C THR D 307 29.85 -16.17 6.55
N ARG D 308 29.68 -17.37 7.09
CA ARG D 308 28.35 -17.91 7.30
C ARG D 308 28.05 -17.79 8.79
N HIS D 309 26.83 -17.39 9.12
CA HIS D 309 26.41 -17.19 10.50
C HIS D 309 27.23 -16.03 11.07
N GLY D 310 26.89 -15.54 12.23
CA GLY D 310 27.59 -14.35 12.76
C GLY D 310 26.91 -14.01 14.04
N HIS D 311 27.62 -13.34 14.94
CA HIS D 311 27.05 -12.92 16.23
C HIS D 311 26.43 -14.09 16.97
N CYS D 312 27.11 -15.23 16.91
CA CYS D 312 26.71 -16.41 17.66
C CYS D 312 27.93 -17.25 18.01
N ALA D 313 27.70 -18.47 18.50
CA ALA D 313 28.77 -19.35 19.00
C ALA D 313 29.89 -19.59 17.97
N ALA D 314 29.56 -19.57 16.68
CA ALA D 314 30.50 -19.90 15.61
C ALA D 314 30.07 -19.36 14.25
N SER D 315 31.04 -18.85 13.51
CA SER D 315 30.89 -18.51 12.10
C SER D 315 31.79 -19.42 11.27
N ILE D 316 31.58 -19.43 9.96
CA ILE D 316 32.40 -20.24 9.06
C ILE D 316 32.98 -19.30 8.00
N ALA D 317 34.25 -19.49 7.69
CA ALA D 317 34.89 -18.71 6.66
C ALA D 317 35.73 -19.64 5.79
N ASP D 318 36.00 -19.16 4.58
CA ASP D 318 36.75 -19.89 3.56
C ASP D 318 38.16 -19.29 3.55
N CYS D 319 39.17 -20.13 3.74
CA CYS D 319 40.57 -19.68 3.71
C CYS D 319 41.02 -18.97 2.45
N ARG D 320 40.58 -19.44 1.28
CA ARG D 320 40.88 -18.72 0.02
C ARG D 320 40.42 -17.25 0.07
N ASP D 321 39.19 -17.00 0.52
CA ASP D 321 38.67 -15.62 0.66
C ASP D 321 39.60 -14.76 1.49
N ILE D 322 40.12 -15.30 2.58
CA ILE D 322 40.98 -14.59 3.52
C ILE D 322 42.32 -14.24 2.88
N LEU D 323 42.89 -15.21 2.15
CA LEU D 323 44.16 -15.01 1.44
C LEU D 323 44.03 -13.96 0.34
N GLN D 324 42.93 -14.00 -0.40
CA GLN D 324 42.66 -13.01 -1.46
C GLN D 324 42.49 -11.57 -0.91
N GLU D 326 43.96 -10.46 1.89
CA GLU D 326 45.36 -10.18 2.21
C GLU D 326 46.08 -9.62 0.98
N GLN D 327 45.95 -10.33 -0.13
CA GLN D 327 46.60 -9.99 -1.38
C GLN D 327 46.09 -8.68 -1.98
N LEU D 328 44.77 -8.49 -1.96
CA LEU D 328 44.17 -7.25 -2.41
C LEU D 328 44.59 -6.06 -1.53
N LEU D 329 44.60 -6.23 -0.21
CA LEU D 329 45.05 -5.15 0.70
C LEU D 329 46.49 -4.73 0.42
N SER D 330 47.37 -5.72 0.31
CA SER D 330 48.76 -5.50 -0.06
C SER D 330 48.89 -4.75 -1.40
N ALA D 331 48.15 -5.18 -2.43
CA ALA D 331 48.27 -4.60 -3.77
C ALA D 331 47.74 -3.17 -3.80
N LEU D 332 46.65 -2.92 -3.07
CA LEU D 332 46.10 -1.58 -2.95
C LEU D 332 47.09 -0.62 -2.30
N ILE D 333 47.74 -1.07 -1.23
CA ILE D 333 48.66 -0.26 -0.47
C ILE D 333 49.85 0.12 -1.33
N GLN D 334 50.36 -0.83 -2.11
CA GLN D 334 51.50 -0.58 -3.00
C GLN D 334 51.20 0.43 -4.10
N ARG D 335 49.92 0.66 -4.38
CA ARG D 335 49.50 1.58 -5.45
C ARG D 335 48.89 2.88 -4.94
N LEU D 336 48.88 3.08 -3.62
CA LEU D 336 48.23 4.26 -3.08
C LEU D 336 49.17 5.49 -3.09
N THR D 337 49.41 6.04 -4.28
CA THR D 337 50.29 7.20 -4.44
C THR D 337 49.55 8.50 -4.11
N ARG D 338 50.32 9.55 -3.83
CA ARG D 338 49.78 10.89 -3.61
C ARG D 338 48.86 11.29 -4.76
N GLU D 339 49.33 11.10 -6.00
CA GLU D 339 48.55 11.43 -7.19
C GLU D 339 47.27 10.60 -7.28
N THR D 340 47.36 9.32 -6.95
CA THR D 340 46.17 8.47 -6.89
C THR D 340 45.13 9.01 -5.91
N VAL D 341 45.53 9.27 -4.67
CA VAL D 341 44.55 9.75 -3.69
C VAL D 341 44.05 11.15 -3.96
N VAL D 342 44.81 11.97 -4.69
CA VAL D 342 44.35 13.29 -5.14
C VAL D 342 43.24 13.18 -6.19
N GLN D 343 43.41 12.29 -7.16
CA GLN D 343 42.41 12.19 -8.24
C GLN D 343 41.19 11.37 -7.84
N LEU D 344 41.28 10.65 -6.71
CA LEU D 344 40.14 9.93 -6.18
C LEU D 344 39.27 10.83 -5.29
N THR D 345 39.77 12.03 -4.98
CA THR D 345 39.03 13.01 -4.14
C THR D 345 38.75 14.37 -4.81
N ASP D 346 38.89 14.43 -6.14
CA ASP D 346 38.69 15.65 -6.90
C ASP D 346 37.26 15.77 -7.39
N PHE D 347 36.55 16.78 -6.90
CA PHE D 347 35.11 16.89 -7.16
C PHE D 347 34.73 17.84 -8.31
N ARG D 348 35.73 18.47 -8.93
CA ARG D 348 35.51 19.23 -10.15
C ARG D 348 35.34 18.28 -11.34
N ALA E 3 11.20 37.57 -9.17
CA ALA E 3 10.78 36.52 -10.15
C ALA E 3 11.37 35.14 -9.81
N ASP E 5 13.07 31.72 -11.20
CA ASP E 5 13.77 31.09 -12.31
C ASP E 5 13.33 29.64 -12.43
N LEU E 6 12.28 29.43 -13.22
CA LEU E 6 11.70 28.11 -13.34
C LEU E 6 12.60 27.13 -14.08
N SER E 7 13.46 27.61 -14.96
CA SER E 7 14.38 26.71 -15.65
C SER E 7 15.46 26.17 -14.69
N LEU E 8 15.87 26.99 -13.73
CA LEU E 8 16.82 26.59 -12.70
C LEU E 8 16.18 25.60 -11.73
N LEU E 9 14.95 25.87 -11.30
CA LEU E 9 14.26 24.96 -10.39
C LEU E 9 13.95 23.62 -11.07
N LYS E 10 13.59 23.66 -12.36
CA LYS E 10 13.41 22.46 -13.17
C LYS E 10 14.70 21.65 -13.24
N ALA E 11 15.82 22.32 -13.51
CA ALA E 11 17.10 21.63 -13.62
C ALA E 11 17.49 20.95 -12.29
N LEU E 12 17.24 21.63 -11.18
CA LEU E 12 17.57 21.11 -9.84
C LEU E 12 16.66 19.96 -9.44
N SER E 13 15.35 20.15 -9.62
CA SER E 13 14.37 19.12 -9.30
C SER E 13 14.63 17.82 -10.08
N GLU E 14 14.93 17.96 -11.37
CA GLU E 14 15.09 16.81 -12.27
C GLU E 14 16.46 16.17 -12.18
N ALA E 15 17.43 16.88 -11.63
CA ALA E 15 18.76 16.31 -11.46
C ALA E 15 18.61 15.07 -10.59
N ASP E 16 19.33 14.02 -10.91
CA ASP E 16 19.31 12.78 -10.12
C ASP E 16 20.55 12.69 -9.29
N ALA E 17 20.38 12.84 -7.97
CA ALA E 17 21.52 12.92 -7.08
C ALA E 17 21.16 12.29 -5.75
N ILE E 18 21.86 11.20 -5.39
CA ILE E 18 21.70 10.58 -4.06
C ILE E 18 23.04 10.58 -3.33
N ALA E 19 23.03 10.20 -2.05
CA ALA E 19 24.26 10.19 -1.23
C ALA E 19 25.42 9.56 -1.97
N SER E 20 26.53 10.29 -2.01
CA SER E 20 27.78 9.89 -2.68
C SER E 20 27.79 10.00 -4.22
N SER E 21 26.63 10.22 -4.84
CA SER E 21 26.57 10.51 -6.28
C SER E 21 25.73 11.75 -6.51
N GLU E 22 26.34 12.91 -6.33
CA GLU E 22 25.66 14.17 -6.34
C GLU E 22 26.23 15.08 -7.43
N GLN E 23 26.96 14.48 -8.37
CA GLN E 23 27.60 15.23 -9.44
C GLN E 23 26.64 16.09 -10.27
N GLU E 24 25.43 15.60 -10.56
CA GLU E 24 24.44 16.36 -11.31
C GLU E 24 23.98 17.67 -10.65
N VAL E 25 23.88 17.68 -9.32
CA VAL E 25 23.58 18.91 -8.56
C VAL E 25 24.85 19.76 -8.39
N ARG E 26 25.95 19.10 -8.03
CA ARG E 26 27.21 19.80 -7.85
C ARG E 26 27.61 20.57 -9.11
N GLN E 27 27.42 19.97 -10.30
CA GLN E 27 27.78 20.66 -11.56
C GLN E 27 26.97 21.94 -11.76
N ILE E 28 25.68 21.89 -11.45
CA ILE E 28 24.84 23.09 -11.53
C ILE E 28 25.39 24.20 -10.64
N LEU E 29 25.68 23.84 -9.40
CA LEU E 29 26.24 24.76 -8.42
C LEU E 29 27.59 25.34 -8.84
N LEU E 30 28.47 24.49 -9.35
CA LEU E 30 29.79 24.89 -9.80
C LEU E 30 29.73 25.83 -11.00
N GLU E 31 28.76 25.63 -11.88
CA GLU E 31 28.58 26.52 -13.03
C GLU E 31 28.12 27.91 -12.56
N GLU E 32 27.22 27.95 -11.58
CA GLU E 32 26.77 29.23 -11.01
C GLU E 32 27.91 30.01 -10.36
N ALA E 33 28.71 29.33 -9.56
CA ALA E 33 29.85 29.94 -8.88
C ALA E 33 30.89 30.46 -9.86
N ALA E 34 31.14 29.70 -10.93
CA ALA E 34 32.17 30.05 -11.92
C ALA E 34 31.75 31.26 -12.72
N ARG E 35 30.46 31.33 -13.08
CA ARG E 35 29.94 32.47 -13.82
CA ARG E 35 29.89 32.46 -13.81
C ARG E 35 30.10 33.77 -13.02
N LEU E 36 30.06 33.68 -11.70
CA LEU E 36 30.22 34.86 -10.85
C LEU E 36 31.62 35.00 -10.24
N GLN E 37 32.57 34.22 -10.78
CA GLN E 37 33.97 34.22 -10.34
C GLN E 37 34.08 34.02 -8.82
N LYS E 38 33.29 33.09 -8.29
CA LYS E 38 33.34 32.79 -6.87
C LYS E 38 34.17 31.54 -6.61
N GLU E 39 35.02 31.62 -5.59
CA GLU E 39 35.86 30.50 -5.18
C GLU E 39 35.03 29.39 -4.55
N VAL E 40 35.32 28.16 -4.93
CA VAL E 40 34.60 27.01 -4.40
C VAL E 40 35.59 26.08 -3.71
N ARG E 41 35.25 25.71 -2.49
CA ARG E 41 35.97 24.70 -1.76
C ARG E 41 35.08 23.47 -1.57
N PHE E 42 35.68 22.34 -1.22
CA PHE E 42 34.93 21.10 -0.95
C PHE E 42 35.39 20.49 0.38
N ASP E 43 34.51 19.72 1.02
CA ASP E 43 34.94 18.85 2.11
C ASP E 43 35.25 17.47 1.54
N GLY E 44 35.65 16.52 2.41
CA GLY E 44 36.02 15.17 2.00
C GLY E 44 34.91 14.34 1.38
N LEU E 45 33.66 14.75 1.60
CA LEU E 45 32.49 14.03 1.08
C LEU E 45 31.98 14.60 -0.24
N GLY E 46 32.56 15.72 -0.66
CA GLY E 46 32.10 16.40 -1.86
C GLY E 46 31.12 17.54 -1.65
N SER E 47 30.92 17.95 -0.40
CA SER E 47 30.06 19.11 -0.12
C SER E 47 30.65 20.34 -0.80
N VAL E 48 29.77 21.20 -1.29
CA VAL E 48 30.15 22.39 -2.03
C VAL E 48 30.11 23.58 -1.06
N LEU E 49 31.26 24.24 -0.92
CA LEU E 49 31.45 25.37 0.00
C LEU E 49 31.76 26.64 -0.81
N ILE E 50 30.76 27.52 -0.92
CA ILE E 50 30.89 28.74 -1.72
C ILE E 50 31.01 29.94 -0.81
N ARG E 51 32.16 30.60 -0.89
CA ARG E 51 32.40 31.83 -0.15
C ARG E 51 31.75 32.97 -0.93
N LEU E 52 30.68 33.55 -0.38
CA LEU E 52 29.96 34.63 -1.05
C LEU E 52 30.82 35.88 -1.15
N ASN E 53 31.53 36.17 -0.07
CA ASN E 53 32.21 37.45 0.07
C ASN E 53 33.43 37.37 0.98
N GLU E 54 34.12 38.49 1.12
CA GLU E 54 35.19 38.64 2.08
C GLU E 54 34.80 39.72 3.10
N SER E 55 34.81 39.33 4.37
CA SER E 55 34.40 40.20 5.44
C SER E 55 35.16 39.82 6.69
N THR E 56 35.41 40.82 7.54
CA THR E 56 36.02 40.62 8.85
C THR E 56 34.93 40.39 9.90
N GLY E 57 33.67 40.50 9.50
CA GLY E 57 32.53 40.20 10.37
C GLY E 57 32.35 38.71 10.64
N PRO E 58 31.33 38.33 11.42
CA PRO E 58 31.13 36.93 11.80
C PRO E 58 30.87 36.04 10.58
N LYS E 59 31.25 34.77 10.66
CA LYS E 59 30.97 33.80 9.62
C LYS E 59 29.56 33.22 9.76
N VAL E 60 28.75 33.38 8.73
CA VAL E 60 27.43 32.79 8.67
C VAL E 60 27.39 31.70 7.57
N ILE E 62 24.93 29.21 5.39
CA ILE E 62 23.60 28.90 4.94
C ILE E 62 23.71 27.57 4.21
N CYS E 63 23.00 26.55 4.71
CA CYS E 63 23.25 25.15 4.35
C CYS E 63 22.00 24.46 3.77
N ALA E 64 22.17 23.79 2.63
CA ALA E 64 21.12 22.96 2.03
C ALA E 64 21.73 21.61 1.71
N HIS E 65 20.92 20.57 1.47
CA HIS E 65 21.47 19.28 1.08
C HIS E 65 21.24 18.95 -0.40
N ASP E 67 21.40 15.85 -1.86
CA ASP E 67 20.88 14.52 -2.13
C ASP E 67 19.36 14.44 -1.97
N GLU E 68 18.75 13.51 -2.69
CA GLU E 68 17.31 13.27 -2.61
C GLU E 68 17.12 11.84 -2.14
N VAL E 69 15.91 11.50 -1.69
CA VAL E 69 15.59 10.10 -1.40
C VAL E 69 15.38 9.36 -2.73
N GLY E 70 15.79 8.10 -2.74
CA GLY E 70 15.73 7.28 -3.93
C GLY E 70 16.02 5.83 -3.57
N PHE E 71 16.71 5.14 -4.48
CA PHE E 71 17.02 3.72 -4.36
C PHE E 71 18.40 3.51 -4.99
N VAL E 73 20.75 0.35 -6.99
CA VAL E 73 20.78 -1.01 -7.51
C VAL E 73 21.61 -1.91 -6.59
N ARG E 74 21.00 -3.02 -6.16
CA ARG E 74 21.66 -3.92 -5.25
C ARG E 74 22.12 -5.17 -5.97
N SER E 75 21.24 -5.73 -6.78
CA SER E 75 21.49 -7.02 -7.38
C SER E 75 20.66 -7.21 -8.65
N ILE E 76 21.15 -8.04 -9.55
CA ILE E 76 20.44 -8.35 -10.77
C ILE E 76 20.24 -9.87 -10.84
N SER E 77 18.98 -10.29 -10.97
CA SER E 77 18.66 -11.72 -10.99
C SER E 77 18.88 -12.32 -12.39
N ARG E 78 18.86 -13.65 -12.49
CA ARG E 78 18.98 -14.33 -13.79
C ARG E 78 17.84 -14.03 -14.77
N GLU E 79 16.69 -13.60 -14.25
CA GLU E 79 15.55 -13.18 -15.06
C GLU E 79 15.62 -11.70 -15.47
N GLY E 80 16.67 -11.01 -15.06
CA GLY E 80 16.80 -9.57 -15.32
C GLY E 80 15.95 -8.67 -14.44
N ALA E 81 15.48 -9.19 -13.30
CA ALA E 81 14.93 -8.33 -12.23
C ALA E 81 16.06 -7.55 -11.56
N ILE E 82 15.78 -6.29 -11.24
CA ILE E 82 16.78 -5.44 -10.63
C ILE E 82 16.40 -5.15 -9.17
N ASP E 83 16.94 -5.93 -8.25
CA ASP E 83 16.79 -5.68 -6.81
C ASP E 83 17.37 -4.31 -6.44
N VAL E 84 16.60 -3.54 -5.69
CA VAL E 84 17.05 -2.23 -5.22
C VAL E 84 16.82 -2.07 -3.71
N LEU E 85 17.64 -1.24 -3.07
CA LEU E 85 17.36 -0.83 -1.69
C LEU E 85 17.07 0.67 -1.64
N PRO E 86 16.22 1.12 -0.67
CA PRO E 86 15.95 2.54 -0.55
C PRO E 86 17.16 3.28 0.02
N VAL E 87 17.36 4.52 -0.45
CA VAL E 87 18.40 5.38 0.06
C VAL E 87 17.65 6.56 0.66
N GLY E 88 17.65 6.64 1.99
CA GLY E 88 16.83 7.63 2.70
C GLY E 88 15.46 7.08 3.02
N ASN E 89 14.63 7.87 3.70
CA ASN E 89 13.28 7.43 4.03
C ASN E 89 12.27 7.71 2.93
N VAL E 90 12.19 6.80 1.97
CA VAL E 90 11.14 6.85 0.97
C VAL E 90 9.85 6.39 1.63
N ARG E 91 8.78 7.18 1.48
CA ARG E 91 7.48 6.81 2.02
C ARG E 91 7.11 5.38 1.61
N ALA E 93 4.30 4.17 1.07
CA ALA E 93 3.27 4.25 0.03
C ALA E 93 3.81 4.66 -1.35
N ALA E 94 5.09 5.04 -1.41
CA ALA E 94 5.78 5.44 -2.65
C ALA E 94 6.68 4.33 -3.22
N ARG E 95 6.41 3.09 -2.85
CA ARG E 95 7.32 1.99 -3.21
C ARG E 95 6.60 0.92 -4.05
N GLN E 96 5.43 1.26 -4.57
CA GLN E 96 4.64 0.28 -5.32
C GLN E 96 4.17 0.86 -6.64
N LEU E 97 4.51 0.15 -7.70
CA LEU E 97 4.15 0.53 -9.08
C LEU E 97 4.50 1.99 -9.39
N GLN E 98 5.77 2.35 -9.14
CA GLN E 98 6.25 3.73 -9.32
C GLN E 98 7.22 3.80 -10.49
N PRO E 99 6.94 4.66 -11.48
CA PRO E 99 7.90 4.94 -12.54
C PRO E 99 9.22 5.53 -11.99
N VAL E 100 10.34 4.95 -12.41
CA VAL E 100 11.65 5.38 -11.96
C VAL E 100 12.62 5.39 -13.14
N ARG E 101 13.85 5.86 -12.90
CA ARG E 101 14.96 5.74 -13.85
C ARG E 101 16.27 5.47 -13.15
N ILE E 102 17.08 4.62 -13.79
CA ILE E 102 18.37 4.20 -13.32
C ILE E 102 19.44 4.98 -14.09
N THR E 103 20.40 5.54 -13.37
CA THR E 103 21.53 6.22 -14.03
C THR E 103 22.79 5.37 -13.88
N THR E 104 23.33 4.95 -15.02
CA THR E 104 24.53 4.10 -15.06
C THR E 104 25.80 4.92 -14.86
N ARG E 105 26.93 4.22 -14.75
CA ARG E 105 28.26 4.83 -14.63
C ARG E 105 28.63 5.67 -15.83
N GLU E 106 28.04 5.33 -16.97
CA GLU E 106 28.29 6.08 -18.21
CA GLU E 106 28.26 6.06 -18.22
C GLU E 106 27.28 7.22 -18.37
N GLU E 107 26.48 7.44 -17.32
CA GLU E 107 25.48 8.52 -17.26
C GLU E 107 24.29 8.32 -18.22
N CYS E 108 24.03 7.08 -18.62
CA CYS E 108 22.83 6.78 -19.39
C CYS E 108 21.68 6.60 -18.42
N LYS E 109 20.49 6.99 -18.87
CA LYS E 109 19.31 6.88 -18.04
C LYS E 109 18.34 5.88 -18.65
N ILE E 110 18.07 4.82 -17.91
CA ILE E 110 17.13 3.76 -18.32
C ILE E 110 15.88 3.83 -17.45
N PRO E 111 14.72 4.06 -18.06
CA PRO E 111 13.47 4.11 -17.33
C PRO E 111 13.00 2.70 -16.94
N GLY E 112 12.27 2.61 -15.83
CA GLY E 112 11.69 1.35 -15.38
C GLY E 112 10.50 1.54 -14.47
N LEU E 113 9.88 0.43 -14.09
CA LEU E 113 8.82 0.45 -13.10
C LEU E 113 9.29 -0.26 -11.84
N LEU E 114 9.20 0.46 -10.71
CA LEU E 114 9.54 -0.10 -9.41
C LEU E 114 8.30 -0.71 -8.76
N ASP E 115 8.48 -1.87 -8.12
CA ASP E 115 7.41 -2.49 -7.37
C ASP E 115 8.00 -3.23 -6.18
N GLY E 116 7.27 -3.23 -5.07
CA GLY E 116 7.67 -3.97 -3.87
C GLY E 116 6.57 -4.86 -3.34
N ASP E 117 6.92 -5.72 -2.39
CA ASP E 117 5.97 -6.58 -1.71
C ASP E 117 5.50 -5.91 -0.42
N ARG E 118 4.20 -5.72 -0.26
CA ARG E 118 3.66 -5.18 0.97
C ARG E 118 3.35 -6.25 2.03
N GLN E 119 3.80 -6.00 3.25
CA GLN E 119 3.43 -6.79 4.43
C GLN E 119 3.04 -5.81 5.55
N GLY E 120 1.73 -5.63 5.73
CA GLY E 120 1.20 -4.64 6.67
C GLY E 120 1.53 -3.22 6.24
N ASN E 121 2.20 -2.49 7.13
CA ASN E 121 2.67 -1.14 6.83
C ASN E 121 3.94 -1.11 5.97
N ASP E 122 4.69 -2.21 5.98
CA ASP E 122 6.01 -2.26 5.34
C ASP E 122 6.00 -2.78 3.92
N VAL E 123 6.79 -2.12 3.08
CA VAL E 123 7.06 -2.58 1.72
C VAL E 123 8.56 -2.82 1.58
N SER E 124 8.91 -4.07 1.26
CA SER E 124 10.31 -4.45 1.05
C SER E 124 10.43 -5.45 -0.11
N ALA E 125 11.64 -5.95 -0.35
CA ALA E 125 11.94 -6.79 -1.52
C ALA E 125 11.58 -6.05 -2.82
N ARG E 127 11.93 -4.28 -6.46
CA ARG E 127 12.55 -4.61 -7.72
C ARG E 127 12.16 -3.58 -8.78
N VAL E 128 13.09 -3.28 -9.66
CA VAL E 128 12.82 -2.42 -10.81
C VAL E 128 12.79 -3.30 -12.07
N ASP E 129 11.84 -3.00 -12.94
CA ASP E 129 11.62 -3.75 -14.18
C ASP E 129 11.87 -2.80 -15.33
N ILE E 130 12.88 -3.14 -16.15
CA ILE E 130 13.19 -2.41 -17.38
C ILE E 130 12.78 -3.18 -18.62
N GLY E 131 12.00 -4.26 -18.42
CA GLY E 131 11.57 -5.12 -19.51
C GLY E 131 12.56 -6.24 -19.85
N ALA E 132 13.61 -6.40 -19.04
CA ALA E 132 14.66 -7.39 -19.33
C ALA E 132 14.24 -8.81 -18.98
N ARG E 133 14.82 -9.77 -19.69
CA ARG E 133 14.46 -11.18 -19.57
C ARG E 133 15.64 -12.01 -19.10
N THR E 134 16.81 -11.39 -19.07
CA THR E 134 18.02 -12.07 -18.62
C THR E 134 18.90 -11.10 -17.86
N TYR E 135 19.77 -11.66 -17.01
CA TYR E 135 20.89 -10.94 -16.41
C TYR E 135 21.71 -10.18 -17.45
N ASP E 136 22.06 -10.85 -18.56
CA ASP E 136 22.95 -10.23 -19.55
CA ASP E 136 22.94 -10.27 -19.57
C ASP E 136 22.32 -9.04 -20.25
N GLU E 137 21.01 -9.07 -20.46
CA GLU E 137 20.28 -7.92 -21.02
C GLU E 137 20.41 -6.67 -20.14
N VAL E 138 20.34 -6.86 -18.82
CA VAL E 138 20.56 -5.75 -17.89
C VAL E 138 22.02 -5.28 -17.94
N GLN E 140 23.99 -5.49 -20.44
CA GLN E 140 24.12 -4.81 -21.74
C GLN E 140 23.62 -3.37 -21.71
N ALA E 141 22.64 -3.11 -20.87
CA ALA E 141 22.14 -1.73 -20.72
C ALA E 141 23.10 -0.87 -19.91
N GLY E 142 24.18 -1.46 -19.38
CA GLY E 142 25.17 -0.70 -18.61
C GLY E 142 24.88 -0.59 -17.12
N ILE E 143 23.81 -1.27 -16.69
CA ILE E 143 23.36 -1.24 -15.30
C ILE E 143 24.21 -2.14 -14.40
N ARG E 144 24.63 -1.57 -13.26
CA ARG E 144 25.46 -2.31 -12.29
C ARG E 144 25.04 -2.04 -10.84
N PRO E 145 25.31 -3.00 -9.93
CA PRO E 145 25.15 -2.70 -8.50
C PRO E 145 25.75 -1.34 -8.12
N GLY E 146 25.03 -0.57 -7.30
CA GLY E 146 25.50 0.76 -6.92
C GLY E 146 24.88 1.90 -7.71
N ASP E 147 24.27 1.60 -8.86
CA ASP E 147 23.62 2.63 -9.69
C ASP E 147 22.45 3.30 -8.96
N ARG E 148 22.40 4.62 -9.04
CA ARG E 148 21.32 5.39 -8.45
C ARG E 148 20.02 5.23 -9.24
N VAL E 149 18.92 5.26 -8.49
CA VAL E 149 17.57 5.08 -8.99
C VAL E 149 16.73 6.20 -8.37
N THR E 150 16.03 6.96 -9.20
CA THR E 150 15.24 8.10 -8.73
C THR E 150 13.88 8.07 -9.41
N PHE E 151 12.88 8.71 -8.79
CA PHE E 151 11.57 8.81 -9.40
C PHE E 151 11.64 9.51 -10.76
N ASP E 152 10.81 9.07 -11.67
CA ASP E 152 10.93 9.49 -13.07
C ASP E 152 10.00 10.68 -13.30
N THR E 153 10.22 11.75 -12.55
CA THR E 153 9.27 12.86 -12.46
C THR E 153 9.72 14.08 -13.22
N THR E 154 8.90 14.50 -14.17
CA THR E 154 9.06 15.76 -14.85
C THR E 154 8.53 16.91 -13.99
N PHE E 155 9.32 17.97 -13.87
CA PHE E 155 8.94 19.16 -13.11
C PHE E 155 7.78 19.83 -13.83
N GLN E 156 6.79 20.29 -13.07
CA GLN E 156 5.59 20.86 -13.66
C GLN E 156 5.07 22.10 -12.93
N VAL E 157 4.49 23.00 -13.71
CA VAL E 157 3.86 24.18 -13.16
C VAL E 157 2.39 23.86 -12.92
N LEU E 158 1.91 24.25 -11.74
CA LEU E 158 0.52 24.09 -11.33
C LEU E 158 -0.24 25.42 -11.47
N PRO E 159 -1.60 25.38 -11.42
CA PRO E 159 -2.33 26.66 -11.41
C PRO E 159 -1.99 27.53 -10.19
N HIS E 160 -2.21 28.84 -10.32
CA HIS E 160 -2.01 29.80 -9.23
C HIS E 160 -0.57 29.86 -8.70
N GLN E 161 0.39 29.75 -9.61
CA GLN E 161 1.82 29.96 -9.28
C GLN E 161 2.31 29.01 -8.18
N ARG E 162 1.96 27.73 -8.34
CA ARG E 162 2.54 26.67 -7.52
C ARG E 162 3.28 25.73 -8.46
N VAL E 163 4.17 24.90 -7.91
CA VAL E 163 5.03 24.03 -8.73
C VAL E 163 5.04 22.62 -8.16
N GLY E 165 7.18 18.77 -8.45
CA GLY E 165 8.31 17.98 -8.96
C GLY E 165 8.90 17.12 -7.86
N LYS E 166 9.82 16.24 -8.23
CA LYS E 166 10.55 15.44 -7.26
C LYS E 166 11.63 16.24 -6.55
N ALA E 167 12.06 15.71 -5.39
CA ALA E 167 13.25 16.21 -4.70
C ALA E 167 13.18 17.68 -4.25
N PHE E 168 11.98 18.21 -4.07
CA PHE E 168 11.82 19.52 -3.44
C PHE E 168 12.49 19.58 -2.05
N ASP E 169 12.42 18.47 -1.32
CA ASP E 169 13.35 18.16 -0.22
C ASP E 169 14.60 17.52 -0.87
N ASP E 170 15.69 18.26 -1.10
CA ASP E 170 15.90 19.65 -0.67
C ASP E 170 16.32 20.58 -1.82
N ARG E 171 15.88 20.28 -3.04
CA ARG E 171 16.25 21.11 -4.18
C ARG E 171 15.68 22.53 -4.09
N LEU E 172 14.55 22.70 -3.40
CA LEU E 172 14.05 24.06 -3.14
C LEU E 172 15.11 24.91 -2.42
N SER E 173 15.78 24.32 -1.44
CA SER E 173 16.83 24.99 -0.72
C SER E 173 18.14 25.16 -1.50
N CYS E 174 18.49 24.20 -2.37
CA CYS E 174 19.57 24.40 -3.34
C CYS E 174 19.26 25.59 -4.26
N TYR E 175 17.99 25.70 -4.62
CA TYR E 175 17.53 26.78 -5.46
C TYR E 175 17.76 28.10 -4.73
N LEU E 176 17.38 28.16 -3.47
CA LEU E 176 17.59 29.36 -2.65
C LEU E 176 19.05 29.76 -2.54
N LEU E 177 19.95 28.78 -2.41
CA LEU E 177 21.39 29.08 -2.36
C LEU E 177 21.84 29.76 -3.63
N VAL E 178 21.33 29.29 -4.77
CA VAL E 178 21.74 29.84 -6.05
C VAL E 178 21.27 31.27 -6.21
N THR E 179 20.00 31.53 -5.84
CA THR E 179 19.43 32.86 -6.04
C THR E 179 19.97 33.87 -5.05
N LEU E 180 20.42 33.41 -3.88
CA LEU E 180 21.12 34.26 -2.92
C LEU E 180 22.48 34.64 -3.46
N LEU E 181 23.16 33.68 -4.09
CA LEU E 181 24.45 33.93 -4.73
C LEU E 181 24.32 34.93 -5.88
N ARG E 182 23.32 34.77 -6.73
CA ARG E 182 23.08 35.70 -7.83
C ARG E 182 22.74 37.12 -7.30
N GLU E 183 21.93 37.18 -6.26
CA GLU E 183 21.47 38.48 -5.73
C GLU E 183 22.57 39.24 -4.99
N LEU E 184 23.37 38.52 -4.20
CA LEU E 184 24.28 39.15 -3.24
C LEU E 184 25.77 39.06 -3.59
N HIS E 185 26.09 38.59 -4.80
CA HIS E 185 27.50 38.38 -5.22
C HIS E 185 28.40 39.63 -5.18
N ASP E 186 27.82 40.81 -5.40
CA ASP E 186 28.58 42.06 -5.37
C ASP E 186 28.11 43.00 -4.24
N ALA E 187 27.52 42.44 -3.20
CA ALA E 187 26.97 43.23 -2.10
C ALA E 187 27.98 43.40 -0.98
N GLU E 188 27.90 44.55 -0.30
CA GLU E 188 28.71 44.84 0.86
C GLU E 188 27.92 44.38 2.10
N LEU E 189 28.47 43.40 2.81
CA LEU E 189 27.75 42.72 3.89
C LEU E 189 28.53 42.79 5.21
N PRO E 190 27.82 42.81 6.36
CA PRO E 190 28.50 42.83 7.67
C PRO E 190 28.98 41.45 8.15
N ALA E 191 28.66 40.40 7.39
CA ALA E 191 29.09 39.06 7.73
C ALA E 191 29.81 38.41 6.55
N GLU E 192 30.71 37.47 6.83
CA GLU E 192 31.26 36.60 5.78
C GLU E 192 30.34 35.39 5.61
N VAL E 193 29.73 35.30 4.43
CA VAL E 193 28.69 34.30 4.18
C VAL E 193 29.23 33.12 3.39
N TRP E 194 29.01 31.92 3.92
CA TRP E 194 29.30 30.69 3.21
C TRP E 194 28.00 29.99 2.84
N LEU E 195 27.86 29.70 1.55
CA LEU E 195 26.73 28.98 1.02
C LEU E 195 27.18 27.56 0.79
N VAL E 196 26.54 26.62 1.50
CA VAL E 196 27.03 25.26 1.60
C VAL E 196 25.96 24.30 1.11
N ALA E 197 26.30 23.49 0.11
CA ALA E 197 25.41 22.44 -0.34
C ALA E 197 26.03 21.14 0.14
N SER E 198 25.42 20.54 1.16
CA SER E 198 26.07 19.41 1.81
C SER E 198 25.72 18.08 1.17
N SER E 199 26.61 17.12 1.37
CA SER E 199 26.48 15.81 0.79
C SER E 199 25.75 14.88 1.74
N SER E 200 24.99 13.94 1.18
CA SER E 200 24.50 12.77 1.94
C SER E 200 23.68 13.01 3.22
N GLU E 201 22.83 14.03 3.23
CA GLU E 201 21.93 14.19 4.34
CA GLU E 201 21.94 14.21 4.41
C GLU E 201 20.79 13.22 4.62
N GLU E 202 20.26 12.64 3.56
CA GLU E 202 19.12 11.70 3.67
C GLU E 202 19.46 10.37 4.35
N VAL E 203 20.75 10.04 4.42
CA VAL E 203 21.19 8.79 5.02
C VAL E 203 21.59 9.00 6.50
N GLY E 204 21.46 10.24 6.95
CA GLY E 204 21.67 10.62 8.34
C GLY E 204 21.91 12.11 8.50
N LEU E 205 23.18 12.47 8.66
CA LEU E 205 23.58 13.80 9.10
C LEU E 205 25.08 13.92 8.84
N ARG E 206 25.44 13.70 7.59
CA ARG E 206 26.82 13.34 7.23
C ARG E 206 27.63 14.51 6.66
N GLY E 207 27.25 14.96 5.47
CA GLY E 207 27.87 16.13 4.86
C GLY E 207 27.71 17.35 5.74
N GLY E 208 26.58 17.41 6.46
CA GLY E 208 26.29 18.49 7.40
C GLY E 208 27.43 18.69 8.39
N GLN E 209 27.74 17.63 9.12
CA GLN E 209 28.86 17.55 10.06
C GLN E 209 30.18 18.03 9.48
N THR E 210 30.62 17.36 8.42
CA THR E 210 31.94 17.64 7.84
C THR E 210 32.06 19.02 7.20
N ALA E 211 31.01 19.48 6.51
CA ALA E 211 31.03 20.81 5.90
C ALA E 211 31.06 21.91 6.97
N THR E 212 30.30 21.72 8.04
CA THR E 212 30.28 22.68 9.15
C THR E 212 31.66 22.82 9.79
N ARG E 213 32.36 21.69 9.93
CA ARG E 213 33.72 21.70 10.44
C ARG E 213 34.68 22.39 9.50
N ALA E 214 34.49 22.21 8.20
CA ALA E 214 35.34 22.88 7.22
C ALA E 214 35.15 24.40 7.27
N VAL E 215 33.91 24.86 7.45
CA VAL E 215 33.60 26.30 7.48
C VAL E 215 33.85 26.96 8.84
N SER E 216 33.49 26.23 9.90
CA SER E 216 33.52 26.72 11.27
C SER E 216 32.76 28.03 11.45
N PRO E 217 31.44 28.01 11.22
CA PRO E 217 30.70 29.28 11.28
C PRO E 217 30.44 29.76 12.71
N ASP E 218 30.07 31.03 12.85
CA ASP E 218 29.61 31.59 14.11
C ASP E 218 28.10 31.40 14.29
N VAL E 219 27.39 31.35 13.17
CA VAL E 219 25.94 31.22 13.13
C VAL E 219 25.61 30.37 11.90
N ALA E 220 24.57 29.54 11.99
CA ALA E 220 24.15 28.73 10.84
C ALA E 220 22.65 28.78 10.66
N ILE E 221 22.23 28.90 9.40
CA ILE E 221 20.86 28.68 8.98
C ILE E 221 20.82 27.45 8.07
N VAL E 222 20.10 26.43 8.52
CA VAL E 222 19.91 25.22 7.76
C VAL E 222 18.56 25.35 7.05
N LEU E 223 18.58 25.14 5.73
CA LEU E 223 17.37 25.19 4.94
C LEU E 223 16.87 23.78 4.66
N ASP E 224 15.63 23.50 5.03
CA ASP E 224 15.00 22.20 4.74
C ASP E 224 13.50 22.46 4.60
N THR E 225 12.78 21.48 4.09
CA THR E 225 11.34 21.58 3.88
C THR E 225 10.64 20.48 4.67
N ALA E 226 9.33 20.58 4.81
CA ALA E 226 8.53 19.54 5.48
C ALA E 226 7.09 19.68 5.05
N CYS E 227 6.34 18.58 5.10
CA CYS E 227 4.91 18.62 4.84
C CYS E 227 4.12 18.10 6.03
N TRP E 228 2.84 18.47 6.08
CA TRP E 228 1.91 17.97 7.09
C TRP E 228 1.28 16.67 6.60
N ALA E 229 1.27 15.65 7.45
CA ALA E 229 0.74 14.32 7.08
C ALA E 229 -0.72 14.35 6.62
N LYS E 230 -1.55 15.15 7.30
CA LYS E 230 -2.95 15.35 6.92
C LYS E 230 -3.05 16.51 5.93
N ASN E 231 -2.91 16.19 4.65
CA ASN E 231 -2.65 17.18 3.61
C ASN E 231 -3.62 18.37 3.49
N PHE E 232 -4.94 18.10 3.53
CA PHE E 232 -5.93 19.17 3.35
C PHE E 232 -6.51 19.72 4.66
N ASP E 233 -5.87 19.40 5.78
CA ASP E 233 -6.24 19.97 7.08
C ASP E 233 -5.61 21.35 7.21
N TYR E 234 -6.40 22.40 7.00
CA TYR E 234 -5.88 23.76 7.09
C TYR E 234 -6.18 24.38 8.45
N GLY E 235 -6.47 23.53 9.43
CA GLY E 235 -6.75 23.97 10.78
C GLY E 235 -5.52 24.57 11.45
N ALA E 236 -5.70 25.00 12.70
CA ALA E 236 -4.65 25.69 13.43
C ALA E 236 -3.43 24.81 13.77
N ALA E 237 -3.59 23.50 13.68
CA ALA E 237 -2.50 22.54 13.95
C ALA E 237 -1.51 22.36 12.77
N ASN E 238 -1.93 22.68 11.55
CA ASN E 238 -1.05 22.58 10.38
C ASN E 238 -0.27 23.89 10.19
N HIS E 239 1.01 23.88 10.57
CA HIS E 239 1.94 25.01 10.39
C HIS E 239 2.94 24.74 9.26
N ARG E 240 2.48 23.98 8.28
CA ARG E 240 3.24 23.63 7.11
C ARG E 240 2.32 23.83 5.91
N GLN E 241 1.54 24.90 5.93
CA GLN E 241 0.61 25.16 4.86
C GLN E 241 1.29 25.96 3.77
N ILE E 242 1.29 25.43 2.55
CA ILE E 242 1.86 26.16 1.42
C ILE E 242 1.04 27.44 1.20
N GLY E 243 1.73 28.57 0.97
CA GLY E 243 1.07 29.85 0.82
C GLY E 243 0.97 30.65 2.11
N ASN E 244 1.25 30.04 3.27
CA ASN E 244 1.20 30.75 4.54
C ASN E 244 2.55 31.27 5.01
N GLY E 245 3.55 31.23 4.13
CA GLY E 245 4.86 31.82 4.42
C GLY E 245 5.87 30.76 4.85
N PRO E 246 7.17 31.13 4.86
CA PRO E 246 8.25 30.20 5.22
C PRO E 246 8.05 29.68 6.63
N LEU E 248 9.41 28.52 10.28
CA LEU E 248 10.48 28.66 11.24
C LEU E 248 10.42 27.45 12.15
N VAL E 249 11.40 26.55 12.07
CA VAL E 249 11.34 25.32 12.85
C VAL E 249 11.83 25.57 14.29
N LEU E 250 10.92 25.46 15.26
CA LEU E 250 11.23 25.62 16.67
C LEU E 250 11.96 24.41 17.22
N SER E 251 11.65 23.24 16.69
CA SER E 251 12.31 22.02 17.14
C SER E 251 12.06 20.84 16.22
N ASP E 252 12.99 19.90 16.28
CA ASP E 252 12.86 18.61 15.62
C ASP E 252 13.55 17.61 16.53
N LYS E 253 13.68 16.36 16.09
CA LYS E 253 14.29 15.35 16.94
C LYS E 253 15.78 15.61 17.19
N SER E 254 16.42 16.34 16.27
CA SER E 254 17.87 16.61 16.35
C SER E 254 18.29 18.01 16.86
N LEU E 255 17.35 18.96 16.95
CA LEU E 255 17.67 20.34 17.39
C LEU E 255 16.48 21.08 18.01
N ILE E 256 16.69 21.69 19.18
CA ILE E 256 15.78 22.74 19.68
C ILE E 256 16.44 24.10 19.46
N ALA E 257 15.89 24.88 18.52
CA ALA E 257 16.42 26.20 18.17
C ALA E 257 16.55 27.13 19.38
N PRO E 258 17.58 28.01 19.38
CA PRO E 258 17.77 28.95 20.49
C PRO E 258 16.74 30.07 20.47
N PRO E 259 16.02 30.26 21.58
CA PRO E 259 15.03 31.35 21.69
C PRO E 259 15.51 32.74 21.26
N LYS E 260 16.76 33.09 21.55
CA LYS E 260 17.30 34.40 21.15
C LYS E 260 17.39 34.53 19.64
N LEU E 261 17.79 33.45 18.97
CA LEU E 261 17.88 33.45 17.53
C LEU E 261 16.50 33.45 16.87
N THR E 262 15.57 32.63 17.36
CA THR E 262 14.23 32.63 16.76
C THR E 262 13.54 33.98 16.96
N ALA E 263 13.65 34.55 18.16
CA ALA E 263 13.11 35.88 18.46
C ALA E 263 13.64 36.95 17.49
N TRP E 264 14.95 36.93 17.22
CA TRP E 264 15.55 37.89 16.31
C TRP E 264 15.01 37.76 14.89
N ILE E 265 14.98 36.54 14.38
CA ILE E 265 14.44 36.26 13.05
C ILE E 265 12.97 36.67 12.91
N GLU E 266 12.16 36.37 13.92
CA GLU E 266 10.78 36.83 13.94
C GLU E 266 10.67 38.36 13.84
N THR E 267 11.57 39.09 14.52
CA THR E 267 11.53 40.56 14.46
C THR E 267 11.94 41.07 13.06
N VAL E 268 12.94 40.44 12.45
CA VAL E 268 13.32 40.76 11.07
C VAL E 268 12.18 40.49 10.09
N ALA E 269 11.57 39.30 10.18
CA ALA E 269 10.47 38.94 9.29
C ALA E 269 9.27 39.88 9.43
N ALA E 270 8.93 40.23 10.68
CA ALA E 270 7.86 41.21 10.96
C ALA E 270 8.17 42.59 10.36
N GLU E 271 9.41 43.05 10.46
CA GLU E 271 9.82 44.30 9.82
C GLU E 271 9.64 44.31 8.29
N ILE E 272 10.04 43.24 7.61
CA ILE E 272 9.98 43.19 6.14
C ILE E 272 8.64 42.65 5.62
N GLY E 273 7.76 42.25 6.53
CA GLY E 273 6.42 41.81 6.16
C GLY E 273 6.33 40.38 5.64
N VAL E 274 7.28 39.52 6.03
CA VAL E 274 7.19 38.10 5.67
C VAL E 274 6.52 37.33 6.82
N PRO E 275 5.37 36.69 6.56
CA PRO E 275 4.76 35.89 7.63
C PRO E 275 5.51 34.58 7.84
N LEU E 276 5.52 34.11 9.08
CA LEU E 276 6.23 32.89 9.40
C LEU E 276 5.27 31.86 10.00
N GLN E 277 5.53 30.59 9.72
CA GLN E 277 4.81 29.51 10.35
C GLN E 277 5.76 28.85 11.33
N ALA E 278 5.45 28.89 12.62
CA ALA E 278 6.31 28.31 13.65
C ALA E 278 5.96 26.85 13.79
N ASP E 279 6.91 25.99 13.44
CA ASP E 279 6.66 24.54 13.32
C ASP E 279 7.55 23.68 14.25
N PHE E 281 8.75 19.47 14.61
CA PHE E 281 8.71 18.11 14.07
C PHE E 281 8.61 17.09 15.20
N SER E 282 7.62 16.20 15.10
CA SER E 282 7.41 15.16 16.10
C SER E 282 8.24 13.90 15.81
N ASN E 283 8.60 13.70 14.55
CA ASN E 283 9.32 12.51 14.11
C ASN E 283 10.62 12.85 13.38
N GLY E 284 10.57 13.88 12.55
CA GLY E 284 11.71 14.29 11.73
C GLY E 284 12.93 14.73 12.53
N GLY E 285 14.10 14.45 11.99
CA GLY E 285 15.39 14.91 12.52
C GLY E 285 16.28 15.26 11.34
N THR E 286 16.67 16.53 11.25
CA THR E 286 17.31 17.08 10.04
C THR E 286 18.80 17.45 10.22
N ASP E 287 19.28 18.26 9.27
CA ASP E 287 20.65 18.79 9.24
C ASP E 287 20.98 19.59 10.50
N GLY E 288 19.98 20.26 11.07
CA GLY E 288 20.15 21.14 12.24
C GLY E 288 20.87 20.47 13.40
N GLY E 289 20.60 19.19 13.57
CA GLY E 289 21.16 18.39 14.65
C GLY E 289 22.66 18.31 14.65
N ALA E 290 23.23 17.74 13.59
CA ALA E 290 24.67 17.56 13.52
C ALA E 290 25.38 18.91 13.54
N VAL E 291 24.81 19.89 12.82
CA VAL E 291 25.43 21.20 12.64
C VAL E 291 25.70 21.92 13.98
N HIS E 292 24.67 22.06 14.81
CA HIS E 292 24.82 22.85 16.06
C HIS E 292 25.75 22.23 17.10
N LEU E 293 25.98 20.92 16.99
CA LEU E 293 26.83 20.19 17.92
C LEU E 293 28.28 20.09 17.43
N THR E 294 28.60 20.91 16.43
CA THR E 294 29.94 20.97 15.83
C THR E 294 30.88 21.80 16.73
N GLY E 295 32.09 21.28 16.96
CA GLY E 295 33.06 21.97 17.83
C GLY E 295 32.50 22.24 19.21
N THR E 296 32.57 23.49 19.65
CA THR E 296 32.04 23.88 20.95
C THR E 296 30.60 24.44 20.85
N GLY E 297 29.95 24.16 19.72
CA GLY E 297 28.54 24.50 19.57
C GLY E 297 28.28 25.70 18.69
N VAL E 298 27.30 25.58 17.79
CA VAL E 298 26.98 26.64 16.84
C VAL E 298 25.51 26.98 16.98
N PRO E 299 25.17 28.26 17.28
CA PRO E 299 23.79 28.74 17.20
C PRO E 299 23.23 28.48 15.80
N THR E 300 22.20 27.63 15.73
CA THR E 300 21.69 27.12 14.47
C THR E 300 20.17 27.11 14.50
N LEU E 301 19.55 27.48 13.40
CA LEU E 301 18.15 27.10 13.21
C LEU E 301 17.81 26.64 11.80
N VAL E 302 16.66 25.99 11.71
CA VAL E 302 16.19 25.39 10.49
C VAL E 302 15.02 26.25 10.04
N GLY E 304 12.57 27.01 6.13
CA GLY E 304 12.39 26.69 4.73
C GLY E 304 10.95 26.78 4.32
N PRO E 305 10.68 26.68 3.01
CA PRO E 305 9.29 26.67 2.54
C PRO E 305 8.63 25.33 2.85
N ALA E 306 7.36 25.36 3.24
CA ALA E 306 6.56 24.15 3.39
C ALA E 306 6.33 23.51 2.01
N THR E 307 6.09 22.21 2.01
CA THR E 307 5.68 21.51 0.81
C THR E 307 4.44 20.69 1.14
N ARG E 308 3.72 20.25 0.11
CA ARG E 308 2.73 19.20 0.26
C ARG E 308 3.40 17.92 -0.24
N HIS E 309 3.11 16.78 0.51
CA HIS E 309 3.75 15.50 0.16
C HIS E 309 5.26 15.62 0.43
N GLY E 310 6.03 14.54 0.17
CA GLY E 310 7.47 14.57 0.43
C GLY E 310 7.97 13.15 0.39
N HIS E 311 9.23 12.98 0.00
CA HIS E 311 9.86 11.66 -0.04
C HIS E 311 9.01 10.71 -0.89
N CYS E 312 8.55 11.22 -2.02
CA CYS E 312 7.81 10.43 -2.98
C CYS E 312 8.01 11.01 -4.37
N ALA E 313 7.23 10.54 -5.35
CA ALA E 313 7.41 10.93 -6.75
C ALA E 313 7.35 12.44 -6.98
N ALA E 314 6.59 13.16 -6.15
CA ALA E 314 6.38 14.59 -6.35
C ALA E 314 5.91 15.29 -5.08
N SER E 315 6.44 16.49 -4.86
CA SER E 315 5.94 17.42 -3.86
C SER E 315 5.34 18.64 -4.55
N ILE E 316 4.57 19.43 -3.79
CA ILE E 316 4.00 20.69 -4.28
C ILE E 316 4.45 21.83 -3.39
N ALA E 317 4.89 22.93 -4.00
CA ALA E 317 5.30 24.13 -3.31
C ALA E 317 4.64 25.36 -3.91
N ASP E 318 4.60 26.43 -3.11
CA ASP E 318 4.01 27.70 -3.51
C ASP E 318 5.14 28.66 -3.79
N CYS E 319 5.16 29.21 -5.01
CA CYS E 319 6.21 30.15 -5.41
C CYS E 319 6.36 31.39 -4.53
N ARG E 320 5.25 31.95 -4.03
CA ARG E 320 5.30 33.08 -3.06
C ARG E 320 6.10 32.71 -1.79
N ASP E 321 5.88 31.51 -1.23
CA ASP E 321 6.65 31.02 -0.10
C ASP E 321 8.15 31.02 -0.40
N ILE E 322 8.52 30.55 -1.59
CA ILE E 322 9.92 30.47 -2.00
C ILE E 322 10.55 31.85 -2.14
N LEU E 323 9.84 32.76 -2.79
CA LEU E 323 10.28 34.15 -2.93
C LEU E 323 10.42 34.85 -1.57
N GLN E 324 9.49 34.60 -0.66
CA GLN E 324 9.57 35.19 0.69
C GLN E 324 10.72 34.65 1.53
N GLU E 326 13.61 33.69 0.20
CA GLU E 326 14.71 34.40 -0.46
C GLU E 326 14.90 35.79 0.15
N GLN E 327 13.80 36.54 0.22
CA GLN E 327 13.75 37.87 0.81
C GLN E 327 14.16 37.86 2.30
N LEU E 328 13.63 36.92 3.07
CA LEU E 328 14.02 36.82 4.48
C LEU E 328 15.51 36.49 4.66
N LEU E 329 16.06 35.58 3.86
CA LEU E 329 17.47 35.18 4.00
C LEU E 329 18.42 36.35 3.68
N SER E 330 18.13 37.04 2.58
CA SER E 330 18.87 38.23 2.19
C SER E 330 18.81 39.31 3.28
N ALA E 331 17.62 39.60 3.80
CA ALA E 331 17.45 40.58 4.86
C ALA E 331 18.16 40.20 6.17
N LEU E 332 18.14 38.90 6.50
CA LEU E 332 18.86 38.41 7.68
C LEU E 332 20.37 38.61 7.53
N ILE E 333 20.88 38.32 6.34
CA ILE E 333 22.31 38.41 6.05
C ILE E 333 22.78 39.86 6.15
N GLN E 334 21.99 40.77 5.59
CA GLN E 334 22.35 42.19 5.62
C GLN E 334 22.39 42.75 7.04
N ARG E 335 21.78 42.05 8.00
CA ARG E 335 21.69 42.54 9.39
C ARG E 335 22.56 41.77 10.38
N LEU E 336 23.33 40.80 9.91
CA LEU E 336 24.07 39.94 10.82
C LEU E 336 25.44 40.55 11.19
N THR E 337 25.40 41.61 11.99
CA THR E 337 26.63 42.27 12.43
C THR E 337 27.33 41.51 13.55
N ARG E 338 28.62 41.81 13.74
CA ARG E 338 29.39 41.28 14.84
C ARG E 338 28.63 41.47 16.15
N GLU E 339 28.14 42.68 16.39
CA GLU E 339 27.47 42.97 17.65
C GLU E 339 26.16 42.21 17.78
N THR E 340 25.44 42.04 16.67
CA THR E 340 24.23 41.23 16.67
C THR E 340 24.54 39.80 17.12
N VAL E 341 25.52 39.15 16.51
CA VAL E 341 25.78 37.75 16.84
C VAL E 341 26.41 37.53 18.21
N VAL E 342 27.10 38.54 18.74
CA VAL E 342 27.59 38.49 20.13
C VAL E 342 26.40 38.55 21.10
N GLN E 343 25.44 39.43 20.78
CA GLN E 343 24.25 39.64 21.60
C GLN E 343 23.34 38.40 21.60
N LEU E 344 23.29 37.69 20.48
CA LEU E 344 22.44 36.50 20.37
C LEU E 344 23.09 35.26 21.02
N THR E 345 24.35 35.37 21.44
CA THR E 345 25.07 34.26 22.12
C THR E 345 25.56 34.55 23.55
N ASP E 346 25.06 35.62 24.16
CA ASP E 346 25.50 36.04 25.50
C ASP E 346 24.60 35.38 26.55
N PHE E 347 25.18 34.48 27.33
CA PHE E 347 24.40 33.69 28.29
C PHE E 347 24.41 34.24 29.72
N ARG E 348 25.10 35.37 29.91
CA ARG E 348 25.09 36.10 31.19
C ARG E 348 23.70 36.68 31.48
N ALA F 3 25.42 18.31 56.35
CA ALA F 3 24.24 19.11 56.17
C ALA F 3 23.75 19.09 54.72
N ASP F 5 21.65 21.20 52.04
CA ASP F 5 21.06 22.52 51.81
C ASP F 5 19.73 22.36 51.06
N LEU F 6 18.65 22.21 51.84
CA LEU F 6 17.34 21.94 51.27
C LEU F 6 16.75 23.11 50.50
N SER F 7 17.10 24.35 50.85
CA SER F 7 16.63 25.48 50.09
C SER F 7 17.27 25.52 48.70
N LEU F 8 18.54 25.11 48.61
CA LEU F 8 19.22 24.98 47.32
C LEU F 8 18.63 23.84 46.48
N LEU F 9 18.38 22.70 47.10
CA LEU F 9 17.81 21.59 46.37
C LEU F 9 16.37 21.93 45.93
N LYS F 10 15.62 22.61 46.80
CA LYS F 10 14.28 23.11 46.44
C LYS F 10 14.37 24.01 45.20
N ALA F 11 15.29 24.98 45.22
CA ALA F 11 15.46 25.94 44.12
C ALA F 11 15.76 25.24 42.79
N LEU F 12 16.66 24.26 42.83
CA LEU F 12 17.06 23.52 41.63
C LEU F 12 15.96 22.62 41.09
N SER F 13 15.31 21.88 42.00
CA SER F 13 14.22 20.99 41.64
C SER F 13 13.03 21.75 41.02
N GLU F 14 12.67 22.89 41.62
CA GLU F 14 11.52 23.67 41.19
C GLU F 14 11.80 24.57 40.00
N ALA F 15 13.07 24.79 39.68
CA ALA F 15 13.42 25.57 38.49
C ALA F 15 12.88 24.85 37.25
N ASP F 16 12.38 25.62 36.31
CA ASP F 16 11.84 25.05 35.07
C ASP F 16 12.83 25.31 33.95
N ALA F 17 13.50 24.25 33.53
CA ALA F 17 14.55 24.37 32.53
C ALA F 17 14.56 23.17 31.62
N ILE F 18 14.30 23.41 30.34
CA ILE F 18 14.39 22.37 29.31
C ILE F 18 15.42 22.76 28.28
N ALA F 19 15.71 21.84 27.35
CA ALA F 19 16.74 22.04 26.32
C ALA F 19 16.58 23.38 25.63
N SER F 20 17.67 24.13 25.58
CA SER F 20 17.71 25.45 24.96
C SER F 20 17.11 26.58 25.80
N SER F 21 16.40 26.27 26.89
CA SER F 21 16.04 27.33 27.83
C SER F 21 16.21 26.90 29.27
N GLU F 22 17.44 27.12 29.72
CA GLU F 22 17.94 26.61 30.96
C GLU F 22 18.32 27.79 31.85
N GLN F 23 17.90 29.00 31.47
CA GLN F 23 18.20 30.21 32.22
C GLN F 23 17.94 30.10 33.73
N GLU F 24 16.82 29.49 34.12
CA GLU F 24 16.49 29.40 35.56
C GLU F 24 17.54 28.61 36.37
N VAL F 25 18.12 27.59 35.75
CA VAL F 25 19.18 26.79 36.39
C VAL F 25 20.54 27.47 36.22
N ARG F 26 20.80 27.98 35.03
CA ARG F 26 22.03 28.72 34.77
C ARG F 26 22.23 29.86 35.77
N GLN F 27 21.19 30.66 36.03
CA GLN F 27 21.32 31.80 36.95
C GLN F 27 21.68 31.37 38.38
N ILE F 28 21.09 30.28 38.85
CA ILE F 28 21.47 29.72 40.16
C ILE F 28 22.97 29.42 40.19
N LEU F 29 23.44 28.68 39.19
CA LEU F 29 24.84 28.33 39.06
C LEU F 29 25.77 29.56 38.97
N LEU F 30 25.38 30.54 38.16
CA LEU F 30 26.13 31.79 38.01
C LEU F 30 26.23 32.57 39.32
N GLU F 31 25.13 32.64 40.06
CA GLU F 31 25.13 33.28 41.40
C GLU F 31 26.11 32.62 42.37
N GLU F 32 26.18 31.27 42.36
CA GLU F 32 27.14 30.55 43.22
C GLU F 32 28.61 30.82 42.86
N ALA F 33 28.91 30.79 41.56
CA ALA F 33 30.26 31.06 41.06
C ALA F 33 30.70 32.51 41.34
N ALA F 34 29.77 33.45 41.21
CA ALA F 34 30.10 34.87 41.41
C ALA F 34 30.44 35.10 42.88
N ARG F 35 29.62 34.55 43.77
CA ARG F 35 29.82 34.67 45.21
CA ARG F 35 29.79 34.63 45.21
C ARG F 35 31.17 34.15 45.66
N LEU F 36 31.71 33.16 44.94
CA LEU F 36 33.02 32.60 45.27
C LEU F 36 34.12 33.09 44.32
N GLN F 37 33.82 34.17 43.60
CA GLN F 37 34.77 34.80 42.66
C GLN F 37 35.38 33.76 41.72
N LYS F 38 34.54 32.90 41.19
CA LYS F 38 35.00 31.88 40.26
C LYS F 38 34.67 32.26 38.84
N GLU F 39 35.67 32.10 37.99
CA GLU F 39 35.58 32.30 36.54
C GLU F 39 34.57 31.35 35.88
N VAL F 40 33.62 31.92 35.14
CA VAL F 40 32.66 31.12 34.38
C VAL F 40 32.85 31.30 32.88
N ARG F 41 32.88 30.17 32.17
CA ARG F 41 32.89 30.18 30.72
C ARG F 41 31.66 29.43 30.18
N PHE F 42 31.34 29.65 28.92
CA PHE F 42 30.23 28.97 28.28
C PHE F 42 30.67 28.34 26.98
N ASP F 43 29.98 27.28 26.59
CA ASP F 43 30.09 26.77 25.22
C ASP F 43 28.99 27.40 24.38
N GLY F 44 28.93 27.05 23.09
CA GLY F 44 27.98 27.62 22.15
C GLY F 44 26.53 27.36 22.48
N LEU F 45 26.27 26.31 23.26
CA LEU F 45 24.91 25.92 23.62
C LEU F 45 24.41 26.52 24.93
N GLY F 46 25.29 27.20 25.66
CA GLY F 46 24.95 27.76 26.96
C GLY F 46 25.35 26.92 28.17
N SER F 47 26.11 25.85 27.94
CA SER F 47 26.65 25.04 29.05
C SER F 47 27.53 25.89 29.93
N VAL F 48 27.41 25.67 31.24
CA VAL F 48 28.16 26.43 32.23
C VAL F 48 29.43 25.65 32.59
N LEU F 49 30.57 26.31 32.40
CA LEU F 49 31.89 25.75 32.66
C LEU F 49 32.54 26.56 33.80
N ILE F 50 32.62 25.95 34.98
CA ILE F 50 33.18 26.61 36.14
C ILE F 50 34.49 25.96 36.47
N ARG F 51 35.56 26.74 36.36
CA ARG F 51 36.88 26.29 36.72
C ARG F 51 37.01 26.40 38.24
N LEU F 52 37.21 25.26 38.91
CA LEU F 52 37.29 25.25 40.37
C LEU F 52 38.58 25.92 40.85
N ASN F 53 39.68 25.64 40.16
CA ASN F 53 41.01 26.03 40.65
C ASN F 53 42.01 26.20 39.51
N GLU F 54 43.23 26.59 39.86
CA GLU F 54 44.35 26.62 38.93
C GLU F 54 45.39 25.59 39.35
N SER F 55 45.76 24.72 38.41
CA SER F 55 46.63 23.61 38.68
C SER F 55 47.33 23.22 37.40
N THR F 56 48.55 22.69 37.55
CA THR F 56 49.32 22.13 36.44
C THR F 56 49.05 20.62 36.32
N GLY F 57 48.26 20.08 37.24
CA GLY F 57 47.86 18.68 37.19
C GLY F 57 46.85 18.38 36.09
N PRO F 58 46.38 17.12 36.02
CA PRO F 58 45.46 16.72 34.96
C PRO F 58 44.12 17.44 35.06
N LYS F 59 43.46 17.68 33.93
CA LYS F 59 42.14 18.29 33.92
C LYS F 59 41.07 17.23 34.18
N VAL F 60 40.27 17.45 35.22
CA VAL F 60 39.14 16.59 35.52
C VAL F 60 37.83 17.37 35.32
N ILE F 62 33.80 17.32 35.96
CA ILE F 62 32.63 16.74 36.63
C ILE F 62 31.40 17.35 35.98
N CYS F 63 30.58 16.51 35.37
CA CYS F 63 29.52 16.95 34.46
C CYS F 63 28.11 16.57 34.96
N ALA F 64 27.22 17.55 35.02
CA ALA F 64 25.78 17.29 35.21
C ALA F 64 24.97 17.95 34.08
N HIS F 65 23.73 17.53 33.86
CA HIS F 65 22.88 18.24 32.90
C HIS F 65 21.86 19.17 33.57
N ASP F 67 19.03 20.39 32.06
CA ASP F 67 17.67 20.29 31.55
C ASP F 67 16.92 19.13 32.18
N GLU F 68 15.59 19.24 32.18
CA GLU F 68 14.70 18.21 32.67
C GLU F 68 13.81 17.77 31.52
N VAL F 69 13.19 16.60 31.65
CA VAL F 69 12.11 16.22 30.71
C VAL F 69 10.89 17.08 30.99
N GLY F 70 10.19 17.45 29.92
CA GLY F 70 9.02 18.29 30.01
C GLY F 70 8.28 18.25 28.70
N PHE F 71 7.64 19.37 28.37
CA PHE F 71 6.88 19.52 27.13
C PHE F 71 7.16 20.92 26.55
N VAL F 73 5.17 24.00 24.10
CA VAL F 73 3.98 24.43 23.39
C VAL F 73 4.22 24.34 21.88
N ARG F 74 3.31 23.64 21.19
CA ARG F 74 3.41 23.46 19.74
C ARG F 74 2.42 24.36 18.99
N SER F 75 1.20 24.41 19.49
CA SER F 75 0.10 24.97 18.73
C SER F 75 -1.07 25.33 19.67
N ILE F 76 -1.84 26.34 19.30
CA ILE F 76 -3.01 26.73 20.07
C ILE F 76 -4.23 26.64 19.16
N SER F 77 -5.25 25.88 19.57
CA SER F 77 -6.48 25.71 18.78
C SER F 77 -7.43 26.90 18.94
N ARG F 78 -8.45 26.99 18.07
CA ARG F 78 -9.49 28.03 18.16
C ARG F 78 -10.31 27.95 19.45
N GLU F 79 -10.33 26.78 20.07
CA GLU F 79 -11.02 26.55 21.34
C GLU F 79 -10.14 26.87 22.57
N GLY F 80 -8.89 27.26 22.33
CA GLY F 80 -7.95 27.52 23.42
C GLY F 80 -7.25 26.29 23.98
N ALA F 81 -7.27 25.18 23.26
CA ALA F 81 -6.45 24.03 23.61
C ALA F 81 -4.99 24.26 23.24
N ILE F 82 -4.09 23.89 24.14
CA ILE F 82 -2.67 24.10 23.91
C ILE F 82 -2.02 22.73 23.60
N ASP F 83 -1.85 22.43 22.31
CA ASP F 83 -1.08 21.25 21.87
C ASP F 83 0.36 21.35 22.32
N VAL F 84 0.89 20.27 22.89
CA VAL F 84 2.29 20.21 23.29
C VAL F 84 2.97 18.93 22.77
N LEU F 85 4.30 18.99 22.62
CA LEU F 85 5.07 17.79 22.35
C LEU F 85 6.02 17.54 23.51
N PRO F 86 6.33 16.25 23.80
CA PRO F 86 7.24 15.95 24.88
C PRO F 86 8.68 16.37 24.52
N VAL F 87 9.44 16.80 25.52
CA VAL F 87 10.84 17.16 25.36
C VAL F 87 11.59 16.19 26.25
N GLY F 88 12.28 15.25 25.63
CA GLY F 88 12.90 14.15 26.36
C GLY F 88 11.92 12.99 26.51
N ASN F 89 12.36 11.92 27.18
CA ASN F 89 11.50 10.78 27.36
C ASN F 89 10.65 10.83 28.65
N VAL F 90 9.53 11.53 28.57
CA VAL F 90 8.54 11.53 29.62
C VAL F 90 7.84 10.16 29.61
N ARG F 91 7.80 9.51 30.77
CA ARG F 91 7.10 8.22 30.90
C ARG F 91 5.71 8.32 30.29
N ALA F 93 3.17 6.77 31.23
CA ALA F 93 2.24 6.82 32.37
C ALA F 93 2.23 8.18 33.07
N ALA F 94 3.07 9.11 32.62
CA ALA F 94 3.11 10.48 33.16
C ALA F 94 2.54 11.52 32.18
N ARG F 95 1.67 11.10 31.28
CA ARG F 95 1.18 11.99 30.24
C ARG F 95 -0.36 12.11 30.29
N GLN F 96 -0.94 11.76 31.43
CA GLN F 96 -2.41 11.75 31.52
C GLN F 96 -2.89 12.39 32.81
N LEU F 97 -3.70 13.43 32.66
CA LEU F 97 -4.25 14.18 33.79
C LEU F 97 -3.17 14.62 34.80
N GLN F 98 -2.12 15.27 34.28
CA GLN F 98 -1.00 15.75 35.10
C GLN F 98 -1.01 17.27 35.26
N PRO F 99 -1.06 17.77 36.50
CA PRO F 99 -0.79 19.20 36.71
C PRO F 99 0.57 19.66 36.17
N VAL F 100 0.56 20.75 35.40
CA VAL F 100 1.76 21.30 34.79
C VAL F 100 1.69 22.82 34.88
N ARG F 101 2.77 23.49 34.46
CA ARG F 101 2.77 24.95 34.29
C ARG F 101 3.60 25.35 33.07
N ILE F 102 3.15 26.41 32.43
CA ILE F 102 3.76 26.93 31.21
C ILE F 102 4.51 28.21 31.59
N THR F 103 5.75 28.31 31.14
CA THR F 103 6.51 29.56 31.30
C THR F 103 6.61 30.30 29.98
N THR F 104 6.09 31.53 29.96
CA THR F 104 6.10 32.38 28.78
C THR F 104 7.44 33.12 28.60
N ARG F 105 7.60 33.78 27.46
CA ARG F 105 8.78 34.62 27.14
C ARG F 105 8.99 35.77 28.13
N GLU F 106 7.91 36.18 28.80
CA GLU F 106 7.97 37.25 29.80
CA GLU F 106 7.94 37.24 29.80
C GLU F 106 8.20 36.65 31.19
N GLU F 107 8.48 35.34 31.23
CA GLU F 107 8.74 34.57 32.46
C GLU F 107 7.55 34.49 33.42
N CYS F 108 6.32 34.64 32.92
CA CYS F 108 5.13 34.37 33.72
C CYS F 108 4.84 32.87 33.69
N LYS F 109 4.26 32.36 34.77
CA LYS F 109 3.94 30.94 34.88
C LYS F 109 2.43 30.75 34.97
N ILE F 110 1.89 30.01 34.02
CA ILE F 110 0.47 29.71 33.99
C ILE F 110 0.23 28.23 34.29
N PRO F 111 -0.49 27.94 35.38
CA PRO F 111 -0.77 26.53 35.69
C PRO F 111 -1.82 25.94 34.73
N GLY F 112 -1.77 24.62 34.57
CA GLY F 112 -2.71 23.93 33.68
C GLY F 112 -2.75 22.45 33.93
N LEU F 113 -3.71 21.77 33.31
CA LEU F 113 -3.77 20.32 33.33
C LEU F 113 -3.44 19.73 31.96
N LEU F 114 -2.43 18.87 31.93
CA LEU F 114 -2.06 18.14 30.73
C LEU F 114 -2.84 16.83 30.63
N ASP F 115 -3.35 16.53 29.45
CA ASP F 115 -3.99 15.26 29.20
C ASP F 115 -3.61 14.76 27.83
N GLY F 116 -3.53 13.44 27.69
CA GLY F 116 -3.16 12.81 26.44
C GLY F 116 -4.15 11.77 25.96
N ASP F 117 -3.90 11.31 24.74
CA ASP F 117 -4.75 10.37 24.05
C ASP F 117 -4.05 9.00 24.09
N ARG F 118 -4.59 8.06 24.86
CA ARG F 118 -3.98 6.73 24.91
C ARG F 118 -4.49 5.79 23.83
N GLN F 119 -3.57 5.32 22.99
CA GLN F 119 -3.82 4.17 22.12
C GLN F 119 -2.90 3.03 22.54
N GLY F 120 -3.46 2.11 23.34
CA GLY F 120 -2.73 0.95 23.86
C GLY F 120 -1.58 1.32 24.77
N ASN F 121 -0.37 1.18 24.24
CA ASN F 121 0.88 1.36 24.99
C ASN F 121 1.32 2.82 25.06
N ASP F 122 0.91 3.61 24.06
CA ASP F 122 1.41 4.97 23.86
C ASP F 122 0.37 6.04 24.15
N VAL F 123 0.87 7.21 24.54
CA VAL F 123 0.05 8.42 24.72
C VAL F 123 0.60 9.54 23.84
N SER F 124 -0.23 10.00 22.91
CA SER F 124 0.11 11.12 22.04
C SER F 124 -1.04 12.15 21.99
N ALA F 125 -0.97 13.07 21.03
CA ALA F 125 -1.94 14.18 20.91
C ALA F 125 -2.19 14.83 22.27
N ARG F 127 -2.46 17.69 25.11
CA ARG F 127 -2.95 19.04 25.20
C ARG F 127 -2.87 19.54 26.64
N VAL F 128 -2.63 20.82 26.80
CA VAL F 128 -2.70 21.45 28.11
C VAL F 128 -3.92 22.35 28.16
N ASP F 129 -4.59 22.31 29.30
CA ASP F 129 -5.81 23.06 29.54
C ASP F 129 -5.55 24.10 30.64
N ILE F 130 -5.65 25.37 30.27
CA ILE F 130 -5.54 26.46 31.23
C ILE F 130 -6.90 27.10 31.50
N GLY F 131 -7.97 26.44 31.07
CA GLY F 131 -9.33 26.95 31.23
C GLY F 131 -9.77 27.93 30.14
N ALA F 132 -8.95 28.08 29.10
CA ALA F 132 -9.27 29.02 28.02
C ALA F 132 -10.36 28.47 27.08
N ARG F 133 -11.08 29.40 26.46
CA ARG F 133 -12.21 29.10 25.60
C ARG F 133 -11.95 29.57 24.17
N THR F 134 -10.86 30.30 23.99
CA THR F 134 -10.50 30.83 22.68
C THR F 134 -8.98 30.89 22.48
N TYR F 135 -8.58 30.92 21.22
CA TYR F 135 -7.20 31.21 20.82
C TYR F 135 -6.71 32.52 21.48
N ASP F 136 -7.52 33.58 21.41
CA ASP F 136 -7.08 34.89 21.88
CA ASP F 136 -7.11 34.89 21.88
C ASP F 136 -6.90 34.95 23.39
N GLU F 137 -7.72 34.22 24.14
CA GLU F 137 -7.52 34.08 25.59
C GLU F 137 -6.14 33.50 25.93
N VAL F 138 -5.68 32.54 25.14
CA VAL F 138 -4.35 31.98 25.33
C VAL F 138 -3.26 33.00 24.96
N GLN F 140 -3.53 36.18 25.10
CA GLN F 140 -3.57 37.21 26.15
C GLN F 140 -2.80 36.81 27.41
N ALA F 141 -2.75 35.50 27.68
CA ALA F 141 -1.98 34.99 28.81
C ALA F 141 -0.47 35.05 28.52
N GLY F 142 -0.11 35.33 27.26
CA GLY F 142 1.30 35.51 26.90
C GLY F 142 1.93 34.23 26.37
N ILE F 143 1.11 33.19 26.25
CA ILE F 143 1.55 31.87 25.82
C ILE F 143 1.78 31.83 24.29
N ARG F 144 2.92 31.25 23.89
CA ARG F 144 3.28 31.13 22.47
C ARG F 144 3.91 29.78 22.17
N PRO F 145 3.80 29.32 20.90
CA PRO F 145 4.59 28.19 20.42
C PRO F 145 6.04 28.32 20.90
N GLY F 146 6.57 27.24 21.45
CA GLY F 146 7.93 27.23 21.94
C GLY F 146 8.10 27.36 23.44
N ASP F 147 7.03 27.74 24.15
CA ASP F 147 7.08 27.89 25.60
C ASP F 147 7.32 26.55 26.29
N ARG F 148 8.17 26.56 27.30
CA ARG F 148 8.44 25.39 28.10
C ARG F 148 7.29 25.07 29.05
N VAL F 149 7.09 23.77 29.26
CA VAL F 149 6.02 23.24 30.06
C VAL F 149 6.63 22.17 30.98
N THR F 150 6.43 22.31 32.27
CA THR F 150 7.05 21.42 33.24
C THR F 150 6.00 20.95 34.23
N PHE F 151 6.26 19.82 34.88
CA PHE F 151 5.40 19.33 35.93
C PHE F 151 5.25 20.37 37.03
N ASP F 152 4.05 20.48 37.57
CA ASP F 152 3.76 21.53 38.54
C ASP F 152 4.05 21.04 39.97
N THR F 153 5.29 20.62 40.24
CA THR F 153 5.63 19.92 41.48
C THR F 153 6.39 20.80 42.46
N THR F 154 5.85 20.88 43.67
CA THR F 154 6.54 21.49 44.80
C THR F 154 7.44 20.46 45.45
N PHE F 155 8.68 20.88 45.72
CA PHE F 155 9.68 20.05 46.40
C PHE F 155 9.22 19.80 47.83
N GLN F 156 9.32 18.55 48.29
CA GLN F 156 8.83 18.17 49.61
C GLN F 156 9.79 17.25 50.37
N VAL F 157 9.82 17.44 51.68
CA VAL F 157 10.58 16.53 52.56
C VAL F 157 9.72 15.31 52.91
N LEU F 158 10.33 14.14 52.82
CA LEU F 158 9.69 12.88 53.21
C LEU F 158 10.19 12.42 54.58
N PRO F 159 9.45 11.49 55.23
CA PRO F 159 10.00 10.98 56.50
C PRO F 159 11.36 10.27 56.33
N HIS F 160 12.13 10.21 57.43
CA HIS F 160 13.40 9.51 57.47
C HIS F 160 14.46 10.07 56.50
N GLN F 161 14.49 11.40 56.38
CA GLN F 161 15.53 12.12 55.63
C GLN F 161 15.59 11.70 54.14
N ARG F 162 14.43 11.71 53.52
CA ARG F 162 14.34 11.48 52.10
C ARG F 162 13.59 12.67 51.54
N VAL F 163 13.71 12.90 50.24
CA VAL F 163 13.12 14.08 49.61
C VAL F 163 12.41 13.68 48.32
N GLY F 165 10.55 15.43 44.66
CA GLY F 165 10.31 16.58 43.80
C GLY F 165 10.60 16.21 42.35
N LYS F 166 10.29 17.11 41.44
CA LYS F 166 10.57 16.91 40.02
C LYS F 166 12.04 17.14 39.68
N ALA F 167 12.42 16.62 38.51
CA ALA F 167 13.69 16.92 37.88
C ALA F 167 14.90 16.48 38.72
N PHE F 168 14.73 15.48 39.57
CA PHE F 168 15.87 14.91 40.31
C PHE F 168 16.93 14.38 39.32
N ASP F 169 16.45 13.91 38.17
CA ASP F 169 17.24 13.75 36.96
C ASP F 169 17.17 15.08 36.18
N ASP F 170 18.18 15.97 36.26
CA ASP F 170 19.47 15.73 36.92
C ASP F 170 19.82 16.84 37.93
N ARG F 171 18.81 17.44 38.55
CA ARG F 171 19.04 18.49 39.52
C ARG F 171 19.75 18.01 40.79
N LEU F 172 19.67 16.72 41.11
CA LEU F 172 20.49 16.18 42.19
C LEU F 172 21.99 16.35 41.88
N SER F 173 22.36 16.14 40.63
CA SER F 173 23.73 16.30 40.20
C SER F 173 24.16 17.76 40.04
N CYS F 174 23.24 18.63 39.63
CA CYS F 174 23.45 20.06 39.69
C CYS F 174 23.70 20.53 41.13
N TYR F 175 22.92 19.98 42.07
CA TYR F 175 23.08 20.26 43.49
C TYR F 175 24.48 19.85 43.95
N LEU F 176 24.92 18.67 43.53
CA LEU F 176 26.26 18.17 43.86
C LEU F 176 27.38 19.06 43.32
N LEU F 177 27.19 19.61 42.12
CA LEU F 177 28.19 20.53 41.54
C LEU F 177 28.37 21.77 42.40
N VAL F 178 27.27 22.30 42.90
CA VAL F 178 27.28 23.48 43.75
C VAL F 178 27.94 23.22 45.10
N THR F 179 27.65 22.07 45.70
CA THR F 179 28.18 21.79 47.05
C THR F 179 29.68 21.46 46.99
N LEU F 180 30.12 20.92 45.86
CA LEU F 180 31.54 20.70 45.61
C LEU F 180 32.25 22.03 45.46
N LEU F 181 31.67 22.93 44.67
CA LEU F 181 32.20 24.27 44.53
C LEU F 181 32.32 24.97 45.89
N ARG F 182 31.26 24.91 46.70
CA ARG F 182 31.26 25.51 48.04
C ARG F 182 32.34 24.89 48.96
N GLU F 183 32.51 23.57 48.87
CA GLU F 183 33.44 22.84 49.72
C GLU F 183 34.91 23.05 49.32
N LEU F 184 35.17 23.03 48.01
CA LEU F 184 36.55 22.98 47.53
C LEU F 184 37.07 24.26 46.87
N HIS F 185 36.31 25.35 46.93
CA HIS F 185 36.71 26.60 46.27
C HIS F 185 38.09 27.13 46.71
N ASP F 186 38.50 26.79 47.93
CA ASP F 186 39.78 27.25 48.49
C ASP F 186 40.82 26.13 48.62
N ALA F 187 40.50 24.94 48.11
CA ALA F 187 41.32 23.76 48.35
C ALA F 187 42.56 23.69 47.47
N GLU F 188 43.64 23.15 48.04
CA GLU F 188 44.85 22.83 47.29
C GLU F 188 44.64 21.45 46.68
N LEU F 189 44.55 21.39 45.36
CA LEU F 189 44.18 20.16 44.65
C LEU F 189 45.27 19.70 43.67
N PRO F 190 45.41 18.36 43.48
CA PRO F 190 46.38 17.81 42.51
C PRO F 190 45.92 17.87 41.04
N ALA F 191 44.63 18.12 40.83
CA ALA F 191 44.10 18.23 39.49
C ALA F 191 43.45 19.61 39.28
N GLU F 192 43.37 20.06 38.03
CA GLU F 192 42.54 21.21 37.69
C GLU F 192 41.13 20.72 37.42
N VAL F 193 40.18 21.20 38.21
CA VAL F 193 38.81 20.73 38.17
C VAL F 193 37.87 21.70 37.45
N TRP F 194 37.14 21.17 36.47
CA TRP F 194 36.06 21.89 35.84
C TRP F 194 34.71 21.27 36.21
N LEU F 195 33.83 22.14 36.70
CA LEU F 195 32.46 21.78 37.04
C LEU F 195 31.62 22.26 35.87
N VAL F 196 31.00 21.32 35.19
CA VAL F 196 30.28 21.59 33.97
C VAL F 196 28.82 21.21 34.14
N ALA F 197 27.95 22.16 33.85
CA ALA F 197 26.53 21.89 33.78
C ALA F 197 26.16 22.01 32.32
N SER F 198 25.92 20.87 31.68
CA SER F 198 25.72 20.86 30.24
C SER F 198 24.28 21.12 29.85
N SER F 199 24.12 21.62 28.62
CA SER F 199 22.84 21.95 28.06
C SER F 199 22.28 20.77 27.27
N SER F 200 20.98 20.57 27.36
CA SER F 200 20.22 19.73 26.43
C SER F 200 20.55 18.22 26.39
N GLU F 201 20.79 17.57 27.52
CA GLU F 201 21.06 16.11 27.56
CA GLU F 201 21.07 16.14 27.49
C GLU F 201 19.84 15.25 27.26
N GLU F 202 18.66 15.73 27.63
CA GLU F 202 17.43 14.91 27.49
C GLU F 202 16.98 14.66 26.04
N VAL F 203 17.47 15.48 25.11
CA VAL F 203 17.11 15.35 23.70
C VAL F 203 18.17 14.60 22.86
N GLY F 204 19.28 14.25 23.50
CA GLY F 204 20.36 13.49 22.85
C GLY F 204 21.73 13.68 23.49
N LEU F 205 22.77 13.64 22.66
CA LEU F 205 24.16 13.73 23.12
C LEU F 205 24.69 15.17 23.00
N ARG F 206 23.82 16.13 23.35
CA ARG F 206 23.98 17.54 22.93
C ARG F 206 25.09 18.35 23.61
N GLY F 207 24.75 19.02 24.70
CA GLY F 207 25.68 19.88 25.42
C GLY F 207 26.88 19.15 25.98
N GLY F 208 26.71 17.85 26.23
CA GLY F 208 27.80 17.00 26.72
C GLY F 208 29.00 17.04 25.79
N GLN F 209 28.76 16.68 24.54
CA GLN F 209 29.72 16.74 23.43
C GLN F 209 30.45 18.09 23.36
N THR F 210 29.68 19.17 23.25
CA THR F 210 30.27 20.50 23.04
C THR F 210 31.05 21.03 24.25
N ALA F 211 30.49 20.84 25.45
CA ALA F 211 31.18 21.27 26.68
C ALA F 211 32.48 20.48 26.93
N THR F 212 32.46 19.19 26.63
CA THR F 212 33.68 18.38 26.75
C THR F 212 34.78 18.88 25.80
N ARG F 213 34.40 19.28 24.59
CA ARG F 213 35.38 19.82 23.65
C ARG F 213 35.94 21.14 24.16
N ALA F 214 35.08 21.99 24.71
CA ALA F 214 35.51 23.27 25.25
C ALA F 214 36.53 23.08 26.39
N VAL F 215 36.32 22.07 27.23
CA VAL F 215 37.20 21.80 28.37
C VAL F 215 38.43 20.94 28.02
N SER F 216 38.23 19.94 27.16
CA SER F 216 39.23 18.92 26.84
C SER F 216 39.86 18.29 28.09
N PRO F 217 39.06 17.55 28.89
CA PRO F 217 39.58 16.96 30.12
C PRO F 217 40.46 15.72 29.87
N ASP F 218 41.23 15.33 30.88
CA ASP F 218 41.98 14.09 30.84
C ASP F 218 41.16 12.94 31.42
N VAL F 219 40.23 13.27 32.31
CA VAL F 219 39.33 12.31 32.96
C VAL F 219 38.00 13.01 33.14
N ALA F 220 36.90 12.25 33.05
CA ALA F 220 35.56 12.82 33.27
C ALA F 220 34.71 11.95 34.17
N ILE F 221 33.99 12.60 35.08
CA ILE F 221 32.97 11.94 35.86
C ILE F 221 31.64 12.58 35.50
N VAL F 222 30.75 11.76 34.94
CA VAL F 222 29.43 12.19 34.55
C VAL F 222 28.49 11.80 35.69
N LEU F 223 27.77 12.79 36.21
CA LEU F 223 26.79 12.55 37.26
C LEU F 223 25.40 12.46 36.64
N ASP F 224 24.73 11.34 36.92
CA ASP F 224 23.36 11.16 36.45
C ASP F 224 22.67 10.23 37.44
N THR F 225 21.37 10.07 37.33
CA THR F 225 20.64 9.19 38.24
C THR F 225 19.82 8.17 37.45
N ALA F 226 19.28 7.19 38.17
CA ALA F 226 18.40 6.18 37.55
C ALA F 226 17.53 5.54 38.61
N CYS F 227 16.42 4.96 38.18
CA CYS F 227 15.56 4.20 39.08
C CYS F 227 15.32 2.81 38.53
N TRP F 228 14.93 1.90 39.43
CA TRP F 228 14.60 0.53 39.06
C TRP F 228 13.11 0.47 38.74
N ALA F 229 12.78 -0.15 37.61
CA ALA F 229 11.39 -0.24 37.13
C ALA F 229 10.42 -0.91 38.12
N LYS F 230 10.94 -1.87 38.89
CA LYS F 230 10.15 -2.59 39.89
C LYS F 230 10.47 -1.97 41.24
N ASN F 231 9.68 -0.95 41.58
CA ASN F 231 10.04 0.00 42.63
C ASN F 231 10.33 -0.60 44.01
N PHE F 232 9.49 -1.52 44.47
CA PHE F 232 9.64 -2.13 45.80
C PHE F 232 10.27 -3.53 45.77
N ASP F 233 10.99 -3.84 44.69
CA ASP F 233 11.80 -5.08 44.60
C ASP F 233 13.19 -4.78 45.17
N TYR F 234 13.42 -5.14 46.42
CA TYR F 234 14.71 -4.88 47.07
C TYR F 234 15.65 -6.08 46.99
N GLY F 235 15.34 -7.01 46.09
CA GLY F 235 16.18 -8.18 45.85
C GLY F 235 17.56 -7.83 45.31
N ALA F 236 18.35 -8.87 45.04
CA ALA F 236 19.73 -8.72 44.56
C ALA F 236 19.86 -8.08 43.16
N ALA F 237 18.82 -8.17 42.35
CA ALA F 237 18.85 -7.58 40.99
C ALA F 237 18.67 -6.05 41.00
N ASN F 238 18.07 -5.49 42.05
CA ASN F 238 17.92 -4.04 42.15
C ASN F 238 19.18 -3.36 42.74
N HIS F 239 20.01 -2.79 41.87
CA HIS F 239 21.22 -2.05 42.24
C HIS F 239 21.00 -0.54 42.16
N ARG F 240 19.74 -0.13 42.32
CA ARG F 240 19.35 1.27 42.32
C ARG F 240 18.44 1.52 43.53
N GLN F 241 18.81 0.94 44.66
CA GLN F 241 18.00 1.12 45.86
C GLN F 241 18.45 2.37 46.62
N ILE F 242 17.51 3.28 46.86
CA ILE F 242 17.81 4.47 47.65
C ILE F 242 18.17 4.04 49.08
N GLY F 243 19.21 4.66 49.63
CA GLY F 243 19.71 4.31 50.95
C GLY F 243 20.82 3.27 50.93
N ASN F 244 21.09 2.68 49.76
CA ASN F 244 22.16 1.67 49.63
C ASN F 244 23.47 2.24 49.07
N GLY F 245 23.57 3.56 48.98
CA GLY F 245 24.79 4.21 48.55
C GLY F 245 24.77 4.62 47.08
N PRO F 246 25.71 5.50 46.68
CA PRO F 246 25.80 5.99 45.31
C PRO F 246 25.93 4.83 44.33
N LEU F 248 27.53 3.19 40.98
CA LEU F 248 28.64 3.21 40.03
C LEU F 248 28.15 2.50 38.76
N VAL F 249 28.03 3.23 37.66
CA VAL F 249 27.48 2.64 36.42
C VAL F 249 28.58 1.92 35.61
N LEU F 250 28.49 0.60 35.54
CA LEU F 250 29.45 -0.23 34.80
C LEU F 250 29.22 -0.13 33.29
N SER F 251 27.97 0.07 32.90
CA SER F 251 27.63 0.14 31.49
C SER F 251 26.23 0.69 31.25
N ASP F 252 26.08 1.31 30.08
CA ASP F 252 24.78 1.71 29.55
C ASP F 252 24.89 1.57 28.03
N LYS F 253 23.85 1.99 27.32
CA LYS F 253 23.83 1.86 25.87
C LYS F 253 24.86 2.76 25.17
N SER F 254 25.20 3.87 25.82
CA SER F 254 26.21 4.82 25.31
C SER F 254 27.67 4.57 25.76
N LEU F 255 27.89 3.94 26.92
CA LEU F 255 29.25 3.77 27.49
C LEU F 255 29.49 2.47 28.29
N ILE F 256 30.60 1.77 28.02
CA ILE F 256 31.10 0.79 28.99
C ILE F 256 32.30 1.39 29.70
N ALA F 257 32.14 1.66 31.00
CA ALA F 257 33.19 2.27 31.81
C ALA F 257 34.49 1.44 31.82
N PRO F 258 35.65 2.12 31.91
CA PRO F 258 36.94 1.43 31.89
C PRO F 258 37.18 0.73 33.22
N PRO F 259 37.47 -0.58 33.19
CA PRO F 259 37.77 -1.39 34.38
C PRO F 259 38.83 -0.78 35.31
N LYS F 260 39.87 -0.16 34.76
CA LYS F 260 40.91 0.46 35.58
C LYS F 260 40.34 1.62 36.39
N LEU F 261 39.51 2.43 35.75
CA LEU F 261 38.87 3.54 36.41
C LEU F 261 37.84 3.08 37.47
N THR F 262 36.97 2.15 37.10
CA THR F 262 35.98 1.63 38.04
C THR F 262 36.68 0.98 39.25
N ALA F 263 37.74 0.21 39.02
CA ALA F 263 38.48 -0.44 40.11
C ALA F 263 39.07 0.58 41.06
N TRP F 264 39.59 1.69 40.53
CA TRP F 264 40.19 2.75 41.36
C TRP F 264 39.18 3.42 42.27
N ILE F 265 38.04 3.79 41.70
CA ILE F 265 36.95 4.42 42.43
C ILE F 265 36.41 3.52 43.54
N GLU F 266 36.23 2.24 43.23
CA GLU F 266 35.85 1.24 44.22
C GLU F 266 36.82 1.24 45.41
N THR F 267 38.12 1.27 45.13
CA THR F 267 39.13 1.26 46.21
C THR F 267 39.05 2.55 47.04
N VAL F 268 38.79 3.68 46.39
CA VAL F 268 38.60 4.95 47.11
C VAL F 268 37.35 4.91 48.01
N ALA F 269 36.24 4.43 47.47
CA ALA F 269 35.01 4.35 48.24
C ALA F 269 35.12 3.39 49.43
N ALA F 270 35.83 2.27 49.25
CA ALA F 270 36.08 1.32 50.33
C ALA F 270 36.98 1.93 51.42
N GLU F 271 37.95 2.75 51.02
CA GLU F 271 38.78 3.46 51.99
C GLU F 271 37.99 4.43 52.87
N ILE F 272 37.10 5.22 52.27
CA ILE F 272 36.35 6.25 53.02
C ILE F 272 35.01 5.71 53.56
N GLY F 273 34.72 4.45 53.26
CA GLY F 273 33.56 3.77 53.80
C GLY F 273 32.25 4.13 53.12
N VAL F 274 32.31 4.47 51.84
CA VAL F 274 31.11 4.74 51.06
C VAL F 274 30.71 3.47 50.28
N PRO F 275 29.54 2.88 50.61
CA PRO F 275 29.05 1.72 49.89
C PRO F 275 28.65 2.11 48.45
N LEU F 276 28.96 1.25 47.51
CA LEU F 276 28.61 1.50 46.12
C LEU F 276 27.64 0.44 45.59
N GLN F 277 26.74 0.85 44.70
CA GLN F 277 25.88 -0.09 43.99
C GLN F 277 26.36 -0.12 42.56
N ALA F 278 26.80 -1.28 42.08
CA ALA F 278 27.33 -1.40 40.71
C ALA F 278 26.18 -1.76 39.81
N ASP F 279 25.87 -0.86 38.88
CA ASP F 279 24.66 -0.96 38.08
C ASP F 279 24.95 -0.97 36.58
N PHE F 281 22.71 -0.37 32.79
CA PHE F 281 21.47 0.05 32.16
C PHE F 281 21.16 -0.87 30.99
N SER F 282 19.99 -1.48 31.04
CA SER F 282 19.51 -2.35 29.99
C SER F 282 18.96 -1.54 28.81
N ASN F 283 18.37 -0.39 29.12
CA ASN F 283 17.65 0.43 28.13
C ASN F 283 18.28 1.80 27.89
N GLY F 284 18.60 2.50 28.98
CA GLY F 284 19.00 3.91 28.92
C GLY F 284 20.38 4.23 28.38
N GLY F 285 20.61 5.52 28.12
CA GLY F 285 21.91 6.08 27.74
C GLY F 285 22.16 7.34 28.55
N THR F 286 23.40 7.84 28.51
CA THR F 286 23.77 9.02 29.30
C THR F 286 24.68 9.98 28.54
N ASP F 287 25.03 11.06 29.23
CA ASP F 287 26.09 11.99 28.83
C ASP F 287 27.39 11.23 28.61
N GLY F 288 27.51 10.06 29.24
CA GLY F 288 28.72 9.23 29.22
C GLY F 288 29.21 8.89 27.82
N GLY F 289 28.27 8.52 26.95
CA GLY F 289 28.57 8.13 25.59
C GLY F 289 29.22 9.23 24.77
N ALA F 290 28.55 10.37 24.70
CA ALA F 290 29.10 11.51 23.98
C ALA F 290 30.45 11.93 24.55
N VAL F 291 30.54 11.98 25.88
CA VAL F 291 31.74 12.49 26.54
C VAL F 291 32.99 11.68 26.18
N HIS F 292 32.94 10.37 26.39
CA HIS F 292 34.13 9.55 26.24
C HIS F 292 34.63 9.42 24.79
N LEU F 293 33.76 9.74 23.83
CA LEU F 293 34.11 9.64 22.41
C LEU F 293 34.59 10.97 21.84
N THR F 294 34.90 11.92 22.74
CA THR F 294 35.35 13.25 22.36
C THR F 294 36.86 13.24 22.03
N GLY F 295 37.23 13.96 20.98
CA GLY F 295 38.64 14.00 20.54
C GLY F 295 39.19 12.61 20.31
N THR F 296 40.30 12.28 20.95
CA THR F 296 40.90 10.95 20.82
C THR F 296 40.49 10.02 21.97
N GLY F 297 39.48 10.42 22.74
CA GLY F 297 38.92 9.56 23.77
C GLY F 297 39.24 10.03 25.16
N VAL F 298 38.24 10.00 26.04
CA VAL F 298 38.39 10.43 27.43
C VAL F 298 37.93 9.28 28.33
N PRO F 299 38.82 8.82 29.23
CA PRO F 299 38.40 7.91 30.30
C PRO F 299 37.24 8.52 31.11
N THR F 300 36.08 7.87 31.08
CA THR F 300 34.84 8.42 31.63
C THR F 300 34.04 7.38 32.39
N LEU F 301 33.45 7.80 33.50
CA LEU F 301 32.39 6.97 34.08
C LEU F 301 31.24 7.77 34.63
N VAL F 302 30.13 7.08 34.79
CA VAL F 302 28.88 7.69 35.20
C VAL F 302 28.65 7.20 36.62
N GLY F 304 26.14 8.32 40.37
CA GLY F 304 25.13 9.23 40.93
C GLY F 304 24.25 8.56 41.94
N PRO F 305 23.41 9.36 42.62
CA PRO F 305 22.50 8.76 43.59
C PRO F 305 21.33 8.12 42.85
N ALA F 306 20.85 6.98 43.37
CA ALA F 306 19.66 6.35 42.86
C ALA F 306 18.42 7.14 43.26
N THR F 307 17.37 7.01 42.48
CA THR F 307 16.08 7.60 42.80
C THR F 307 15.03 6.53 42.62
N ARG F 308 13.85 6.76 43.18
CA ARG F 308 12.69 5.97 42.84
C ARG F 308 11.85 6.81 41.88
N HIS F 309 11.29 6.15 40.86
CA HIS F 309 10.48 6.82 39.84
C HIS F 309 11.39 7.78 39.09
N GLY F 310 10.95 8.35 37.99
CA GLY F 310 11.87 9.18 37.20
C GLY F 310 11.15 9.58 35.96
N HIS F 311 11.52 10.72 35.39
CA HIS F 311 10.91 11.24 34.18
C HIS F 311 9.39 11.37 34.35
N CYS F 312 8.99 11.84 35.53
CA CYS F 312 7.59 12.06 35.84
C CYS F 312 7.43 13.21 36.82
N ALA F 313 6.21 13.39 37.35
CA ALA F 313 5.92 14.53 38.21
C ALA F 313 6.86 14.61 39.43
N ALA F 314 7.32 13.46 39.96
CA ALA F 314 8.18 13.43 41.15
C ALA F 314 9.04 12.16 41.22
N SER F 315 10.29 12.33 41.64
CA SER F 315 11.18 11.25 42.04
C SER F 315 11.42 11.34 43.54
N ILE F 316 11.98 10.28 44.13
CA ILE F 316 12.30 10.23 45.56
C ILE F 316 13.79 9.88 45.69
N ALA F 317 14.50 10.60 46.54
CA ALA F 317 15.90 10.31 46.80
C ALA F 317 16.16 10.26 48.30
N ASP F 318 17.26 9.61 48.65
CA ASP F 318 17.65 9.46 50.04
C ASP F 318 18.80 10.44 50.29
N CYS F 319 18.63 11.30 51.30
CA CYS F 319 19.66 12.30 51.60
C CYS F 319 21.04 11.73 51.91
N ARG F 320 21.10 10.62 52.62
CA ARG F 320 22.40 9.95 52.91
C ARG F 320 23.17 9.60 51.62
N ASP F 321 22.47 9.05 50.62
CA ASP F 321 23.07 8.75 49.31
C ASP F 321 23.69 10.01 48.72
N ILE F 322 22.98 11.12 48.83
CA ILE F 322 23.42 12.37 48.21
C ILE F 322 24.68 12.87 48.91
N LEU F 323 24.67 12.84 50.23
CA LEU F 323 25.82 13.23 51.04
C LEU F 323 27.03 12.32 50.81
N GLN F 324 26.79 11.02 50.62
CA GLN F 324 27.88 10.09 50.36
C GLN F 324 28.50 10.29 48.97
N GLU F 326 28.63 13.24 47.41
CA GLU F 326 29.39 14.44 47.70
C GLU F 326 30.76 14.12 48.31
N GLN F 327 30.77 13.25 49.30
CA GLN F 327 31.99 12.81 49.96
C GLN F 327 32.93 12.02 49.02
N LEU F 328 32.36 11.09 48.26
CA LEU F 328 33.15 10.33 47.30
C LEU F 328 33.74 11.22 46.21
N LEU F 329 32.97 12.19 45.70
CA LEU F 329 33.49 13.13 44.69
C LEU F 329 34.66 13.98 45.20
N SER F 330 34.49 14.56 46.38
CA SER F 330 35.55 15.30 47.04
C SER F 330 36.83 14.44 47.23
N ALA F 331 36.66 13.21 47.71
CA ALA F 331 37.80 12.31 47.94
C ALA F 331 38.49 11.89 46.64
N LEU F 332 37.72 11.61 45.59
CA LEU F 332 38.30 11.27 44.28
C LEU F 332 39.14 12.42 43.73
N ILE F 333 38.63 13.63 43.89
CA ILE F 333 39.28 14.84 43.38
C ILE F 333 40.61 15.08 44.09
N GLN F 334 40.62 14.88 45.40
CA GLN F 334 41.84 15.08 46.21
C GLN F 334 42.91 14.01 45.94
N ARG F 335 42.55 12.94 45.23
CA ARG F 335 43.48 11.85 44.93
C ARG F 335 43.85 11.77 43.45
N LEU F 336 43.31 12.65 42.63
CA LEU F 336 43.49 12.50 41.18
C LEU F 336 44.79 13.16 40.70
N THR F 337 45.91 12.53 41.02
CA THR F 337 47.23 13.04 40.66
C THR F 337 47.57 12.71 39.21
N ARG F 338 48.54 13.46 38.66
CA ARG F 338 49.07 13.21 37.34
C ARG F 338 49.47 11.76 37.18
N GLU F 339 50.18 11.23 38.18
CA GLU F 339 50.63 9.83 38.14
C GLU F 339 49.47 8.85 38.17
N THR F 340 48.44 9.15 38.96
CA THR F 340 47.23 8.33 39.00
C THR F 340 46.53 8.26 37.65
N VAL F 341 46.28 9.41 37.03
CA VAL F 341 45.60 9.39 35.73
C VAL F 341 46.43 8.74 34.61
N VAL F 342 47.76 8.85 34.70
CA VAL F 342 48.65 8.14 33.75
C VAL F 342 48.53 6.63 33.93
N GLN F 343 48.50 6.20 35.19
CA GLN F 343 48.44 4.79 35.55
C GLN F 343 47.11 4.16 35.15
N LEU F 344 46.03 4.92 35.27
CA LEU F 344 44.70 4.43 34.92
C LEU F 344 44.45 4.41 33.40
N THR F 345 45.38 4.96 32.61
CA THR F 345 45.26 4.96 31.12
C THR F 345 46.44 4.31 30.35
N ASP F 346 47.21 3.46 31.02
CA ASP F 346 48.35 2.80 30.37
C ASP F 346 47.90 1.45 29.83
N PHE F 347 47.93 1.30 28.50
CA PHE F 347 47.43 0.09 27.83
C PHE F 347 48.52 -0.91 27.46
N ARG F 348 49.78 -0.58 27.79
CA ARG F 348 50.93 -1.47 27.60
C ARG F 348 50.80 -2.73 28.46
#